data_2MC3
#
_entry.id   2MC3
#
_entity_poly.entity_id   1
_entity_poly.type   'polypeptide(L)'
_entity_poly.pdbx_seq_one_letter_code
;GPTMGSGSYWPARHSGARVILLVLYREHLNPNGHHFLTKEELLQRCAQKSPRVAPGSAPPWPALRSLLHRNLVLRTHQPA
RYSLTPEGLELAQKLAESEGLSLLNVGIG
;
_entity_poly.pdbx_strand_id   A
#
# COMPACT_ATOMS: atom_id res chain seq x y z
N GLY A 7 0.07 14.81 -9.51
CA GLY A 7 -0.97 15.63 -10.20
C GLY A 7 -1.68 16.58 -9.26
N SER A 8 -2.47 16.03 -8.35
CA SER A 8 -3.21 16.83 -7.38
C SER A 8 -2.89 16.41 -5.95
N TYR A 9 -3.23 15.16 -5.63
CA TYR A 9 -2.97 14.63 -4.29
C TYR A 9 -1.66 13.85 -4.26
N TRP A 10 -0.72 14.31 -3.42
CA TRP A 10 0.57 13.66 -3.31
C TRP A 10 1.04 13.63 -1.85
N PRO A 11 0.88 12.49 -1.17
CA PRO A 11 1.29 12.34 0.24
C PRO A 11 2.78 12.58 0.43
N ALA A 12 3.23 12.56 1.69
CA ALA A 12 4.63 12.78 2.00
C ALA A 12 5.47 11.55 1.67
N ARG A 13 6.75 11.59 2.00
CA ARG A 13 7.66 10.48 1.74
C ARG A 13 7.45 9.36 2.77
N HIS A 14 7.19 8.15 2.27
CA HIS A 14 6.97 7.00 3.14
C HIS A 14 5.89 7.29 4.18
N SER A 15 5.01 8.23 3.86
CA SER A 15 3.93 8.60 4.77
C SER A 15 2.96 7.44 4.95
N GLY A 16 1.89 7.69 5.70
CA GLY A 16 0.90 6.64 5.94
C GLY A 16 0.10 6.29 4.70
N ALA A 17 -0.61 7.28 4.16
CA ALA A 17 -1.44 7.06 2.98
C ALA A 17 -0.60 6.58 1.79
N ARG A 18 0.66 7.01 1.74
CA ARG A 18 1.54 6.62 0.65
C ARG A 18 1.95 5.16 0.77
N VAL A 19 2.52 4.83 1.92
CA VAL A 19 2.99 3.48 2.17
C VAL A 19 1.89 2.44 1.97
N ILE A 20 0.64 2.80 2.27
CA ILE A 20 -0.45 1.86 2.13
C ILE A 20 -0.86 1.62 0.67
N LEU A 21 -1.13 2.68 -0.08
CA LEU A 21 -1.55 2.49 -1.48
C LEU A 21 -0.47 1.79 -2.29
N LEU A 22 0.78 2.06 -1.98
CA LEU A 22 1.89 1.46 -2.70
C LEU A 22 2.03 -0.02 -2.36
N VAL A 23 1.86 -0.33 -1.08
CA VAL A 23 1.97 -1.69 -0.62
C VAL A 23 0.81 -2.54 -1.13
N LEU A 24 -0.37 -1.93 -1.24
CA LEU A 24 -1.53 -2.62 -1.78
C LEU A 24 -1.33 -2.84 -3.27
N TYR A 25 -0.55 -1.93 -3.86
CA TYR A 25 -0.25 -1.97 -5.29
C TYR A 25 0.37 -3.29 -5.71
N ARG A 26 1.51 -3.64 -5.11
CA ARG A 26 2.21 -4.86 -5.49
C ARG A 26 1.30 -6.08 -5.42
N GLU A 27 0.65 -6.30 -4.27
CA GLU A 27 -0.24 -7.46 -4.14
C GLU A 27 -1.37 -7.36 -5.15
N HIS A 28 -1.73 -6.14 -5.50
CA HIS A 28 -2.79 -5.94 -6.48
C HIS A 28 -2.34 -6.46 -7.84
N LEU A 29 -1.06 -6.27 -8.12
CA LEU A 29 -0.50 -6.74 -9.38
C LEU A 29 -0.27 -8.25 -9.33
N ASN A 30 -0.78 -8.86 -8.27
CA ASN A 30 -0.64 -10.31 -8.10
C ASN A 30 -1.95 -11.04 -8.41
N PRO A 31 -2.08 -11.59 -9.64
CA PRO A 31 -3.28 -12.32 -10.05
C PRO A 31 -3.44 -13.62 -9.25
N ASN A 32 -2.31 -14.25 -8.95
CA ASN A 32 -2.33 -15.50 -8.21
C ASN A 32 -2.07 -15.24 -6.72
N GLY A 33 -2.23 -13.99 -6.31
CA GLY A 33 -2.01 -13.65 -4.92
C GLY A 33 -3.06 -12.70 -4.39
N HIS A 34 -4.21 -12.66 -5.07
CA HIS A 34 -5.32 -11.79 -4.68
C HIS A 34 -4.94 -10.32 -4.84
N HIS A 35 -5.86 -9.53 -5.39
CA HIS A 35 -5.62 -8.11 -5.59
C HIS A 35 -5.97 -7.31 -4.34
N PHE A 36 -5.47 -7.77 -3.20
CA PHE A 36 -5.73 -7.11 -1.92
C PHE A 36 -4.95 -7.73 -0.77
N LEU A 37 -5.09 -7.13 0.41
CA LEU A 37 -4.41 -7.62 1.60
C LEU A 37 -5.18 -7.23 2.86
N THR A 38 -5.03 -8.03 3.90
CA THR A 38 -5.71 -7.76 5.17
C THR A 38 -4.86 -6.82 6.01
N LYS A 39 -5.50 -6.09 6.93
CA LYS A 39 -4.77 -5.15 7.77
C LYS A 39 -3.60 -5.82 8.48
N GLU A 40 -3.77 -7.10 8.80
CA GLU A 40 -2.71 -7.85 9.47
C GLU A 40 -1.56 -8.15 8.52
N GLU A 41 -1.87 -8.45 7.27
CA GLU A 41 -0.84 -8.75 6.28
C GLU A 41 -0.09 -7.49 5.88
N LEU A 42 -0.80 -6.37 5.85
CA LEU A 42 -0.18 -5.10 5.46
C LEU A 42 1.00 -4.77 6.37
N LEU A 43 0.76 -4.86 7.67
CA LEU A 43 1.78 -4.58 8.67
C LEU A 43 3.07 -5.36 8.38
N GLN A 44 2.90 -6.56 7.84
CA GLN A 44 4.05 -7.39 7.50
C GLN A 44 4.73 -6.86 6.25
N ARG A 45 3.90 -6.43 5.31
CA ARG A 45 4.37 -5.89 4.05
C ARG A 45 5.26 -4.66 4.26
N CYS A 46 4.83 -3.78 5.15
CA CYS A 46 5.58 -2.56 5.44
C CYS A 46 7.03 -2.88 5.84
N ALA A 47 7.23 -4.03 6.46
CA ALA A 47 8.57 -4.44 6.87
C ALA A 47 9.56 -4.32 5.71
N GLN A 48 9.07 -4.61 4.50
CA GLN A 48 9.93 -4.53 3.32
C GLN A 48 9.83 -3.15 2.68
N LYS A 49 8.70 -2.49 2.94
CA LYS A 49 8.43 -1.15 2.44
C LYS A 49 9.61 -0.23 2.74
N SER A 50 10.37 -0.58 3.78
CA SER A 50 11.54 0.20 4.19
C SER A 50 12.26 -0.52 5.32
N PRO A 51 13.60 -0.65 5.24
CA PRO A 51 14.39 -1.32 6.28
C PRO A 51 14.47 -0.51 7.56
N ARG A 52 14.83 0.77 7.41
CA ARG A 52 14.94 1.66 8.57
C ARG A 52 13.79 1.49 9.56
N VAL A 53 12.65 1.02 9.09
CA VAL A 53 11.49 0.82 9.98
C VAL A 53 11.88 -0.03 11.18
N ALA A 54 11.40 0.35 12.36
CA ALA A 54 11.71 -0.38 13.57
C ALA A 54 10.54 -1.29 13.98
N PRO A 55 10.83 -2.41 14.66
CA PRO A 55 9.80 -3.36 15.10
C PRO A 55 8.76 -2.69 15.99
N GLY A 56 9.22 -1.89 16.94
CA GLY A 56 8.31 -1.21 17.84
C GLY A 56 7.80 0.10 17.27
N SER A 57 7.91 0.26 15.96
CA SER A 57 7.46 1.47 15.28
C SER A 57 6.30 1.17 14.33
N ALA A 58 5.12 1.68 14.67
CA ALA A 58 3.94 1.47 13.85
C ALA A 58 3.25 2.80 13.52
N PRO A 59 3.63 3.43 12.40
CA PRO A 59 3.05 4.71 11.98
C PRO A 59 1.53 4.64 11.85
N PRO A 60 0.84 5.79 11.91
CA PRO A 60 -0.62 5.85 11.81
C PRO A 60 -1.12 5.21 10.51
N TRP A 61 -1.71 4.02 10.64
CA TRP A 61 -2.23 3.31 9.48
C TRP A 61 -3.75 3.47 9.32
N PRO A 62 -4.52 3.64 10.42
CA PRO A 62 -5.97 3.80 10.34
C PRO A 62 -6.38 4.83 9.28
N ALA A 63 -5.40 5.63 8.84
CA ALA A 63 -5.64 6.65 7.83
C ALA A 63 -6.27 6.04 6.57
N LEU A 64 -5.94 4.79 6.29
CA LEU A 64 -6.47 4.10 5.13
C LEU A 64 -7.99 4.17 5.11
N ARG A 65 -8.60 4.17 6.29
CA ARG A 65 -10.05 4.26 6.37
C ARG A 65 -10.52 5.54 5.69
N SER A 66 -9.83 6.63 5.97
CA SER A 66 -10.15 7.91 5.37
C SER A 66 -9.94 7.84 3.85
N LEU A 67 -8.99 7.02 3.43
CA LEU A 67 -8.70 6.87 2.02
C LEU A 67 -9.86 6.19 1.30
N LEU A 68 -10.52 5.26 1.98
CA LEU A 68 -11.66 4.57 1.40
C LEU A 68 -12.68 5.62 0.94
N HIS A 69 -12.75 6.70 1.70
CA HIS A 69 -13.65 7.80 1.40
C HIS A 69 -13.21 8.53 0.15
N ARG A 70 -11.90 8.68 -0.02
CA ARG A 70 -11.36 9.35 -1.19
C ARG A 70 -11.45 8.45 -2.40
N ASN A 71 -11.90 7.22 -2.17
CA ASN A 71 -12.06 6.23 -3.23
C ASN A 71 -10.72 5.78 -3.80
N LEU A 72 -9.67 5.83 -2.99
CA LEU A 72 -8.35 5.39 -3.44
C LEU A 72 -8.15 3.93 -3.04
N VAL A 73 -8.77 3.56 -1.93
CA VAL A 73 -8.70 2.19 -1.44
C VAL A 73 -10.10 1.60 -1.43
N LEU A 74 -10.20 0.30 -1.18
CA LEU A 74 -11.50 -0.36 -1.16
C LEU A 74 -11.60 -1.32 0.02
N ARG A 75 -12.57 -1.07 0.89
CA ARG A 75 -12.79 -1.92 2.07
C ARG A 75 -13.68 -3.10 1.72
N THR A 76 -13.51 -4.21 2.45
CA THR A 76 -14.29 -5.40 2.17
C THR A 76 -14.96 -6.00 3.41
N HIS A 77 -15.59 -7.15 3.19
CA HIS A 77 -16.35 -7.94 4.17
C HIS A 77 -15.92 -7.80 5.63
N GLN A 78 -14.66 -7.48 5.91
CA GLN A 78 -14.20 -7.38 7.30
C GLN A 78 -14.07 -8.78 7.91
N PRO A 79 -12.87 -9.46 7.82
CA PRO A 79 -11.63 -8.96 7.22
C PRO A 79 -11.82 -7.98 6.07
N ALA A 80 -11.58 -6.71 6.38
CA ALA A 80 -11.75 -5.64 5.40
C ALA A 80 -10.64 -5.63 4.38
N ARG A 81 -10.78 -6.44 3.34
CA ARG A 81 -9.77 -6.50 2.31
C ARG A 81 -9.65 -5.13 1.65
N TYR A 82 -8.42 -4.65 1.53
CA TYR A 82 -8.23 -3.35 0.90
C TYR A 82 -7.71 -3.50 -0.52
N SER A 83 -8.22 -2.66 -1.42
CA SER A 83 -7.81 -2.75 -2.80
C SER A 83 -7.59 -1.36 -3.41
N LEU A 84 -6.69 -1.29 -4.38
CA LEU A 84 -6.39 -0.03 -5.05
C LEU A 84 -7.42 0.31 -6.12
N THR A 85 -7.99 1.50 -6.05
CA THR A 85 -8.96 1.95 -7.03
C THR A 85 -8.22 2.72 -8.13
N PRO A 86 -8.92 3.24 -9.17
CA PRO A 86 -8.26 3.99 -10.25
C PRO A 86 -7.23 4.99 -9.75
N GLU A 87 -7.63 5.84 -8.82
CA GLU A 87 -6.73 6.85 -8.29
C GLU A 87 -5.58 6.21 -7.50
N GLY A 88 -5.90 5.32 -6.58
CA GLY A 88 -4.87 4.67 -5.80
C GLY A 88 -3.89 3.91 -6.68
N LEU A 89 -4.39 3.43 -7.81
CA LEU A 89 -3.55 2.69 -8.75
C LEU A 89 -2.56 3.64 -9.41
N GLU A 90 -3.08 4.73 -9.94
CA GLU A 90 -2.25 5.73 -10.61
C GLU A 90 -1.16 6.22 -9.67
N LEU A 91 -1.58 6.73 -8.53
CA LEU A 91 -0.63 7.24 -7.55
C LEU A 91 0.36 6.16 -7.17
N ALA A 92 -0.15 4.97 -6.88
CA ALA A 92 0.71 3.85 -6.48
C ALA A 92 1.83 3.63 -7.50
N GLN A 93 1.49 3.66 -8.77
CA GLN A 93 2.49 3.48 -9.82
C GLN A 93 3.60 4.51 -9.65
N LYS A 94 3.19 5.70 -9.22
CA LYS A 94 4.13 6.78 -8.99
C LYS A 94 4.99 6.50 -7.76
N LEU A 95 4.33 6.20 -6.65
CA LEU A 95 5.01 5.89 -5.40
C LEU A 95 5.99 4.73 -5.61
N ALA A 96 5.67 3.91 -6.61
CA ALA A 96 6.49 2.76 -6.94
C ALA A 96 7.79 3.15 -7.61
N GLU A 97 7.74 4.24 -8.39
CA GLU A 97 8.92 4.71 -9.09
C GLU A 97 10.05 4.97 -8.10
N SER A 98 9.69 5.56 -6.97
CA SER A 98 10.66 5.87 -5.93
C SER A 98 11.35 4.61 -5.41
N GLU A 99 10.60 3.50 -5.34
CA GLU A 99 11.17 2.25 -4.87
C GLU A 99 11.77 1.46 -6.02
N GLY A 100 11.75 2.06 -7.21
CA GLY A 100 12.27 1.36 -8.37
C GLY A 100 11.28 0.32 -8.84
N LEU A 101 10.15 0.26 -8.14
CA LEU A 101 9.08 -0.68 -8.45
C LEU A 101 9.53 -2.11 -8.24
N SER A 102 10.50 -2.29 -7.34
CA SER A 102 11.03 -3.61 -7.02
C SER A 102 10.40 -4.15 -5.75
N LEU A 103 9.16 -3.72 -5.47
CA LEU A 103 8.46 -4.17 -4.27
C LEU A 103 7.99 -5.61 -4.42
N LEU A 104 7.00 -5.82 -5.28
CA LEU A 104 6.47 -7.16 -5.51
C LEU A 104 7.60 -8.18 -5.68
N ASN A 105 8.50 -7.90 -6.62
CA ASN A 105 9.63 -8.78 -6.87
C ASN A 105 10.92 -8.20 -6.31
N VAL A 106 11.48 -8.86 -5.29
CA VAL A 106 12.70 -8.39 -4.66
C VAL A 106 13.67 -9.55 -4.43
N GLY A 107 14.96 -9.27 -4.60
CA GLY A 107 15.97 -10.30 -4.41
C GLY A 107 17.37 -9.73 -4.33
N ILE A 108 17.48 -8.52 -3.78
CA ILE A 108 18.78 -7.86 -3.63
C ILE A 108 19.44 -8.22 -2.31
N GLY A 109 20.73 -8.53 -2.37
CA GLY A 109 21.46 -8.89 -1.16
C GLY A 109 22.66 -9.76 -1.45
N GLY A 7 -6.86 19.58 -6.93
CA GLY A 7 -5.51 19.95 -7.41
C GLY A 7 -4.49 18.85 -7.18
N SER A 8 -4.71 17.70 -7.82
CA SER A 8 -3.82 16.56 -7.68
C SER A 8 -3.70 16.11 -6.23
N TYR A 9 -2.86 15.12 -5.98
CA TYR A 9 -2.65 14.60 -4.63
C TYR A 9 -1.33 13.86 -4.53
N TRP A 10 -0.54 14.20 -3.50
CA TRP A 10 0.75 13.55 -3.31
C TRP A 10 1.10 13.50 -1.82
N PRO A 11 0.98 12.31 -1.18
CA PRO A 11 1.29 12.14 0.24
C PRO A 11 2.73 12.53 0.57
N ALA A 12 3.08 12.42 1.85
CA ALA A 12 4.43 12.75 2.29
C ALA A 12 5.39 11.59 2.10
N ARG A 13 6.60 11.72 2.62
CA ARG A 13 7.61 10.67 2.50
C ARG A 13 7.34 9.54 3.48
N HIS A 14 7.18 8.32 2.94
CA HIS A 14 6.91 7.14 3.77
C HIS A 14 5.67 7.36 4.63
N SER A 15 4.84 8.32 4.24
CA SER A 15 3.62 8.62 4.98
C SER A 15 2.70 7.42 5.03
N GLY A 16 1.72 7.46 5.92
CA GLY A 16 0.78 6.35 6.06
C GLY A 16 0.06 6.03 4.77
N ALA A 17 -0.68 7.01 4.24
CA ALA A 17 -1.43 6.82 3.00
C ALA A 17 -0.53 6.38 1.86
N ARG A 18 0.73 6.79 1.90
CA ARG A 18 1.68 6.41 0.85
C ARG A 18 2.06 4.95 0.95
N VAL A 19 2.56 4.58 2.13
CA VAL A 19 3.00 3.22 2.37
C VAL A 19 1.89 2.21 2.10
N ILE A 20 0.64 2.59 2.34
CA ILE A 20 -0.47 1.67 2.12
C ILE A 20 -0.79 1.46 0.63
N LEU A 21 -0.99 2.55 -0.11
CA LEU A 21 -1.32 2.39 -1.53
C LEU A 21 -0.20 1.69 -2.29
N LEU A 22 1.04 1.92 -1.87
CA LEU A 22 2.18 1.32 -2.54
C LEU A 22 2.27 -0.17 -2.21
N VAL A 23 2.11 -0.47 -0.93
CA VAL A 23 2.17 -1.84 -0.46
C VAL A 23 1.02 -2.66 -1.06
N LEU A 24 -0.16 -2.07 -1.13
CA LEU A 24 -1.31 -2.74 -1.73
C LEU A 24 -1.07 -2.92 -3.21
N TYR A 25 -0.27 -2.01 -3.77
CA TYR A 25 0.03 -2.05 -5.20
C TYR A 25 0.63 -3.37 -5.63
N ARG A 26 1.79 -3.72 -5.09
CA ARG A 26 2.43 -4.97 -5.47
C ARG A 26 1.52 -6.16 -5.20
N GLU A 27 0.98 -6.23 -3.99
CA GLU A 27 0.09 -7.33 -3.68
C GLU A 27 -1.10 -7.36 -4.65
N HIS A 28 -1.47 -6.19 -5.14
CA HIS A 28 -2.60 -6.11 -6.08
C HIS A 28 -2.19 -6.65 -7.45
N LEU A 29 -0.97 -6.33 -7.87
CA LEU A 29 -0.48 -6.78 -9.17
C LEU A 29 -0.37 -8.30 -9.21
N ASN A 30 -0.58 -8.93 -8.06
CA ASN A 30 -0.50 -10.39 -7.97
C ASN A 30 -1.47 -11.06 -8.94
N PRO A 31 -0.94 -11.69 -10.01
CA PRO A 31 -1.77 -12.39 -11.00
C PRO A 31 -2.63 -13.48 -10.40
N ASN A 32 -2.10 -14.13 -9.37
CA ASN A 32 -2.85 -15.22 -8.73
C ASN A 32 -3.02 -14.95 -7.24
N GLY A 33 -2.68 -13.75 -6.81
CA GLY A 33 -2.80 -13.39 -5.41
C GLY A 33 -4.25 -13.25 -4.99
N HIS A 34 -4.58 -12.10 -4.39
CA HIS A 34 -5.94 -11.85 -3.93
C HIS A 34 -6.37 -10.43 -4.28
N HIS A 35 -5.41 -9.61 -4.68
CA HIS A 35 -5.67 -8.22 -5.05
C HIS A 35 -6.07 -7.40 -3.82
N PHE A 36 -5.76 -7.93 -2.64
CA PHE A 36 -6.09 -7.25 -1.38
C PHE A 36 -5.29 -7.82 -0.20
N LEU A 37 -5.43 -7.18 0.95
CA LEU A 37 -4.74 -7.61 2.16
C LEU A 37 -5.50 -7.20 3.41
N THR A 38 -5.23 -7.88 4.52
CA THR A 38 -5.87 -7.58 5.79
C THR A 38 -4.94 -6.75 6.66
N LYS A 39 -5.51 -6.00 7.61
CA LYS A 39 -4.68 -5.16 8.48
C LYS A 39 -3.55 -5.96 9.11
N GLU A 40 -3.73 -7.26 9.22
CA GLU A 40 -2.70 -8.12 9.79
C GLU A 40 -1.60 -8.42 8.78
N GLU A 41 -2.00 -8.74 7.56
CA GLU A 41 -1.03 -9.04 6.50
C GLU A 41 -0.34 -7.77 6.04
N LEU A 42 -1.04 -6.66 6.17
CA LEU A 42 -0.53 -5.36 5.76
C LEU A 42 0.69 -4.96 6.57
N LEU A 43 0.54 -5.02 7.89
CA LEU A 43 1.63 -4.66 8.81
C LEU A 43 2.93 -5.33 8.41
N GLN A 44 2.87 -6.61 8.06
CA GLN A 44 4.06 -7.35 7.64
C GLN A 44 4.47 -6.94 6.23
N ARG A 45 3.47 -6.68 5.39
CA ARG A 45 3.72 -6.27 4.02
C ARG A 45 4.52 -4.97 3.94
N CYS A 46 4.02 -3.95 4.63
CA CYS A 46 4.68 -2.65 4.66
C CYS A 46 6.13 -2.78 5.13
N ALA A 47 6.39 -3.78 5.98
CA ALA A 47 7.72 -4.01 6.49
C ALA A 47 8.73 -4.29 5.37
N GLN A 48 8.25 -4.30 4.12
CA GLN A 48 9.16 -4.54 3.01
C GLN A 48 9.53 -3.21 2.37
N LYS A 49 8.68 -2.21 2.60
CA LYS A 49 8.90 -0.86 2.07
C LYS A 49 10.30 -0.39 2.38
N SER A 50 10.81 -0.83 3.53
CA SER A 50 12.15 -0.47 3.97
C SER A 50 12.69 -1.54 4.92
N PRO A 51 13.90 -2.08 4.64
CA PRO A 51 14.51 -3.11 5.50
C PRO A 51 14.49 -2.73 6.98
N ARG A 52 15.11 -1.60 7.29
CA ARG A 52 15.16 -1.12 8.67
C ARG A 52 14.25 0.10 8.86
N VAL A 53 13.02 -0.14 9.26
CA VAL A 53 12.06 0.94 9.48
C VAL A 53 12.18 1.51 10.88
N ALA A 54 13.12 0.96 11.65
CA ALA A 54 13.36 1.41 13.02
C ALA A 54 12.16 1.10 13.92
N PRO A 55 12.35 0.27 14.96
CA PRO A 55 11.27 -0.10 15.89
C PRO A 55 10.59 1.12 16.50
N GLY A 56 9.31 0.98 16.86
CA GLY A 56 8.58 2.08 17.45
C GLY A 56 7.98 2.99 16.41
N SER A 57 8.69 3.20 15.31
CA SER A 57 8.22 4.05 14.23
C SER A 57 7.18 3.33 13.38
N ALA A 58 5.92 3.73 13.53
CA ALA A 58 4.82 3.12 12.78
C ALA A 58 3.76 4.16 12.41
N PRO A 59 3.79 4.66 11.15
CA PRO A 59 2.82 5.66 10.69
C PRO A 59 1.38 5.22 10.90
N PRO A 60 0.45 6.17 11.08
CA PRO A 60 -0.96 5.87 11.28
C PRO A 60 -1.60 5.19 10.08
N TRP A 61 -2.05 3.94 10.27
CA TRP A 61 -2.68 3.19 9.19
C TRP A 61 -4.20 3.38 9.16
N PRO A 62 -4.86 3.68 10.30
CA PRO A 62 -6.32 3.89 10.32
C PRO A 62 -6.77 4.83 9.20
N ALA A 63 -5.82 5.51 8.58
CA ALA A 63 -6.10 6.44 7.49
C ALA A 63 -6.85 5.74 6.36
N LEU A 64 -6.81 4.40 6.36
CA LEU A 64 -7.50 3.62 5.34
C LEU A 64 -8.94 4.09 5.18
N ARG A 65 -9.64 4.20 6.30
CA ARG A 65 -11.04 4.64 6.28
C ARG A 65 -11.15 5.98 5.56
N SER A 66 -10.13 6.83 5.73
CA SER A 66 -10.12 8.13 5.10
C SER A 66 -9.86 8.00 3.60
N LEU A 67 -9.03 7.04 3.22
CA LEU A 67 -8.70 6.84 1.80
C LEU A 67 -9.85 6.18 1.05
N LEU A 68 -10.53 5.24 1.69
CA LEU A 68 -11.66 4.57 1.07
C LEU A 68 -12.65 5.63 0.59
N HIS A 69 -12.77 6.68 1.39
CA HIS A 69 -13.66 7.79 1.08
C HIS A 69 -13.21 8.50 -0.19
N ARG A 70 -11.89 8.59 -0.38
CA ARG A 70 -11.35 9.24 -1.56
C ARG A 70 -11.40 8.30 -2.75
N ASN A 71 -11.85 7.07 -2.51
CA ASN A 71 -11.97 6.05 -3.56
C ASN A 71 -10.61 5.61 -4.08
N LEU A 72 -9.57 5.74 -3.26
CA LEU A 72 -8.23 5.32 -3.67
C LEU A 72 -8.00 3.88 -3.26
N VAL A 73 -8.74 3.46 -2.24
CA VAL A 73 -8.66 2.10 -1.72
C VAL A 73 -10.05 1.48 -1.68
N LEU A 74 -10.12 0.18 -1.41
CA LEU A 74 -11.40 -0.51 -1.34
C LEU A 74 -11.55 -1.26 -0.03
N ARG A 75 -12.71 -1.16 0.60
CA ARG A 75 -12.96 -1.84 1.86
C ARG A 75 -13.77 -3.11 1.64
N THR A 76 -13.59 -4.09 2.53
CA THR A 76 -14.31 -5.35 2.39
C THR A 76 -14.90 -5.83 3.71
N HIS A 77 -15.52 -7.01 3.64
CA HIS A 77 -16.20 -7.63 4.77
C HIS A 77 -15.56 -7.42 6.16
N GLN A 78 -14.30 -7.86 6.32
CA GLN A 78 -13.67 -7.70 7.63
C GLN A 78 -12.30 -8.42 7.69
N PRO A 79 -11.28 -7.83 8.36
CA PRO A 79 -11.38 -6.52 9.02
C PRO A 79 -11.72 -5.43 8.03
N ALA A 80 -11.62 -5.82 6.76
CA ALA A 80 -11.90 -4.98 5.60
C ALA A 80 -10.77 -5.12 4.60
N ARG A 81 -10.90 -6.07 3.69
CA ARG A 81 -9.86 -6.28 2.68
C ARG A 81 -9.68 -5.01 1.87
N TYR A 82 -8.43 -4.57 1.73
CA TYR A 82 -8.16 -3.34 0.98
C TYR A 82 -7.55 -3.62 -0.38
N SER A 83 -7.96 -2.83 -1.35
CA SER A 83 -7.45 -2.97 -2.72
C SER A 83 -7.35 -1.61 -3.41
N LEU A 84 -6.33 -1.46 -4.23
CA LEU A 84 -6.10 -0.21 -4.96
C LEU A 84 -7.16 0.03 -6.02
N THR A 85 -7.79 1.21 -5.96
CA THR A 85 -8.78 1.57 -6.97
C THR A 85 -8.07 2.32 -8.10
N PRO A 86 -8.78 2.76 -9.16
CA PRO A 86 -8.14 3.47 -10.28
C PRO A 86 -7.15 4.54 -9.84
N GLU A 87 -7.56 5.40 -8.91
CA GLU A 87 -6.68 6.46 -8.43
C GLU A 87 -5.51 5.89 -7.63
N GLY A 88 -5.79 5.02 -6.68
CA GLY A 88 -4.72 4.45 -5.89
C GLY A 88 -3.73 3.67 -6.74
N LEU A 89 -4.23 3.12 -7.84
CA LEU A 89 -3.40 2.37 -8.76
C LEU A 89 -2.41 3.30 -9.45
N GLU A 90 -2.95 4.38 -10.00
CA GLU A 90 -2.11 5.35 -10.70
C GLU A 90 -1.09 5.96 -9.74
N LEU A 91 -1.60 6.44 -8.61
CA LEU A 91 -0.73 7.04 -7.62
C LEU A 91 0.33 6.05 -7.15
N ALA A 92 -0.11 4.83 -6.86
CA ALA A 92 0.82 3.80 -6.41
C ALA A 92 1.98 3.63 -7.37
N GLN A 93 1.68 3.62 -8.67
CA GLN A 93 2.73 3.50 -9.68
C GLN A 93 3.74 4.62 -9.47
N LYS A 94 3.23 5.78 -9.07
CA LYS A 94 4.08 6.94 -8.82
C LYS A 94 4.92 6.73 -7.57
N LEU A 95 4.26 6.35 -6.48
CA LEU A 95 4.96 6.10 -5.23
C LEU A 95 6.01 5.03 -5.42
N ALA A 96 5.79 4.20 -6.44
CA ALA A 96 6.70 3.12 -6.76
C ALA A 96 7.96 3.63 -7.46
N GLU A 97 7.82 4.73 -8.19
CA GLU A 97 8.94 5.32 -8.91
C GLU A 97 10.09 5.58 -7.96
N SER A 98 9.74 6.11 -6.79
CA SER A 98 10.72 6.42 -5.76
C SER A 98 11.45 5.16 -5.30
N GLU A 99 10.76 4.02 -5.41
CA GLU A 99 11.35 2.75 -5.01
C GLU A 99 11.96 2.05 -6.22
N GLY A 100 11.87 2.71 -7.37
CA GLY A 100 12.40 2.11 -8.58
C GLY A 100 11.43 1.09 -9.13
N LEU A 101 10.28 0.98 -8.44
CA LEU A 101 9.24 0.05 -8.83
C LEU A 101 9.75 -1.39 -8.78
N SER A 102 10.78 -1.60 -7.97
CA SER A 102 11.37 -2.92 -7.82
C SER A 102 10.74 -3.65 -6.64
N LEU A 103 9.46 -3.39 -6.40
CA LEU A 103 8.77 -4.04 -5.30
C LEU A 103 8.46 -5.50 -5.65
N LEU A 104 7.43 -5.71 -6.46
CA LEU A 104 7.06 -7.06 -6.86
C LEU A 104 7.83 -7.48 -8.11
N ASN A 105 8.03 -8.78 -8.26
CA ASN A 105 8.75 -9.33 -9.41
C ASN A 105 10.16 -8.74 -9.50
N VAL A 106 11.13 -9.46 -8.95
CA VAL A 106 12.52 -9.01 -8.97
C VAL A 106 13.48 -10.19 -9.12
N GLY A 107 13.09 -11.33 -8.57
CA GLY A 107 13.94 -12.51 -8.64
C GLY A 107 13.51 -13.46 -9.75
N ILE A 108 13.72 -14.75 -9.53
CA ILE A 108 13.35 -15.77 -10.50
C ILE A 108 11.85 -15.77 -10.76
N GLY A 109 11.41 -16.59 -11.72
CA GLY A 109 10.01 -16.67 -12.05
C GLY A 109 9.77 -17.03 -13.50
N GLY A 7 -3.06 15.26 -10.73
CA GLY A 7 -2.33 14.82 -9.51
C GLY A 7 -2.16 15.93 -8.50
N SER A 8 -3.22 16.20 -7.74
CA SER A 8 -3.18 17.24 -6.72
C SER A 8 -2.83 16.67 -5.36
N TYR A 9 -3.27 15.44 -5.11
CA TYR A 9 -3.00 14.76 -3.84
C TYR A 9 -1.68 14.00 -3.90
N TRP A 10 -0.79 14.31 -2.95
CA TRP A 10 0.52 13.66 -2.90
C TRP A 10 1.03 13.60 -1.46
N PRO A 11 0.88 12.44 -0.79
CA PRO A 11 1.35 12.26 0.59
C PRO A 11 2.86 12.45 0.72
N ALA A 12 3.33 12.59 1.95
CA ALA A 12 4.76 12.77 2.20
C ALA A 12 5.51 11.47 1.98
N ARG A 13 6.78 11.43 2.37
CA ARG A 13 7.60 10.24 2.21
C ARG A 13 7.36 9.24 3.34
N HIS A 14 7.24 7.97 2.98
CA HIS A 14 7.01 6.90 3.95
C HIS A 14 5.71 7.13 4.71
N SER A 15 4.87 8.03 4.22
CA SER A 15 3.59 8.33 4.86
C SER A 15 2.74 7.07 4.96
N GLY A 16 2.02 6.92 6.06
CA GLY A 16 1.19 5.75 6.24
C GLY A 16 0.30 5.47 5.04
N ALA A 17 -0.49 6.47 4.65
CA ALA A 17 -1.40 6.33 3.52
C ALA A 17 -0.68 5.88 2.23
N ARG A 18 0.49 6.45 1.96
CA ARG A 18 1.22 6.10 0.76
C ARG A 18 1.73 4.66 0.83
N VAL A 19 2.17 4.27 2.02
CA VAL A 19 2.68 2.92 2.22
C VAL A 19 1.63 1.87 1.89
N ILE A 20 0.36 2.18 2.15
CA ILE A 20 -0.71 1.23 1.90
C ILE A 20 -1.04 1.12 0.41
N LEU A 21 -1.28 2.25 -0.26
CA LEU A 21 -1.61 2.18 -1.68
C LEU A 21 -0.49 1.52 -2.49
N LEU A 22 0.74 1.79 -2.10
CA LEU A 22 1.88 1.23 -2.81
C LEU A 22 1.95 -0.27 -2.62
N VAL A 23 1.76 -0.68 -1.37
CA VAL A 23 1.80 -2.08 -1.03
C VAL A 23 0.63 -2.83 -1.65
N LEU A 24 -0.54 -2.20 -1.67
CA LEU A 24 -1.70 -2.84 -2.29
C LEU A 24 -1.42 -3.02 -3.77
N TYR A 25 -0.57 -2.14 -4.30
CA TYR A 25 -0.23 -2.19 -5.71
C TYR A 25 0.33 -3.54 -6.11
N ARG A 26 1.44 -3.95 -5.51
CA ARG A 26 2.02 -5.24 -5.87
C ARG A 26 1.02 -6.38 -5.69
N GLU A 27 0.39 -6.44 -4.52
CA GLU A 27 -0.58 -7.51 -4.28
C GLU A 27 -1.71 -7.45 -5.29
N HIS A 28 -2.02 -6.26 -5.76
CA HIS A 28 -3.07 -6.11 -6.75
C HIS A 28 -2.58 -6.64 -8.10
N LEU A 29 -1.28 -6.50 -8.32
CA LEU A 29 -0.68 -6.97 -9.55
C LEU A 29 -0.33 -8.45 -9.42
N ASN A 30 -0.42 -8.97 -8.19
CA ASN A 30 -0.09 -10.38 -7.94
C ASN A 30 -1.05 -11.31 -8.70
N PRO A 31 -0.54 -11.98 -9.75
CA PRO A 31 -1.33 -12.91 -10.55
C PRO A 31 -1.71 -14.17 -9.78
N ASN A 32 -0.71 -14.73 -9.08
CA ASN A 32 -0.94 -15.95 -8.30
C ASN A 32 -1.29 -15.59 -6.86
N GLY A 33 -1.89 -14.42 -6.68
CA GLY A 33 -2.26 -13.99 -5.35
C GLY A 33 -3.52 -13.16 -5.34
N HIS A 34 -3.88 -12.66 -4.16
CA HIS A 34 -5.08 -11.83 -4.02
C HIS A 34 -4.76 -10.37 -4.30
N HIS A 35 -5.68 -9.67 -4.97
CA HIS A 35 -5.49 -8.27 -5.29
C HIS A 35 -5.85 -7.39 -4.09
N PHE A 36 -5.48 -7.85 -2.91
CA PHE A 36 -5.77 -7.11 -1.68
C PHE A 36 -4.99 -7.69 -0.51
N LEU A 37 -5.20 -7.11 0.67
CA LEU A 37 -4.53 -7.56 1.88
C LEU A 37 -5.33 -7.15 3.12
N THR A 38 -5.23 -7.94 4.17
CA THR A 38 -5.94 -7.64 5.40
C THR A 38 -5.15 -6.62 6.23
N LYS A 39 -5.83 -5.95 7.15
CA LYS A 39 -5.18 -4.94 7.97
C LYS A 39 -3.92 -5.50 8.64
N GLU A 40 -4.03 -6.71 9.16
CA GLU A 40 -2.90 -7.35 9.84
C GLU A 40 -1.79 -7.71 8.86
N GLU A 41 -2.16 -8.07 7.63
CA GLU A 41 -1.17 -8.44 6.63
C GLU A 41 -0.42 -7.21 6.11
N LEU A 42 -1.10 -6.08 6.10
CA LEU A 42 -0.49 -4.85 5.62
C LEU A 42 0.68 -4.43 6.50
N LEU A 43 0.44 -4.38 7.80
CA LEU A 43 1.46 -3.98 8.76
C LEU A 43 2.77 -4.74 8.53
N GLN A 44 2.66 -6.01 8.14
CA GLN A 44 3.86 -6.80 7.88
C GLN A 44 4.50 -6.36 6.58
N ARG A 45 3.66 -6.21 5.55
CA ARG A 45 4.12 -5.79 4.24
C ARG A 45 4.88 -4.48 4.32
N CYS A 46 4.40 -3.59 5.19
CA CYS A 46 5.04 -2.29 5.39
C CYS A 46 6.52 -2.47 5.73
N ALA A 47 6.82 -3.56 6.42
CA ALA A 47 8.20 -3.84 6.81
C ALA A 47 9.07 -4.13 5.59
N GLN A 48 8.46 -4.08 4.41
CA GLN A 48 9.22 -4.33 3.18
C GLN A 48 9.59 -3.01 2.52
N LYS A 49 8.74 -2.01 2.75
CA LYS A 49 8.94 -0.67 2.20
C LYS A 49 10.34 -0.16 2.50
N SER A 50 10.62 0.04 3.78
CA SER A 50 11.92 0.53 4.21
C SER A 50 12.67 -0.54 5.00
N PRO A 51 13.86 -0.95 4.53
CA PRO A 51 14.66 -1.98 5.20
C PRO A 51 15.24 -1.49 6.52
N ARG A 52 14.86 -0.28 6.93
CA ARG A 52 15.34 0.30 8.17
C ARG A 52 14.27 0.23 9.26
N VAL A 53 13.05 -0.13 8.87
CA VAL A 53 11.94 -0.24 9.81
C VAL A 53 12.31 -1.10 11.01
N ALA A 54 11.79 -0.75 12.18
CA ALA A 54 12.07 -1.50 13.40
C ALA A 54 10.86 -2.33 13.82
N PRO A 55 11.09 -3.44 14.53
CA PRO A 55 10.02 -4.33 15.00
C PRO A 55 8.96 -3.58 15.80
N GLY A 56 9.43 -2.81 16.79
CA GLY A 56 8.51 -2.06 17.62
C GLY A 56 8.15 -0.71 17.02
N SER A 57 7.69 -0.71 15.78
CA SER A 57 7.32 0.52 15.09
C SER A 57 6.05 0.32 14.27
N ALA A 58 5.00 1.05 14.61
CA ALA A 58 3.73 0.96 13.90
C ALA A 58 3.09 2.33 13.74
N PRO A 59 3.43 3.06 12.66
CA PRO A 59 2.87 4.39 12.39
C PRO A 59 1.35 4.34 12.20
N PRO A 60 0.68 5.50 12.27
CA PRO A 60 -0.78 5.58 12.09
C PRO A 60 -1.24 4.92 10.80
N TRP A 61 -1.87 3.76 10.93
CA TRP A 61 -2.35 3.02 9.76
C TRP A 61 -3.86 3.15 9.57
N PRO A 62 -4.67 3.18 10.65
CA PRO A 62 -6.13 3.32 10.55
C PRO A 62 -6.55 4.42 9.58
N ALA A 63 -5.60 5.27 9.20
CA ALA A 63 -5.88 6.37 8.27
C ALA A 63 -6.41 5.85 6.94
N LEU A 64 -6.18 4.57 6.66
CA LEU A 64 -6.63 3.97 5.41
C LEU A 64 -8.15 4.12 5.24
N ARG A 65 -8.87 4.19 6.35
CA ARG A 65 -10.31 4.36 6.28
C ARG A 65 -10.65 5.67 5.58
N SER A 66 -9.93 6.73 5.94
CA SER A 66 -10.13 8.02 5.33
C SER A 66 -9.86 7.95 3.83
N LEU A 67 -8.96 7.06 3.44
CA LEU A 67 -8.62 6.90 2.03
C LEU A 67 -9.77 6.28 1.26
N LEU A 68 -10.44 5.29 1.86
CA LEU A 68 -11.59 4.65 1.22
C LEU A 68 -12.56 5.72 0.77
N HIS A 69 -12.67 6.75 1.60
CA HIS A 69 -13.55 7.87 1.32
C HIS A 69 -13.09 8.62 0.08
N ARG A 70 -11.77 8.66 -0.14
CA ARG A 70 -11.22 9.34 -1.29
C ARG A 70 -11.30 8.45 -2.53
N ASN A 71 -11.73 7.20 -2.31
CA ASN A 71 -11.88 6.24 -3.39
C ASN A 71 -10.52 5.81 -3.95
N LEU A 72 -9.49 5.86 -3.11
CA LEU A 72 -8.15 5.44 -3.53
C LEU A 72 -7.92 3.99 -3.13
N VAL A 73 -8.68 3.55 -2.14
CA VAL A 73 -8.60 2.19 -1.63
C VAL A 73 -9.99 1.58 -1.55
N LEU A 74 -10.06 0.26 -1.48
CA LEU A 74 -11.34 -0.43 -1.42
C LEU A 74 -11.49 -1.17 -0.09
N ARG A 75 -12.70 -1.15 0.47
CA ARG A 75 -12.97 -1.83 1.73
C ARG A 75 -13.96 -2.98 1.53
N THR A 76 -13.87 -4.00 2.38
CA THR A 76 -14.74 -5.16 2.27
C THR A 76 -15.32 -5.59 3.61
N HIS A 77 -15.96 -6.74 3.57
CA HIS A 77 -16.64 -7.36 4.70
C HIS A 77 -16.09 -6.96 6.08
N GLN A 78 -14.78 -7.18 6.31
CA GLN A 78 -14.14 -6.81 7.59
C GLN A 78 -13.49 -8.05 8.22
N PRO A 79 -12.14 -8.05 8.46
CA PRO A 79 -11.24 -6.93 8.11
C PRO A 79 -11.39 -6.50 6.67
N ALA A 80 -11.80 -5.26 6.48
CA ALA A 80 -12.02 -4.75 5.14
C ALA A 80 -10.83 -4.97 4.23
N ARG A 81 -10.96 -5.93 3.34
CA ARG A 81 -9.90 -6.21 2.39
C ARG A 81 -9.65 -4.95 1.58
N TYR A 82 -8.39 -4.53 1.49
CA TYR A 82 -8.11 -3.30 0.76
C TYR A 82 -7.54 -3.54 -0.62
N SER A 83 -8.15 -2.88 -1.61
CA SER A 83 -7.73 -3.01 -2.99
C SER A 83 -7.59 -1.64 -3.64
N LEU A 84 -6.48 -1.43 -4.34
CA LEU A 84 -6.23 -0.15 -5.01
C LEU A 84 -7.33 0.20 -6.00
N THR A 85 -7.90 1.39 -5.86
CA THR A 85 -8.92 1.83 -6.80
C THR A 85 -8.23 2.60 -7.93
N PRO A 86 -8.96 3.10 -8.95
CA PRO A 86 -8.33 3.85 -10.06
C PRO A 86 -7.28 4.86 -9.61
N GLU A 87 -7.66 5.77 -8.72
CA GLU A 87 -6.73 6.78 -8.25
C GLU A 87 -5.57 6.14 -7.48
N GLY A 88 -5.89 5.16 -6.63
CA GLY A 88 -4.84 4.51 -5.86
C GLY A 88 -3.90 3.73 -6.75
N LEU A 89 -4.42 3.27 -7.88
CA LEU A 89 -3.63 2.51 -8.84
C LEU A 89 -2.58 3.40 -9.47
N GLU A 90 -3.03 4.57 -9.94
CA GLU A 90 -2.11 5.51 -10.57
C GLU A 90 -1.15 6.06 -9.54
N LEU A 91 -1.71 6.45 -8.40
CA LEU A 91 -0.90 7.01 -7.32
C LEU A 91 0.17 6.01 -6.89
N ALA A 92 -0.22 4.75 -6.78
CA ALA A 92 0.72 3.70 -6.37
C ALA A 92 1.87 3.57 -7.35
N GLN A 93 1.56 3.62 -8.65
CA GLN A 93 2.60 3.52 -9.67
C GLN A 93 3.64 4.60 -9.43
N LYS A 94 3.18 5.75 -8.96
CA LYS A 94 4.06 6.87 -8.66
C LYS A 94 4.96 6.54 -7.47
N LEU A 95 4.34 6.09 -6.38
CA LEU A 95 5.07 5.72 -5.20
C LEU A 95 6.10 4.65 -5.52
N ALA A 96 5.80 3.88 -6.56
CA ALA A 96 6.68 2.80 -6.99
C ALA A 96 7.93 3.33 -7.67
N GLU A 97 7.79 4.47 -8.35
CA GLU A 97 8.92 5.08 -9.04
C GLU A 97 10.08 5.29 -8.08
N SER A 98 9.74 5.80 -6.90
CA SER A 98 10.73 6.06 -5.87
C SER A 98 11.40 4.77 -5.41
N GLU A 99 10.67 3.65 -5.50
CA GLU A 99 11.21 2.36 -5.09
C GLU A 99 11.87 1.67 -6.27
N GLY A 100 11.82 2.31 -7.43
CA GLY A 100 12.39 1.71 -8.61
C GLY A 100 11.42 0.71 -9.20
N LEU A 101 10.26 0.61 -8.58
CA LEU A 101 9.20 -0.29 -8.99
C LEU A 101 9.67 -1.74 -8.93
N SER A 102 10.61 -2.00 -8.03
CA SER A 102 11.14 -3.35 -7.85
C SER A 102 10.49 -4.03 -6.66
N LEU A 103 9.25 -3.62 -6.36
CA LEU A 103 8.53 -4.20 -5.23
C LEU A 103 8.20 -5.67 -5.50
N LEU A 104 7.18 -5.90 -6.32
CA LEU A 104 6.78 -7.26 -6.65
C LEU A 104 7.84 -7.94 -7.52
N ASN A 105 8.85 -8.53 -6.88
CA ASN A 105 9.92 -9.21 -7.60
C ASN A 105 10.55 -10.29 -6.72
N VAL A 106 9.90 -10.58 -5.60
CA VAL A 106 10.39 -11.59 -4.67
C VAL A 106 9.64 -12.90 -4.83
N GLY A 107 10.32 -14.01 -4.58
CA GLY A 107 9.69 -15.32 -4.70
C GLY A 107 9.75 -15.86 -6.11
N ILE A 108 10.45 -16.97 -6.29
CA ILE A 108 10.59 -17.58 -7.60
C ILE A 108 9.56 -18.70 -7.81
N GLY A 109 9.53 -19.26 -9.01
CA GLY A 109 8.61 -20.33 -9.30
C GLY A 109 8.13 -20.31 -10.75
N GLY A 7 -5.93 20.78 -7.42
CA GLY A 7 -5.74 20.30 -6.03
C GLY A 7 -4.78 19.14 -5.93
N SER A 8 -5.11 18.04 -6.63
CA SER A 8 -4.26 16.85 -6.63
C SER A 8 -4.10 16.29 -5.22
N TYR A 9 -3.31 15.23 -5.10
CA TYR A 9 -3.06 14.60 -3.81
C TYR A 9 -1.75 13.84 -3.82
N TRP A 10 -0.77 14.32 -3.06
CA TRP A 10 0.54 13.68 -2.99
C TRP A 10 1.09 13.71 -1.56
N PRO A 11 0.95 12.60 -0.80
CA PRO A 11 1.44 12.51 0.57
C PRO A 11 2.95 12.69 0.65
N ALA A 12 3.48 12.77 1.87
CA ALA A 12 4.91 12.93 2.08
C ALA A 12 5.64 11.61 1.86
N ARG A 13 6.92 11.57 2.25
CA ARG A 13 7.74 10.38 2.08
C ARG A 13 7.37 9.31 3.12
N HIS A 14 7.38 8.04 2.67
CA HIS A 14 7.06 6.90 3.54
C HIS A 14 5.89 7.21 4.47
N SER A 15 4.98 8.07 4.02
CA SER A 15 3.81 8.44 4.82
C SER A 15 2.86 7.27 4.97
N GLY A 16 1.82 7.45 5.79
CA GLY A 16 0.85 6.39 6.00
C GLY A 16 0.07 6.07 4.75
N ALA A 17 -0.62 7.07 4.21
CA ALA A 17 -1.42 6.89 3.00
C ALA A 17 -0.57 6.43 1.83
N ARG A 18 0.70 6.82 1.83
CA ARG A 18 1.62 6.45 0.77
C ARG A 18 1.98 4.99 0.84
N VAL A 19 2.48 4.57 1.99
CA VAL A 19 2.89 3.19 2.18
C VAL A 19 1.75 2.20 1.97
N ILE A 20 0.52 2.61 2.30
CA ILE A 20 -0.63 1.72 2.16
C ILE A 20 -0.99 1.47 0.70
N LEU A 21 -1.18 2.53 -0.08
CA LEU A 21 -1.54 2.35 -1.49
C LEU A 21 -0.45 1.62 -2.26
N LEU A 22 0.80 1.87 -1.88
CA LEU A 22 1.93 1.25 -2.54
C LEU A 22 2.03 -0.23 -2.19
N VAL A 23 1.83 -0.52 -0.92
CA VAL A 23 1.91 -1.87 -0.42
C VAL A 23 0.75 -2.71 -0.96
N LEU A 24 -0.42 -2.08 -1.10
CA LEU A 24 -1.58 -2.75 -1.67
C LEU A 24 -1.36 -2.96 -3.16
N TYR A 25 -0.57 -2.06 -3.71
CA TYR A 25 -0.25 -2.09 -5.14
C TYR A 25 0.35 -3.43 -5.57
N ARG A 26 1.47 -3.81 -4.97
CA ARG A 26 2.13 -5.05 -5.34
C ARG A 26 1.19 -6.26 -5.29
N GLU A 27 0.50 -6.45 -4.16
CA GLU A 27 -0.41 -7.58 -4.04
C GLU A 27 -1.50 -7.50 -5.10
N HIS A 28 -1.82 -6.28 -5.52
CA HIS A 28 -2.85 -6.10 -6.54
C HIS A 28 -2.34 -6.58 -7.89
N LEU A 29 -1.06 -6.32 -8.16
CA LEU A 29 -0.45 -6.74 -9.41
C LEU A 29 -0.20 -8.24 -9.41
N ASN A 30 -0.73 -8.92 -8.40
CA ASN A 30 -0.55 -10.37 -8.29
C ASN A 30 -1.65 -11.15 -9.02
N PRO A 31 -1.33 -11.74 -10.18
CA PRO A 31 -2.27 -12.54 -10.95
C PRO A 31 -2.52 -13.89 -10.32
N ASN A 32 -1.42 -14.56 -9.97
CA ASN A 32 -1.49 -15.87 -9.35
C ASN A 32 -1.39 -15.72 -7.82
N GLY A 33 -1.61 -14.50 -7.34
CA GLY A 33 -1.53 -14.27 -5.92
C GLY A 33 -2.84 -13.76 -5.35
N HIS A 34 -2.96 -12.44 -5.24
CA HIS A 34 -4.16 -11.83 -4.71
C HIS A 34 -4.44 -10.50 -5.41
N HIS A 35 -5.41 -9.76 -4.90
CA HIS A 35 -5.78 -8.47 -5.47
C HIS A 35 -6.15 -7.51 -4.34
N PHE A 36 -5.68 -7.83 -3.14
CA PHE A 36 -5.96 -7.02 -1.96
C PHE A 36 -5.14 -7.49 -0.76
N LEU A 37 -5.28 -6.76 0.35
CA LEU A 37 -4.58 -7.09 1.58
C LEU A 37 -5.29 -6.47 2.77
N THR A 38 -5.28 -7.18 3.89
CA THR A 38 -5.92 -6.67 5.09
C THR A 38 -4.92 -5.86 5.90
N LYS A 39 -5.42 -4.92 6.70
CA LYS A 39 -4.53 -4.07 7.50
C LYS A 39 -3.54 -4.91 8.30
N GLU A 40 -4.01 -6.02 8.84
CA GLU A 40 -3.14 -6.90 9.61
C GLU A 40 -2.00 -7.44 8.74
N GLU A 41 -2.32 -7.70 7.48
CA GLU A 41 -1.32 -8.21 6.54
C GLU A 41 -0.33 -7.10 6.16
N LEU A 42 -0.85 -5.89 6.03
CA LEU A 42 -0.01 -4.76 5.67
C LEU A 42 1.12 -4.59 6.66
N LEU A 43 0.88 -4.98 7.91
CA LEU A 43 1.91 -4.87 8.94
C LEU A 43 3.20 -5.55 8.47
N GLN A 44 3.08 -6.79 8.04
CA GLN A 44 4.23 -7.55 7.55
C GLN A 44 4.65 -7.07 6.16
N ARG A 45 3.67 -6.77 5.32
CA ARG A 45 3.93 -6.31 3.96
C ARG A 45 4.75 -5.02 3.95
N CYS A 46 4.25 -4.01 4.66
CA CYS A 46 4.92 -2.72 4.76
C CYS A 46 6.34 -2.89 5.28
N ALA A 47 6.54 -3.91 6.12
CA ALA A 47 7.86 -4.18 6.68
C ALA A 47 8.92 -4.42 5.60
N GLN A 48 8.50 -4.37 4.34
CA GLN A 48 9.46 -4.59 3.26
C GLN A 48 9.88 -3.24 2.69
N LYS A 49 9.00 -2.25 2.88
CA LYS A 49 9.23 -0.89 2.41
C LYS A 49 10.63 -0.42 2.78
N SER A 50 10.82 -0.14 4.06
CA SER A 50 12.09 0.33 4.58
C SER A 50 12.77 -0.79 5.38
N PRO A 51 13.71 -1.53 4.75
CA PRO A 51 14.42 -2.64 5.40
C PRO A 51 14.83 -2.33 6.84
N ARG A 52 15.08 -3.39 7.61
CA ARG A 52 15.48 -3.23 9.01
C ARG A 52 14.41 -2.51 9.82
N VAL A 53 13.15 -2.76 9.48
CA VAL A 53 12.02 -2.13 10.18
C VAL A 53 12.09 -2.44 11.67
N ALA A 54 11.31 -1.69 12.46
CA ALA A 54 11.28 -1.88 13.91
C ALA A 54 10.33 -3.00 14.29
N PRO A 55 10.62 -3.73 15.38
CA PRO A 55 9.77 -4.83 15.86
C PRO A 55 8.34 -4.39 16.13
N GLY A 56 8.18 -3.45 17.06
CA GLY A 56 6.85 -2.96 17.39
C GLY A 56 6.62 -1.55 16.91
N SER A 57 6.35 -1.40 15.61
CA SER A 57 6.12 -0.09 15.02
C SER A 57 4.71 0.00 14.45
N ALA A 58 3.91 0.90 15.01
CA ALA A 58 2.53 1.09 14.55
C ALA A 58 2.19 2.58 14.44
N PRO A 59 2.62 3.22 13.33
CA PRO A 59 2.35 4.64 13.09
C PRO A 59 0.87 4.90 12.80
N PRO A 60 0.43 6.17 12.89
CA PRO A 60 -0.97 6.54 12.61
C PRO A 60 -1.46 5.98 11.27
N TRP A 61 -2.22 4.91 11.33
CA TRP A 61 -2.75 4.28 10.13
C TRP A 61 -4.27 4.40 9.98
N PRO A 62 -5.02 4.93 10.98
CA PRO A 62 -6.47 5.08 10.86
C PRO A 62 -6.83 5.86 9.60
N ALA A 63 -5.82 6.50 9.01
CA ALA A 63 -6.00 7.29 7.80
C ALA A 63 -6.51 6.42 6.65
N LEU A 64 -6.12 5.15 6.66
CA LEU A 64 -6.55 4.21 5.62
C LEU A 64 -8.05 4.28 5.42
N ARG A 65 -8.79 4.23 6.52
CA ARG A 65 -10.24 4.30 6.46
C ARG A 65 -10.67 5.58 5.75
N SER A 66 -9.93 6.66 6.02
CA SER A 66 -10.22 7.95 5.39
C SER A 66 -10.01 7.86 3.88
N LEU A 67 -9.06 7.03 3.47
CA LEU A 67 -8.78 6.87 2.04
C LEU A 67 -9.95 6.18 1.34
N LEU A 68 -10.59 5.25 2.05
CA LEU A 68 -11.75 4.56 1.49
C LEU A 68 -12.75 5.60 1.01
N HIS A 69 -12.82 6.69 1.76
CA HIS A 69 -13.71 7.80 1.45
C HIS A 69 -13.26 8.50 0.17
N ARG A 70 -11.94 8.67 0.03
CA ARG A 70 -11.39 9.31 -1.16
C ARG A 70 -11.52 8.40 -2.36
N ASN A 71 -11.98 7.17 -2.10
CA ASN A 71 -12.18 6.18 -3.15
C ASN A 71 -10.86 5.71 -3.75
N LEU A 72 -9.77 5.82 -2.98
CA LEU A 72 -8.46 5.38 -3.46
C LEU A 72 -8.26 3.93 -3.05
N VAL A 73 -8.88 3.55 -1.95
CA VAL A 73 -8.81 2.19 -1.46
C VAL A 73 -10.22 1.60 -1.42
N LEU A 74 -10.31 0.30 -1.17
CA LEU A 74 -11.61 -0.36 -1.13
C LEU A 74 -11.69 -1.36 0.02
N ARG A 75 -12.60 -1.12 0.97
CA ARG A 75 -12.79 -2.01 2.12
C ARG A 75 -13.73 -3.15 1.78
N THR A 76 -13.56 -4.28 2.46
CA THR A 76 -14.39 -5.44 2.18
C THR A 76 -14.97 -6.10 3.44
N HIS A 77 -15.65 -7.22 3.21
CA HIS A 77 -16.31 -8.03 4.24
C HIS A 77 -15.67 -8.02 5.63
N GLN A 78 -14.37 -8.35 5.69
CA GLN A 78 -13.68 -8.42 6.99
C GLN A 78 -12.39 -9.25 6.88
N PRO A 79 -11.30 -8.84 7.58
CA PRO A 79 -11.28 -7.63 8.43
C PRO A 79 -11.38 -6.36 7.60
N ALA A 80 -11.82 -6.56 6.36
CA ALA A 80 -12.02 -5.50 5.38
C ALA A 80 -10.88 -5.48 4.39
N ARG A 81 -11.00 -6.32 3.37
CA ARG A 81 -9.97 -6.40 2.35
C ARG A 81 -9.82 -5.05 1.67
N TYR A 82 -8.59 -4.57 1.57
CA TYR A 82 -8.35 -3.28 0.94
C TYR A 82 -7.85 -3.47 -0.49
N SER A 83 -8.35 -2.64 -1.39
CA SER A 83 -7.95 -2.76 -2.79
C SER A 83 -7.71 -1.39 -3.39
N LEU A 84 -6.78 -1.34 -4.34
CA LEU A 84 -6.45 -0.09 -5.03
C LEU A 84 -7.45 0.23 -6.12
N THR A 85 -8.04 1.42 -6.05
CA THR A 85 -8.99 1.85 -7.06
C THR A 85 -8.25 2.62 -8.16
N PRO A 86 -8.93 3.13 -9.20
CA PRO A 86 -8.27 3.86 -10.28
C PRO A 86 -7.25 4.88 -9.78
N GLU A 87 -7.62 5.69 -8.81
CA GLU A 87 -6.73 6.71 -8.28
C GLU A 87 -5.59 6.08 -7.48
N GLY A 88 -5.93 5.18 -6.56
CA GLY A 88 -4.91 4.54 -5.76
C GLY A 88 -3.91 3.79 -6.61
N LEU A 89 -4.40 3.27 -7.75
CA LEU A 89 -3.56 2.53 -8.66
C LEU A 89 -2.56 3.46 -9.32
N GLU A 90 -3.08 4.55 -9.88
CA GLU A 90 -2.24 5.54 -10.55
C GLU A 90 -1.18 6.06 -9.60
N LEU A 91 -1.64 6.57 -8.46
CA LEU A 91 -0.75 7.12 -7.46
C LEU A 91 0.26 6.06 -7.04
N ALA A 92 -0.23 4.86 -6.76
CA ALA A 92 0.66 3.77 -6.33
C ALA A 92 1.79 3.55 -7.32
N GLN A 93 1.49 3.65 -8.61
CA GLN A 93 2.51 3.48 -9.63
C GLN A 93 3.57 4.56 -9.46
N LYS A 94 3.12 5.73 -9.04
CA LYS A 94 4.00 6.86 -8.82
C LYS A 94 4.88 6.62 -7.59
N LEU A 95 4.28 6.08 -6.55
CA LEU A 95 5.00 5.77 -5.33
C LEU A 95 5.92 4.58 -5.56
N ALA A 96 5.56 3.79 -6.56
CA ALA A 96 6.31 2.59 -6.90
C ALA A 96 7.58 2.90 -7.69
N GLU A 97 7.45 3.78 -8.69
CA GLU A 97 8.61 4.15 -9.51
C GLU A 97 9.73 4.71 -8.64
N SER A 98 9.35 5.41 -7.58
CA SER A 98 10.34 5.98 -6.68
C SER A 98 11.20 4.88 -6.05
N GLU A 99 10.58 3.72 -5.80
CA GLU A 99 11.30 2.60 -5.22
C GLU A 99 11.97 1.78 -6.31
N GLY A 100 11.86 2.24 -7.54
CA GLY A 100 12.44 1.53 -8.65
C GLY A 100 11.58 0.35 -9.06
N LEU A 101 10.47 0.18 -8.33
CA LEU A 101 9.55 -0.92 -8.59
C LEU A 101 10.21 -2.25 -8.29
N SER A 102 10.66 -2.40 -7.04
CA SER A 102 11.30 -3.63 -6.62
C SER A 102 10.56 -4.25 -5.44
N LEU A 103 9.26 -3.98 -5.36
CA LEU A 103 8.45 -4.51 -4.28
C LEU A 103 8.05 -5.95 -4.58
N LEU A 104 7.11 -6.11 -5.51
CA LEU A 104 6.66 -7.45 -5.90
C LEU A 104 7.69 -8.10 -6.83
N ASN A 105 7.78 -9.42 -6.75
CA ASN A 105 8.72 -10.17 -7.59
C ASN A 105 10.15 -9.69 -7.37
N VAL A 106 10.91 -10.44 -6.56
CA VAL A 106 12.29 -10.09 -6.27
C VAL A 106 13.20 -11.31 -6.37
N GLY A 107 14.42 -11.10 -6.85
CA GLY A 107 15.36 -12.20 -6.99
C GLY A 107 16.67 -11.76 -7.60
N ILE A 108 16.89 -12.16 -8.86
CA ILE A 108 18.12 -11.79 -9.57
C ILE A 108 17.92 -10.51 -10.37
N GLY A 109 17.01 -10.54 -11.32
CA GLY A 109 16.75 -9.37 -12.14
C GLY A 109 15.29 -9.25 -12.54
N GLY A 7 -5.83 20.59 -5.53
CA GLY A 7 -4.82 20.51 -6.63
C GLY A 7 -4.44 19.08 -6.96
N SER A 8 -3.53 18.51 -6.19
CA SER A 8 -3.07 17.15 -6.42
C SER A 8 -2.74 16.45 -5.09
N TYR A 9 -3.21 15.22 -4.94
CA TYR A 9 -2.95 14.46 -3.73
C TYR A 9 -1.65 13.67 -3.84
N TRP A 10 -0.64 14.09 -3.09
CA TRP A 10 0.66 13.44 -3.14
C TRP A 10 1.24 13.30 -1.72
N PRO A 11 1.17 12.08 -1.13
CA PRO A 11 1.71 11.84 0.21
C PRO A 11 3.22 12.00 0.27
N ALA A 12 3.79 11.85 1.47
CA ALA A 12 5.23 11.99 1.64
C ALA A 12 5.97 10.77 1.07
N ARG A 13 6.34 9.85 1.96
CA ARG A 13 7.06 8.65 1.54
C ARG A 13 6.71 7.46 2.43
N HIS A 14 6.96 7.60 3.73
CA HIS A 14 6.68 6.54 4.69
C HIS A 14 5.33 6.78 5.37
N SER A 15 4.62 7.81 4.91
CA SER A 15 3.32 8.16 5.48
C SER A 15 2.36 6.98 5.36
N GLY A 16 1.27 7.03 6.11
CA GLY A 16 0.28 5.95 6.07
C GLY A 16 -0.32 5.76 4.69
N ALA A 17 -0.95 6.80 4.17
CA ALA A 17 -1.57 6.74 2.85
C ALA A 17 -0.60 6.31 1.76
N ARG A 18 0.66 6.72 1.92
CA ARG A 18 1.70 6.39 0.96
C ARG A 18 2.03 4.91 0.98
N VAL A 19 2.39 4.44 2.17
CA VAL A 19 2.77 3.05 2.37
C VAL A 19 1.63 2.07 2.07
N ILE A 20 0.39 2.48 2.33
CA ILE A 20 -0.75 1.59 2.11
C ILE A 20 -1.06 1.37 0.63
N LEU A 21 -1.21 2.44 -0.15
CA LEU A 21 -1.54 2.28 -1.56
C LEU A 21 -0.41 1.59 -2.33
N LEU A 22 0.83 1.85 -1.92
CA LEU A 22 1.97 1.25 -2.57
C LEU A 22 2.07 -0.24 -2.26
N VAL A 23 1.87 -0.55 -0.99
CA VAL A 23 1.95 -1.93 -0.53
C VAL A 23 0.78 -2.75 -1.09
N LEU A 24 -0.39 -2.11 -1.22
CA LEU A 24 -1.56 -2.77 -1.79
C LEU A 24 -1.33 -2.98 -3.27
N TYR A 25 -0.52 -2.08 -3.84
CA TYR A 25 -0.20 -2.13 -5.27
C TYR A 25 0.42 -3.46 -5.67
N ARG A 26 1.55 -3.80 -5.07
CA ARG A 26 2.24 -5.04 -5.41
C ARG A 26 1.33 -6.25 -5.31
N GLU A 27 0.64 -6.41 -4.19
CA GLU A 27 -0.26 -7.55 -4.02
C GLU A 27 -1.35 -7.52 -5.08
N HIS A 28 -1.70 -6.33 -5.53
CA HIS A 28 -2.73 -6.19 -6.54
C HIS A 28 -2.24 -6.71 -7.89
N LEU A 29 -0.97 -6.44 -8.18
CA LEU A 29 -0.38 -6.90 -9.43
C LEU A 29 -0.21 -8.41 -9.44
N ASN A 30 -0.62 -9.04 -8.35
CA ASN A 30 -0.51 -10.50 -8.22
C ASN A 30 -1.65 -11.20 -8.95
N PRO A 31 -1.33 -11.88 -10.07
CA PRO A 31 -2.34 -12.62 -10.85
C PRO A 31 -2.95 -13.78 -10.08
N ASN A 32 -2.13 -14.43 -9.25
CA ASN A 32 -2.61 -15.56 -8.48
C ASN A 32 -2.58 -15.29 -6.98
N GLY A 33 -1.88 -14.21 -6.60
CA GLY A 33 -1.78 -13.85 -5.20
C GLY A 33 -2.83 -12.84 -4.79
N HIS A 34 -4.03 -13.00 -5.33
CA HIS A 34 -5.13 -12.08 -5.02
C HIS A 34 -4.78 -10.65 -5.43
N HIS A 35 -5.64 -9.71 -5.06
CA HIS A 35 -5.43 -8.31 -5.39
C HIS A 35 -5.81 -7.42 -4.21
N PHE A 36 -5.58 -7.92 -3.01
CA PHE A 36 -5.91 -7.17 -1.80
C PHE A 36 -5.06 -7.63 -0.61
N LEU A 37 -5.19 -6.91 0.50
CA LEU A 37 -4.45 -7.24 1.71
C LEU A 37 -5.17 -6.68 2.95
N THR A 38 -5.08 -7.40 4.05
CA THR A 38 -5.71 -6.97 5.29
C THR A 38 -4.73 -6.13 6.09
N LYS A 39 -5.25 -5.24 6.94
CA LYS A 39 -4.38 -4.38 7.73
C LYS A 39 -3.34 -5.19 8.49
N GLU A 40 -3.70 -6.41 8.86
CA GLU A 40 -2.79 -7.30 9.57
C GLU A 40 -1.66 -7.74 8.65
N GLU A 41 -1.98 -7.96 7.38
CA GLU A 41 -1.00 -8.38 6.39
C GLU A 41 -0.07 -7.23 6.04
N LEU A 42 -0.63 -6.03 5.97
CA LEU A 42 0.15 -4.85 5.64
C LEU A 42 1.32 -4.68 6.60
N LEU A 43 1.13 -5.12 7.84
CA LEU A 43 2.18 -5.02 8.85
C LEU A 43 3.46 -5.70 8.36
N GLN A 44 3.31 -6.89 7.81
CA GLN A 44 4.46 -7.64 7.30
C GLN A 44 4.94 -7.04 5.98
N ARG A 45 3.99 -6.73 5.11
CA ARG A 45 4.28 -6.16 3.81
C ARG A 45 5.07 -4.86 3.94
N CYS A 46 4.53 -3.94 4.72
CA CYS A 46 5.16 -2.64 4.95
C CYS A 46 6.56 -2.81 5.51
N ALA A 47 6.76 -3.86 6.28
CA ALA A 47 8.06 -4.13 6.88
C ALA A 47 9.15 -4.29 5.82
N GLN A 48 8.77 -4.27 4.55
CA GLN A 48 9.76 -4.40 3.49
C GLN A 48 10.10 -3.02 2.94
N LYS A 49 9.15 -2.11 3.08
CA LYS A 49 9.31 -0.73 2.62
C LYS A 49 10.65 -0.15 3.06
N SER A 50 10.76 0.13 4.35
CA SER A 50 11.97 0.67 4.93
C SER A 50 12.70 -0.40 5.75
N PRO A 51 13.70 -1.08 5.14
CA PRO A 51 14.45 -2.14 5.82
C PRO A 51 14.77 -1.82 7.28
N ARG A 52 14.95 -2.87 8.07
CA ARG A 52 15.26 -2.71 9.49
C ARG A 52 14.15 -1.96 10.21
N VAL A 53 12.90 -2.27 9.87
CA VAL A 53 11.75 -1.63 10.50
C VAL A 53 11.76 -1.85 12.01
N ALA A 54 10.87 -1.17 12.71
CA ALA A 54 10.77 -1.29 14.16
C ALA A 54 9.91 -2.49 14.56
N PRO A 55 10.43 -3.37 15.44
CA PRO A 55 9.70 -4.56 15.89
C PRO A 55 8.41 -4.20 16.62
N GLY A 56 7.29 -4.73 16.13
CA GLY A 56 6.01 -4.46 16.74
C GLY A 56 5.64 -2.98 16.71
N SER A 57 5.76 -2.38 15.53
CA SER A 57 5.43 -0.96 15.36
C SER A 57 4.01 -0.79 14.82
N ALA A 58 3.16 -0.12 15.60
CA ALA A 58 1.78 0.10 15.19
C ALA A 58 1.36 1.55 15.43
N PRO A 59 1.73 2.46 14.51
CA PRO A 59 1.39 3.88 14.61
C PRO A 59 0.03 4.19 13.99
N PRO A 60 -0.49 5.42 14.18
CA PRO A 60 -1.78 5.83 13.63
C PRO A 60 -1.95 5.41 12.17
N TRP A 61 -2.66 4.31 11.96
CA TRP A 61 -2.89 3.81 10.62
C TRP A 61 -4.36 3.81 10.20
N PRO A 62 -5.33 4.20 11.07
CA PRO A 62 -6.75 4.24 10.68
C PRO A 62 -6.96 5.10 9.45
N ALA A 63 -5.88 5.73 9.00
CA ALA A 63 -5.89 6.59 7.82
C ALA A 63 -6.57 5.90 6.63
N LEU A 64 -6.64 4.57 6.67
CA LEU A 64 -7.27 3.81 5.61
C LEU A 64 -8.68 4.32 5.35
N ARG A 65 -9.45 4.45 6.42
CA ARG A 65 -10.83 4.93 6.31
C ARG A 65 -10.88 6.29 5.61
N SER A 66 -9.82 7.07 5.77
CA SER A 66 -9.74 8.39 5.15
C SER A 66 -9.64 8.26 3.63
N LEU A 67 -8.79 7.34 3.17
CA LEU A 67 -8.61 7.12 1.74
C LEU A 67 -9.81 6.41 1.15
N LEU A 68 -10.38 5.47 1.90
CA LEU A 68 -11.56 4.76 1.45
C LEU A 68 -12.63 5.76 1.06
N HIS A 69 -12.60 6.91 1.74
CA HIS A 69 -13.52 7.99 1.45
C HIS A 69 -13.23 8.57 0.07
N ARG A 70 -11.95 8.77 -0.21
CA ARG A 70 -11.53 9.29 -1.50
C ARG A 70 -11.70 8.21 -2.56
N ASN A 71 -11.99 7.00 -2.09
CA ASN A 71 -12.21 5.84 -2.94
C ASN A 71 -10.94 5.42 -3.67
N LEU A 72 -9.78 5.85 -3.16
CA LEU A 72 -8.51 5.45 -3.76
C LEU A 72 -8.22 4.03 -3.33
N VAL A 73 -8.87 3.65 -2.23
CA VAL A 73 -8.75 2.32 -1.66
C VAL A 73 -10.14 1.70 -1.52
N LEU A 74 -10.22 0.38 -1.59
CA LEU A 74 -11.51 -0.30 -1.48
C LEU A 74 -11.54 -1.24 -0.28
N ARG A 75 -12.40 -0.93 0.69
CA ARG A 75 -12.53 -1.76 1.89
C ARG A 75 -13.52 -2.89 1.67
N THR A 76 -13.33 -3.99 2.41
CA THR A 76 -14.20 -5.14 2.28
C THR A 76 -14.80 -5.54 3.63
N HIS A 77 -15.56 -6.63 3.63
CA HIS A 77 -16.25 -7.14 4.81
C HIS A 77 -15.48 -7.06 6.13
N GLN A 78 -14.32 -7.72 6.20
CA GLN A 78 -13.56 -7.68 7.46
C GLN A 78 -12.30 -8.57 7.37
N PRO A 79 -11.16 -8.15 7.96
CA PRO A 79 -11.02 -6.87 8.68
C PRO A 79 -11.16 -5.68 7.76
N ALA A 80 -11.60 -5.99 6.54
CA ALA A 80 -11.82 -5.00 5.48
C ALA A 80 -10.72 -5.10 4.44
N ARG A 81 -10.89 -6.04 3.52
CA ARG A 81 -9.90 -6.23 2.47
C ARG A 81 -9.75 -4.94 1.68
N TYR A 82 -8.51 -4.50 1.48
CA TYR A 82 -8.26 -3.26 0.75
C TYR A 82 -7.83 -3.55 -0.68
N SER A 83 -8.28 -2.71 -1.60
CA SER A 83 -7.96 -2.91 -3.01
C SER A 83 -7.76 -1.56 -3.70
N LEU A 84 -6.65 -1.45 -4.43
CA LEU A 84 -6.33 -0.23 -5.16
C LEU A 84 -7.36 0.05 -6.24
N THR A 85 -7.94 1.24 -6.21
CA THR A 85 -8.92 1.62 -7.21
C THR A 85 -8.21 2.39 -8.33
N PRO A 86 -8.91 2.86 -9.38
CA PRO A 86 -8.28 3.59 -10.49
C PRO A 86 -7.27 4.64 -10.02
N GLU A 87 -7.66 5.45 -9.04
CA GLU A 87 -6.79 6.49 -8.52
C GLU A 87 -5.63 5.91 -7.72
N GLY A 88 -5.93 5.02 -6.77
CA GLY A 88 -4.88 4.42 -5.98
C GLY A 88 -3.90 3.65 -6.83
N LEU A 89 -4.39 3.13 -7.95
CA LEU A 89 -3.56 2.37 -8.87
C LEU A 89 -2.56 3.29 -9.55
N GLU A 90 -3.08 4.37 -10.12
CA GLU A 90 -2.24 5.35 -10.80
C GLU A 90 -1.23 5.93 -9.84
N LEU A 91 -1.71 6.43 -8.71
CA LEU A 91 -0.85 7.01 -7.72
C LEU A 91 0.20 6.01 -7.26
N ALA A 92 -0.24 4.79 -6.94
CA ALA A 92 0.68 3.75 -6.49
C ALA A 92 1.81 3.55 -7.47
N GLN A 93 1.50 3.58 -8.77
CA GLN A 93 2.52 3.43 -9.79
C GLN A 93 3.57 4.52 -9.62
N LYS A 94 3.10 5.69 -9.21
CA LYS A 94 3.97 6.83 -8.99
C LYS A 94 4.81 6.64 -7.73
N LEU A 95 4.16 6.32 -6.62
CA LEU A 95 4.85 6.08 -5.37
C LEU A 95 5.86 4.96 -5.55
N ALA A 96 5.58 4.10 -6.51
CA ALA A 96 6.44 2.97 -6.80
C ALA A 96 7.72 3.40 -7.51
N GLU A 97 7.63 4.49 -8.27
CA GLU A 97 8.79 5.00 -9.01
C GLU A 97 9.94 5.27 -8.05
N SER A 98 9.61 5.86 -6.92
CA SER A 98 10.60 6.19 -5.91
C SER A 98 11.35 4.94 -5.42
N GLU A 99 10.62 3.83 -5.28
CA GLU A 99 11.22 2.59 -4.82
C GLU A 99 11.84 1.84 -5.99
N GLY A 100 11.81 2.46 -7.17
CA GLY A 100 12.33 1.80 -8.35
C GLY A 100 11.35 0.77 -8.85
N LEU A 101 10.24 0.65 -8.13
CA LEU A 101 9.18 -0.29 -8.48
C LEU A 101 9.68 -1.73 -8.35
N SER A 102 10.68 -1.93 -7.51
CA SER A 102 11.24 -3.26 -7.29
C SER A 102 10.29 -4.12 -6.45
N LEU A 103 9.36 -3.45 -5.75
CA LEU A 103 8.40 -4.16 -4.92
C LEU A 103 7.87 -5.41 -5.63
N LEU A 104 7.00 -5.20 -6.61
CA LEU A 104 6.42 -6.31 -7.36
C LEU A 104 7.53 -7.17 -7.97
N ASN A 105 8.38 -6.56 -8.78
CA ASN A 105 9.48 -7.28 -9.42
C ASN A 105 10.77 -7.08 -8.66
N VAL A 106 11.12 -8.05 -7.81
CA VAL A 106 12.35 -7.98 -7.01
C VAL A 106 13.50 -8.68 -7.72
N GLY A 107 14.72 -8.35 -7.30
CA GLY A 107 15.89 -8.96 -7.91
C GLY A 107 17.11 -8.06 -7.85
N ILE A 108 18.07 -8.42 -7.00
CA ILE A 108 19.28 -7.63 -6.85
C ILE A 108 20.52 -8.52 -6.80
N GLY A 109 20.30 -9.84 -6.86
CA GLY A 109 21.41 -10.77 -6.81
C GLY A 109 21.70 -11.37 -8.17
N GLY A 7 -1.11 13.73 -9.75
CA GLY A 7 -1.37 15.03 -10.41
C GLY A 7 -1.68 16.14 -9.42
N SER A 8 -2.53 15.82 -8.44
CA SER A 8 -2.93 16.81 -7.43
C SER A 8 -2.54 16.31 -6.03
N TYR A 9 -3.13 15.18 -5.63
CA TYR A 9 -2.85 14.61 -4.32
C TYR A 9 -1.53 13.85 -4.34
N TRP A 10 -0.57 14.30 -3.53
CA TRP A 10 0.73 13.66 -3.45
C TRP A 10 1.29 13.71 -2.04
N PRO A 11 1.09 12.65 -1.24
CA PRO A 11 1.58 12.57 0.14
C PRO A 11 3.11 12.59 0.20
N ALA A 12 3.65 12.63 1.42
CA ALA A 12 5.09 12.63 1.61
C ALA A 12 5.65 11.21 1.59
N ARG A 13 6.95 11.10 1.77
CA ARG A 13 7.61 9.79 1.76
C ARG A 13 7.39 9.06 3.08
N HIS A 14 7.25 7.74 3.00
CA HIS A 14 7.03 6.91 4.19
C HIS A 14 5.73 7.30 4.90
N SER A 15 4.95 8.18 4.29
CA SER A 15 3.69 8.62 4.87
C SER A 15 2.72 7.45 5.01
N GLY A 16 1.66 7.65 5.78
CA GLY A 16 0.68 6.60 5.96
C GLY A 16 0.01 6.20 4.65
N ALA A 17 -0.65 7.15 4.01
CA ALA A 17 -1.34 6.90 2.75
C ALA A 17 -0.37 6.44 1.67
N ARG A 18 0.87 6.89 1.77
CA ARG A 18 1.91 6.55 0.80
C ARG A 18 2.25 5.07 0.89
N VAL A 19 2.63 4.65 2.08
CA VAL A 19 3.03 3.28 2.34
C VAL A 19 1.90 2.27 2.08
N ILE A 20 0.66 2.69 2.33
CA ILE A 20 -0.48 1.79 2.16
C ILE A 20 -0.82 1.53 0.68
N LEU A 21 -0.99 2.59 -0.11
CA LEU A 21 -1.34 2.40 -1.51
C LEU A 21 -0.24 1.67 -2.28
N LEU A 22 1.01 1.87 -1.86
CA LEU A 22 2.13 1.23 -2.52
C LEU A 22 2.17 -0.25 -2.18
N VAL A 23 1.96 -0.54 -0.90
CA VAL A 23 1.98 -1.91 -0.42
C VAL A 23 0.82 -2.71 -1.01
N LEU A 24 -0.33 -2.07 -1.14
CA LEU A 24 -1.50 -2.71 -1.75
C LEU A 24 -1.25 -2.89 -3.23
N TYR A 25 -0.43 -1.99 -3.77
CA TYR A 25 -0.11 -2.00 -5.19
C TYR A 25 0.47 -3.33 -5.65
N ARG A 26 1.60 -3.74 -5.08
CA ARG A 26 2.23 -4.98 -5.49
C ARG A 26 1.29 -6.18 -5.40
N GLU A 27 0.68 -6.38 -4.24
CA GLU A 27 -0.23 -7.51 -4.08
C GLU A 27 -1.39 -7.43 -5.07
N HIS A 28 -1.75 -6.20 -5.43
CA HIS A 28 -2.84 -6.01 -6.39
C HIS A 28 -2.38 -6.41 -7.79
N LEU A 29 -1.11 -6.15 -8.09
CA LEU A 29 -0.57 -6.51 -9.39
C LEU A 29 -0.44 -8.02 -9.51
N ASN A 30 -1.02 -8.73 -8.55
CA ASN A 30 -0.97 -10.19 -8.54
C ASN A 30 -2.30 -10.79 -9.01
N PRO A 31 -2.42 -11.14 -10.30
CA PRO A 31 -3.63 -11.75 -10.85
C PRO A 31 -3.90 -13.12 -10.24
N ASN A 32 -2.82 -13.78 -9.85
CA ASN A 32 -2.95 -15.10 -9.25
C ASN A 32 -2.53 -15.06 -7.78
N GLY A 33 -2.52 -13.85 -7.21
CA GLY A 33 -2.14 -13.72 -5.82
C GLY A 33 -3.33 -13.51 -4.91
N HIS A 34 -3.45 -12.29 -4.38
CA HIS A 34 -4.56 -11.98 -3.49
C HIS A 34 -5.37 -10.79 -4.00
N HIS A 35 -4.73 -9.92 -4.77
CA HIS A 35 -5.40 -8.74 -5.32
C HIS A 35 -5.81 -7.78 -4.19
N PHE A 36 -5.36 -8.11 -2.98
CA PHE A 36 -5.67 -7.30 -1.80
C PHE A 36 -4.86 -7.81 -0.59
N LEU A 37 -5.03 -7.14 0.55
CA LEU A 37 -4.33 -7.54 1.75
C LEU A 37 -5.13 -7.18 2.99
N THR A 38 -5.13 -8.08 3.98
CA THR A 38 -5.84 -7.85 5.22
C THR A 38 -5.04 -6.89 6.10
N LYS A 39 -5.69 -6.28 7.08
CA LYS A 39 -5.03 -5.34 7.97
C LYS A 39 -3.76 -5.94 8.56
N GLU A 40 -3.86 -7.20 8.97
CA GLU A 40 -2.72 -7.91 9.56
C GLU A 40 -1.61 -8.09 8.53
N GLU A 41 -1.98 -8.34 7.28
CA GLU A 41 -1.01 -8.55 6.23
C GLU A 41 -0.33 -7.25 5.83
N LEU A 42 -1.03 -6.13 6.00
CA LEU A 42 -0.48 -4.82 5.64
C LEU A 42 0.73 -4.48 6.49
N LEU A 43 0.59 -4.65 7.80
CA LEU A 43 1.68 -4.36 8.73
C LEU A 43 2.96 -5.12 8.35
N GLN A 44 2.81 -6.40 8.02
CA GLN A 44 3.96 -7.22 7.65
C GLN A 44 4.46 -6.86 6.26
N ARG A 45 3.53 -6.68 5.33
CA ARG A 45 3.88 -6.33 3.96
C ARG A 45 4.71 -5.05 3.89
N CYS A 46 4.17 -4.01 4.50
CA CYS A 46 4.84 -2.70 4.52
C CYS A 46 6.22 -2.80 5.17
N ALA A 47 6.36 -3.72 6.10
CA ALA A 47 7.63 -3.92 6.80
C ALA A 47 8.78 -4.18 5.82
N GLN A 48 8.47 -4.31 4.54
CA GLN A 48 9.51 -4.56 3.55
C GLN A 48 9.88 -3.26 2.86
N LYS A 49 8.94 -2.32 2.87
CA LYS A 49 9.11 -1.00 2.27
C LYS A 49 10.49 -0.43 2.59
N SER A 50 10.73 -0.19 3.88
CA SER A 50 11.99 0.36 4.33
C SER A 50 12.25 -0.01 5.79
N PRO A 51 13.49 -0.44 6.13
CA PRO A 51 13.84 -0.82 7.50
C PRO A 51 13.58 0.32 8.48
N ARG A 52 13.52 1.54 7.97
CA ARG A 52 13.28 2.71 8.80
C ARG A 52 12.03 2.53 9.66
N VAL A 53 11.19 1.56 9.29
CA VAL A 53 9.97 1.29 10.03
C VAL A 53 10.28 0.60 11.36
N ALA A 54 11.56 0.45 11.66
CA ALA A 54 11.99 -0.19 12.90
C ALA A 54 11.52 -1.65 12.97
N PRO A 55 12.19 -2.49 13.77
CA PRO A 55 11.83 -3.90 13.92
C PRO A 55 10.36 -4.09 14.33
N GLY A 56 9.98 -3.48 15.45
CA GLY A 56 8.62 -3.58 15.92
C GLY A 56 7.97 -2.23 16.12
N SER A 57 7.18 -1.81 15.13
CA SER A 57 6.50 -0.52 15.19
C SER A 57 5.16 -0.58 14.47
N ALA A 58 4.17 0.14 15.03
CA ALA A 58 2.84 0.16 14.44
C ALA A 58 2.31 1.60 14.38
N PRO A 59 2.77 2.37 13.38
CA PRO A 59 2.33 3.77 13.21
C PRO A 59 0.84 3.88 12.93
N PRO A 60 0.27 5.10 13.03
CA PRO A 60 -1.15 5.34 12.78
C PRO A 60 -1.60 4.77 11.43
N TRP A 61 -2.51 3.80 11.48
CA TRP A 61 -3.01 3.19 10.26
C TRP A 61 -4.54 3.34 10.07
N PRO A 62 -5.23 4.20 10.86
CA PRO A 62 -6.67 4.40 10.66
C PRO A 62 -6.91 5.27 9.43
N ALA A 63 -5.80 5.68 8.82
CA ALA A 63 -5.82 6.52 7.63
C ALA A 63 -6.58 5.82 6.49
N LEU A 64 -6.61 4.50 6.53
CA LEU A 64 -7.31 3.73 5.51
C LEU A 64 -8.74 4.21 5.35
N ARG A 65 -9.45 4.32 6.47
CA ARG A 65 -10.83 4.78 6.46
C ARG A 65 -10.94 6.13 5.75
N SER A 66 -9.87 6.92 5.85
CA SER A 66 -9.84 8.24 5.21
C SER A 66 -9.69 8.11 3.70
N LEU A 67 -8.83 7.19 3.26
CA LEU A 67 -8.60 6.98 1.84
C LEU A 67 -9.80 6.29 1.18
N LEU A 68 -10.40 5.34 1.91
CA LEU A 68 -11.57 4.64 1.38
C LEU A 68 -12.61 5.68 0.96
N HIS A 69 -12.63 6.78 1.71
CA HIS A 69 -13.55 7.87 1.45
C HIS A 69 -13.19 8.56 0.14
N ARG A 70 -11.89 8.73 -0.10
CA ARG A 70 -11.43 9.36 -1.33
C ARG A 70 -11.56 8.39 -2.50
N ASN A 71 -11.98 7.17 -2.18
CA ASN A 71 -12.17 6.12 -3.18
C ASN A 71 -10.85 5.67 -3.79
N LEU A 72 -9.75 5.87 -3.07
CA LEU A 72 -8.45 5.43 -3.58
C LEU A 72 -8.20 3.99 -3.18
N VAL A 73 -8.82 3.61 -2.07
CA VAL A 73 -8.71 2.25 -1.56
C VAL A 73 -10.10 1.63 -1.42
N LEU A 74 -10.17 0.32 -1.30
CA LEU A 74 -11.45 -0.36 -1.17
C LEU A 74 -11.52 -1.17 0.12
N ARG A 75 -12.66 -1.11 0.79
CA ARG A 75 -12.86 -1.87 2.03
C ARG A 75 -13.85 -3.00 1.79
N THR A 76 -13.71 -4.08 2.57
CA THR A 76 -14.60 -5.22 2.37
C THR A 76 -14.92 -5.98 3.67
N HIS A 77 -15.58 -7.11 3.48
CA HIS A 77 -16.06 -8.01 4.54
C HIS A 77 -15.30 -8.00 5.86
N GLN A 78 -13.99 -8.27 5.82
CA GLN A 78 -13.19 -8.34 7.06
C GLN A 78 -11.94 -9.20 6.85
N PRO A 79 -10.80 -8.85 7.51
CA PRO A 79 -10.69 -7.68 8.39
C PRO A 79 -10.77 -6.38 7.61
N ALA A 80 -11.30 -6.52 6.39
CA ALA A 80 -11.49 -5.42 5.46
C ALA A 80 -10.37 -5.41 4.44
N ARG A 81 -10.44 -6.35 3.51
CA ARG A 81 -9.42 -6.43 2.47
C ARG A 81 -9.40 -5.13 1.68
N TYR A 82 -8.21 -4.56 1.53
CA TYR A 82 -8.10 -3.31 0.81
C TYR A 82 -7.70 -3.53 -0.64
N SER A 83 -8.21 -2.67 -1.52
CA SER A 83 -7.92 -2.79 -2.94
C SER A 83 -7.67 -1.43 -3.57
N LEU A 84 -6.68 -1.37 -4.46
CA LEU A 84 -6.34 -0.13 -5.13
C LEU A 84 -7.34 0.20 -6.23
N THR A 85 -7.97 1.36 -6.11
CA THR A 85 -8.91 1.81 -7.12
C THR A 85 -8.16 2.59 -8.19
N PRO A 86 -8.82 3.10 -9.25
CA PRO A 86 -8.15 3.84 -10.31
C PRO A 86 -7.14 4.87 -9.79
N GLU A 87 -7.55 5.66 -8.83
CA GLU A 87 -6.67 6.69 -8.27
C GLU A 87 -5.55 6.10 -7.41
N GLY A 88 -5.92 5.27 -6.42
CA GLY A 88 -4.91 4.68 -5.57
C GLY A 88 -3.88 3.90 -6.34
N LEU A 89 -4.30 3.34 -7.47
CA LEU A 89 -3.41 2.57 -8.32
C LEU A 89 -2.49 3.48 -9.08
N GLU A 90 -3.08 4.47 -9.73
CA GLU A 90 -2.31 5.44 -10.52
C GLU A 90 -1.23 6.03 -9.65
N LEU A 91 -1.63 6.55 -8.49
CA LEU A 91 -0.69 7.15 -7.57
C LEU A 91 0.32 6.10 -7.11
N ALA A 92 -0.17 4.94 -6.68
CA ALA A 92 0.70 3.87 -6.21
C ALA A 92 1.79 3.55 -7.22
N GLN A 93 1.42 3.49 -8.50
CA GLN A 93 2.38 3.20 -9.55
C GLN A 93 3.49 4.23 -9.49
N LYS A 94 3.11 5.47 -9.17
CA LYS A 94 4.06 6.57 -9.07
C LYS A 94 4.96 6.38 -7.85
N LEU A 95 4.34 6.13 -6.70
CA LEU A 95 5.08 5.90 -5.47
C LEU A 95 6.06 4.76 -5.67
N ALA A 96 5.72 3.89 -6.61
CA ALA A 96 6.55 2.72 -6.92
C ALA A 96 7.78 3.11 -7.71
N GLU A 97 7.66 4.15 -8.52
CA GLU A 97 8.78 4.62 -9.34
C GLU A 97 9.96 4.95 -8.43
N SER A 98 9.65 5.58 -7.31
CA SER A 98 10.67 5.96 -6.34
C SER A 98 11.42 4.74 -5.81
N GLU A 99 10.71 3.63 -5.68
CA GLU A 99 11.32 2.40 -5.19
C GLU A 99 12.00 1.65 -6.33
N GLY A 100 11.93 2.22 -7.53
CA GLY A 100 12.51 1.57 -8.68
C GLY A 100 11.62 0.47 -9.20
N LEU A 101 10.50 0.28 -8.52
CA LEU A 101 9.54 -0.75 -8.90
C LEU A 101 10.16 -2.13 -8.71
N SER A 102 10.77 -2.32 -7.54
CA SER A 102 11.40 -3.58 -7.21
C SER A 102 10.76 -4.17 -5.95
N LEU A 103 9.47 -3.92 -5.80
CA LEU A 103 8.75 -4.43 -4.63
C LEU A 103 8.19 -5.82 -4.91
N LEU A 104 7.17 -5.88 -5.74
CA LEU A 104 6.55 -7.15 -6.10
C LEU A 104 7.59 -8.14 -6.63
N ASN A 105 8.43 -7.66 -7.55
CA ASN A 105 9.47 -8.49 -8.14
C ASN A 105 10.85 -8.10 -7.61
N VAL A 106 11.60 -9.09 -7.13
CA VAL A 106 12.93 -8.85 -6.59
C VAL A 106 13.93 -9.88 -7.12
N GLY A 107 13.42 -10.92 -7.76
CA GLY A 107 14.28 -11.95 -8.30
C GLY A 107 13.55 -12.89 -9.24
N ILE A 108 13.65 -14.18 -8.98
CA ILE A 108 12.99 -15.18 -9.81
C ILE A 108 11.50 -15.29 -9.49
N GLY A 109 10.68 -15.44 -10.53
CA GLY A 109 9.25 -15.55 -10.32
C GLY A 109 8.46 -15.07 -11.53
N GLY A 7 -7.59 19.93 -5.57
CA GLY A 7 -7.73 19.05 -6.76
C GLY A 7 -6.70 17.93 -6.79
N SER A 8 -5.45 18.27 -6.50
CA SER A 8 -4.36 17.30 -6.49
C SER A 8 -4.03 16.87 -5.07
N TYR A 9 -3.58 15.63 -4.91
CA TYR A 9 -3.23 15.10 -3.60
C TYR A 9 -1.95 14.27 -3.69
N TRP A 10 -0.91 14.70 -2.97
CA TRP A 10 0.37 14.00 -2.98
C TRP A 10 0.96 13.92 -1.57
N PRO A 11 0.87 12.74 -0.92
CA PRO A 11 1.41 12.54 0.43
C PRO A 11 2.93 12.54 0.43
N ALA A 12 3.52 12.64 1.62
CA ALA A 12 4.97 12.64 1.75
C ALA A 12 5.55 11.27 1.44
N ARG A 13 6.82 11.06 1.75
CA ARG A 13 7.48 9.78 1.49
C ARG A 13 7.36 8.84 2.67
N HIS A 14 7.09 7.57 2.37
CA HIS A 14 6.96 6.54 3.41
C HIS A 14 5.84 6.88 4.40
N SER A 15 5.00 7.85 4.04
CA SER A 15 3.90 8.24 4.91
C SER A 15 2.90 7.10 5.08
N GLY A 16 1.98 7.24 6.02
CA GLY A 16 1.00 6.20 6.24
C GLY A 16 0.23 5.86 4.98
N ALA A 17 -0.47 6.84 4.42
CA ALA A 17 -1.24 6.63 3.20
C ALA A 17 -0.34 6.24 2.04
N ARG A 18 0.91 6.68 2.09
CA ARG A 18 1.87 6.39 1.03
C ARG A 18 2.20 4.91 0.99
N VAL A 19 2.66 4.39 2.12
CA VAL A 19 3.05 3.01 2.23
C VAL A 19 1.88 2.05 1.97
N ILE A 20 0.67 2.44 2.35
CA ILE A 20 -0.48 1.57 2.16
C ILE A 20 -0.86 1.39 0.70
N LEU A 21 -1.04 2.48 -0.04
CA LEU A 21 -1.42 2.34 -1.44
C LEU A 21 -0.33 1.65 -2.25
N LEU A 22 0.93 1.88 -1.87
CA LEU A 22 2.04 1.30 -2.56
C LEU A 22 2.14 -0.19 -2.30
N VAL A 23 1.93 -0.56 -1.04
CA VAL A 23 1.99 -1.95 -0.63
C VAL A 23 0.81 -2.72 -1.22
N LEU A 24 -0.39 -2.12 -1.19
CA LEU A 24 -1.56 -2.76 -1.77
C LEU A 24 -1.36 -2.90 -3.26
N TYR A 25 -0.56 -2.00 -3.82
CA TYR A 25 -0.29 -1.99 -5.25
C TYR A 25 0.29 -3.32 -5.71
N ARG A 26 1.45 -3.69 -5.18
CA ARG A 26 2.08 -4.94 -5.61
C ARG A 26 1.15 -6.13 -5.36
N GLU A 27 0.57 -6.18 -4.17
CA GLU A 27 -0.35 -7.28 -3.87
C GLU A 27 -1.50 -7.31 -4.87
N HIS A 28 -1.83 -6.14 -5.42
CA HIS A 28 -2.92 -6.05 -6.38
C HIS A 28 -2.47 -6.56 -7.76
N LEU A 29 -1.26 -6.18 -8.16
CA LEU A 29 -0.73 -6.61 -9.45
C LEU A 29 -0.51 -8.11 -9.49
N ASN A 30 -0.68 -8.75 -8.35
CA ASN A 30 -0.49 -10.20 -8.25
C ASN A 30 -1.38 -10.96 -9.23
N PRO A 31 -0.77 -11.53 -10.30
CA PRO A 31 -1.51 -12.30 -11.31
C PRO A 31 -2.19 -13.53 -10.71
N ASN A 32 -1.50 -14.22 -9.82
CA ASN A 32 -2.05 -15.41 -9.20
C ASN A 32 -2.37 -15.17 -7.73
N GLY A 33 -1.92 -14.03 -7.22
CA GLY A 33 -2.16 -13.68 -5.84
C GLY A 33 -3.45 -12.93 -5.65
N HIS A 34 -3.77 -12.60 -4.40
CA HIS A 34 -4.99 -11.88 -4.09
C HIS A 34 -4.81 -10.38 -4.35
N HIS A 35 -5.76 -9.78 -5.04
CA HIS A 35 -5.71 -8.35 -5.35
C HIS A 35 -6.08 -7.52 -4.12
N PHE A 36 -5.74 -8.03 -2.95
CA PHE A 36 -6.06 -7.35 -1.69
C PHE A 36 -5.24 -7.92 -0.54
N LEU A 37 -5.42 -7.33 0.63
CA LEU A 37 -4.72 -7.76 1.84
C LEU A 37 -5.41 -7.19 3.07
N THR A 38 -5.31 -7.89 4.20
CA THR A 38 -5.93 -7.40 5.42
C THR A 38 -5.01 -6.42 6.13
N LYS A 39 -5.61 -5.46 6.84
CA LYS A 39 -4.81 -4.46 7.54
C LYS A 39 -3.75 -5.11 8.42
N GLU A 40 -4.15 -6.12 9.17
CA GLU A 40 -3.20 -6.82 10.05
C GLU A 40 -2.00 -7.36 9.25
N GLU A 41 -2.27 -7.81 8.03
CA GLU A 41 -1.21 -8.35 7.18
C GLU A 41 -0.30 -7.24 6.67
N LEU A 42 -0.90 -6.10 6.34
CA LEU A 42 -0.13 -4.97 5.84
C LEU A 42 0.97 -4.56 6.82
N LEU A 43 0.72 -4.75 8.11
CA LEU A 43 1.71 -4.40 9.13
C LEU A 43 3.06 -5.03 8.81
N GLN A 44 3.03 -6.30 8.42
CA GLN A 44 4.26 -7.01 8.08
C GLN A 44 4.78 -6.53 6.73
N ARG A 45 3.84 -6.30 5.81
CA ARG A 45 4.17 -5.82 4.47
C ARG A 45 5.00 -4.55 4.53
N CYS A 46 4.54 -3.60 5.36
CA CYS A 46 5.23 -2.32 5.52
C CYS A 46 6.69 -2.52 5.91
N ALA A 47 6.95 -3.60 6.65
CA ALA A 47 8.32 -3.90 7.08
C ALA A 47 9.18 -4.30 5.89
N GLN A 48 8.58 -4.35 4.71
CA GLN A 48 9.33 -4.72 3.51
C GLN A 48 9.71 -3.46 2.74
N LYS A 49 8.90 -2.43 2.92
CA LYS A 49 9.11 -1.14 2.25
C LYS A 49 10.55 -0.68 2.40
N SER A 50 11.12 -0.93 3.58
CA SER A 50 12.49 -0.55 3.86
C SER A 50 13.10 -1.46 4.92
N PRO A 51 14.26 -2.07 4.63
CA PRO A 51 14.93 -2.97 5.58
C PRO A 51 15.01 -2.37 6.98
N ARG A 52 15.57 -1.17 7.07
CA ARG A 52 15.69 -0.50 8.36
C ARG A 52 14.89 0.79 8.38
N VAL A 53 13.68 0.72 8.93
CA VAL A 53 12.82 1.88 9.01
C VAL A 53 13.11 2.67 10.28
N ALA A 54 12.52 3.87 10.39
CA ALA A 54 12.73 4.71 11.57
C ALA A 54 12.48 3.93 12.86
N PRO A 55 13.40 4.02 13.83
CA PRO A 55 13.27 3.31 15.12
C PRO A 55 11.97 3.65 15.85
N GLY A 56 11.22 2.60 16.21
CA GLY A 56 9.97 2.81 16.91
C GLY A 56 9.03 3.75 16.17
N SER A 57 8.93 3.57 14.86
CA SER A 57 8.07 4.41 14.04
C SER A 57 6.74 3.72 13.77
N ALA A 58 5.65 4.43 14.05
CA ALA A 58 4.31 3.88 13.84
C ALA A 58 3.35 4.98 13.37
N PRO A 59 3.44 5.36 12.08
CA PRO A 59 2.58 6.40 11.51
C PRO A 59 1.11 6.00 11.54
N PRO A 60 0.19 6.99 11.53
CA PRO A 60 -1.25 6.72 11.56
C PRO A 60 -1.70 5.89 10.36
N TRP A 61 -1.98 4.62 10.61
CA TRP A 61 -2.42 3.72 9.55
C TRP A 61 -3.94 3.73 9.36
N PRO A 62 -4.73 3.89 10.44
CA PRO A 62 -6.19 3.93 10.32
C PRO A 62 -6.66 4.92 9.24
N ALA A 63 -5.73 5.76 8.79
CA ALA A 63 -6.01 6.74 7.75
C ALA A 63 -6.53 6.08 6.48
N LEU A 64 -6.13 4.83 6.27
CA LEU A 64 -6.57 4.09 5.09
C LEU A 64 -8.08 4.15 4.93
N ARG A 65 -8.79 4.20 6.05
CA ARG A 65 -10.25 4.29 6.00
C ARG A 65 -10.65 5.54 5.23
N SER A 66 -10.03 6.66 5.59
CA SER A 66 -10.30 7.91 4.92
C SER A 66 -9.94 7.82 3.45
N LEU A 67 -8.94 6.99 3.14
CA LEU A 67 -8.51 6.81 1.75
C LEU A 67 -9.59 6.15 0.91
N LEU A 68 -10.35 5.23 1.53
CA LEU A 68 -11.43 4.55 0.82
C LEU A 68 -12.35 5.61 0.24
N HIS A 69 -12.57 6.66 1.01
CA HIS A 69 -13.42 7.76 0.62
C HIS A 69 -12.88 8.43 -0.63
N ARG A 70 -11.57 8.68 -0.66
CA ARG A 70 -10.94 9.31 -1.80
C ARG A 70 -11.07 8.40 -3.03
N ASN A 71 -11.17 7.10 -2.77
CA ASN A 71 -11.34 6.09 -3.83
C ASN A 71 -9.99 5.58 -4.32
N LEU A 72 -9.08 5.37 -3.37
CA LEU A 72 -7.76 4.86 -3.68
C LEU A 72 -7.64 3.44 -3.15
N VAL A 73 -8.47 3.14 -2.17
CA VAL A 73 -8.52 1.82 -1.56
C VAL A 73 -9.95 1.33 -1.52
N LEU A 74 -10.13 0.03 -1.33
CA LEU A 74 -11.46 -0.55 -1.29
C LEU A 74 -11.61 -1.49 -0.10
N ARG A 75 -12.55 -1.18 0.79
CA ARG A 75 -12.77 -2.01 1.98
C ARG A 75 -13.71 -3.17 1.66
N THR A 76 -13.56 -4.26 2.41
CA THR A 76 -14.40 -5.43 2.18
C THR A 76 -15.02 -5.97 3.47
N HIS A 77 -15.73 -7.08 3.34
CA HIS A 77 -16.45 -7.73 4.43
C HIS A 77 -15.83 -7.59 5.82
N GLN A 78 -14.59 -8.07 6.00
CA GLN A 78 -13.97 -7.97 7.32
C GLN A 78 -12.63 -8.72 7.37
N PRO A 79 -11.61 -8.16 8.07
CA PRO A 79 -11.69 -6.87 8.76
C PRO A 79 -12.00 -5.75 7.78
N ALA A 80 -11.82 -6.11 6.52
CA ALA A 80 -12.06 -5.24 5.37
C ALA A 80 -10.93 -5.38 4.37
N ARG A 81 -11.09 -6.30 3.43
CA ARG A 81 -10.05 -6.50 2.42
C ARG A 81 -9.84 -5.20 1.66
N TYR A 82 -8.59 -4.78 1.53
CA TYR A 82 -8.30 -3.53 0.85
C TYR A 82 -7.75 -3.77 -0.55
N SER A 83 -8.20 -2.95 -1.49
CA SER A 83 -7.77 -3.08 -2.88
C SER A 83 -7.66 -1.70 -3.53
N LEU A 84 -6.56 -1.48 -4.24
CA LEU A 84 -6.33 -0.20 -4.90
C LEU A 84 -7.39 0.07 -5.96
N THR A 85 -8.04 1.23 -5.84
CA THR A 85 -9.04 1.61 -6.82
C THR A 85 -8.36 2.41 -7.94
N PRO A 86 -9.09 2.85 -8.99
CA PRO A 86 -8.48 3.61 -10.09
C PRO A 86 -7.54 4.71 -9.61
N GLU A 87 -7.95 5.42 -8.58
CA GLU A 87 -7.13 6.50 -8.03
C GLU A 87 -5.90 5.95 -7.31
N GLY A 88 -6.12 5.03 -6.37
CA GLY A 88 -4.99 4.46 -5.64
C GLY A 88 -4.02 3.76 -6.56
N LEU A 89 -4.54 3.26 -7.68
CA LEU A 89 -3.71 2.58 -8.65
C LEU A 89 -2.75 3.58 -9.28
N GLU A 90 -3.31 4.70 -9.73
CA GLU A 90 -2.49 5.73 -10.36
C GLU A 90 -1.49 6.29 -9.36
N LEU A 91 -2.00 6.70 -8.21
CA LEU A 91 -1.16 7.27 -7.18
C LEU A 91 -0.08 6.28 -6.77
N ALA A 92 -0.45 5.01 -6.64
CA ALA A 92 0.50 3.98 -6.24
C ALA A 92 1.62 3.80 -7.25
N GLN A 93 1.29 3.83 -8.54
CA GLN A 93 2.30 3.67 -9.57
C GLN A 93 3.36 4.74 -9.39
N LYS A 94 2.92 5.92 -8.95
CA LYS A 94 3.82 7.02 -8.71
C LYS A 94 4.73 6.74 -7.52
N LEU A 95 4.12 6.34 -6.40
CA LEU A 95 4.88 6.02 -5.20
C LEU A 95 5.86 4.89 -5.46
N ALA A 96 5.55 4.10 -6.47
CA ALA A 96 6.38 2.96 -6.84
C ALA A 96 7.65 3.41 -7.56
N GLU A 97 7.55 4.52 -8.27
CA GLU A 97 8.69 5.07 -9.01
C GLU A 97 9.86 5.29 -8.07
N SER A 98 9.55 5.83 -6.90
CA SER A 98 10.57 6.11 -5.89
C SER A 98 11.27 4.83 -5.44
N GLU A 99 10.56 3.72 -5.44
CA GLU A 99 11.14 2.45 -5.01
C GLU A 99 11.74 1.72 -6.21
N GLY A 100 11.68 2.36 -7.37
CA GLY A 100 12.18 1.71 -8.57
C GLY A 100 11.21 0.67 -9.06
N LEU A 101 10.07 0.60 -8.37
CA LEU A 101 9.01 -0.35 -8.70
C LEU A 101 9.52 -1.79 -8.59
N SER A 102 10.53 -1.98 -7.75
CA SER A 102 11.10 -3.31 -7.55
C SER A 102 10.50 -3.98 -6.32
N LEU A 103 9.26 -3.59 -6.00
CA LEU A 103 8.57 -4.16 -4.83
C LEU A 103 8.07 -5.56 -5.11
N LEU A 104 7.02 -5.65 -5.93
CA LEU A 104 6.44 -6.95 -6.28
C LEU A 104 7.51 -7.92 -6.78
N ASN A 105 8.55 -7.36 -7.39
CA ASN A 105 9.64 -8.18 -7.91
C ASN A 105 10.98 -7.46 -7.76
N VAL A 106 11.89 -8.07 -7.00
CA VAL A 106 13.21 -7.49 -6.77
C VAL A 106 14.32 -8.48 -7.15
N GLY A 107 15.42 -7.95 -7.67
CA GLY A 107 16.53 -8.80 -8.07
C GLY A 107 17.85 -8.29 -7.53
N ILE A 108 18.56 -9.15 -6.80
CA ILE A 108 19.85 -8.79 -6.23
C ILE A 108 20.99 -9.17 -7.17
N GLY A 109 22.01 -8.32 -7.23
CA GLY A 109 23.15 -8.58 -8.08
C GLY A 109 23.87 -7.33 -8.50
N GLY A 7 -1.67 15.25 -11.59
CA GLY A 7 -0.95 15.38 -10.28
C GLY A 7 -1.60 16.38 -9.36
N SER A 8 -2.12 15.89 -8.23
CA SER A 8 -2.78 16.75 -7.25
C SER A 8 -2.49 16.28 -5.84
N TYR A 9 -2.94 15.06 -5.52
CA TYR A 9 -2.74 14.50 -4.19
C TYR A 9 -1.45 13.67 -4.15
N TRP A 10 -0.53 14.07 -3.27
CA TRP A 10 0.75 13.38 -3.13
C TRP A 10 1.24 13.42 -1.69
N PRO A 11 0.97 12.35 -0.90
CA PRO A 11 1.38 12.29 0.50
C PRO A 11 2.91 12.26 0.65
N ALA A 12 3.37 12.15 1.89
CA ALA A 12 4.80 12.12 2.17
C ALA A 12 5.31 10.69 2.25
N ARG A 13 6.62 10.52 2.30
CA ARG A 13 7.23 9.20 2.37
C ARG A 13 7.02 8.57 3.75
N HIS A 14 6.92 7.24 3.78
CA HIS A 14 6.73 6.51 5.02
C HIS A 14 5.42 6.90 5.71
N SER A 15 4.59 7.67 5.00
CA SER A 15 3.30 8.09 5.55
C SER A 15 2.31 6.95 5.55
N GLY A 16 1.21 7.11 6.28
CA GLY A 16 0.20 6.08 6.35
C GLY A 16 -0.43 5.79 5.00
N ALA A 17 -1.06 6.79 4.42
CA ALA A 17 -1.71 6.65 3.12
C ALA A 17 -0.71 6.25 2.04
N ARG A 18 0.53 6.69 2.20
CA ARG A 18 1.58 6.39 1.24
C ARG A 18 1.94 4.91 1.26
N VAL A 19 2.31 4.45 2.45
CA VAL A 19 2.71 3.07 2.64
C VAL A 19 1.62 2.08 2.25
N ILE A 20 0.36 2.43 2.48
CA ILE A 20 -0.73 1.52 2.16
C ILE A 20 -0.96 1.38 0.66
N LEU A 21 -1.13 2.49 -0.04
CA LEU A 21 -1.38 2.40 -1.48
C LEU A 21 -0.20 1.73 -2.21
N LEU A 22 1.02 1.97 -1.75
CA LEU A 22 2.17 1.39 -2.40
C LEU A 22 2.26 -0.10 -2.13
N VAL A 23 2.13 -0.46 -0.87
CA VAL A 23 2.20 -1.85 -0.46
C VAL A 23 1.05 -2.66 -1.07
N LEU A 24 -0.14 -2.06 -1.12
CA LEU A 24 -1.28 -2.73 -1.73
C LEU A 24 -1.06 -2.85 -3.22
N TYR A 25 -0.30 -1.91 -3.76
CA TYR A 25 -0.02 -1.90 -5.19
C TYR A 25 0.57 -3.21 -5.68
N ARG A 26 1.74 -3.58 -5.15
CA ARG A 26 2.39 -4.82 -5.58
C ARG A 26 1.46 -6.03 -5.40
N GLU A 27 0.91 -6.17 -4.20
CA GLU A 27 0.01 -7.31 -3.97
C GLU A 27 -1.18 -7.26 -4.92
N HIS A 28 -1.53 -6.05 -5.36
CA HIS A 28 -2.65 -5.92 -6.29
C HIS A 28 -2.26 -6.43 -7.67
N LEU A 29 -1.03 -6.10 -8.09
CA LEU A 29 -0.54 -6.52 -9.39
C LEU A 29 -0.34 -8.03 -9.44
N ASN A 30 -0.52 -8.69 -8.30
CA ASN A 30 -0.35 -10.13 -8.22
C ASN A 30 -1.28 -10.87 -9.16
N PRO A 31 -0.73 -11.46 -10.24
CA PRO A 31 -1.53 -12.23 -11.20
C PRO A 31 -2.06 -13.51 -10.59
N ASN A 32 -1.27 -14.10 -9.70
CA ASN A 32 -1.66 -15.33 -9.04
C ASN A 32 -2.07 -15.08 -7.60
N GLY A 33 -1.70 -13.93 -7.08
CA GLY A 33 -2.03 -13.58 -5.72
C GLY A 33 -3.33 -12.81 -5.61
N HIS A 34 -3.68 -12.40 -4.40
CA HIS A 34 -4.91 -11.66 -4.18
C HIS A 34 -4.68 -10.16 -4.41
N HIS A 35 -5.65 -9.50 -5.04
CA HIS A 35 -5.56 -8.08 -5.32
C HIS A 35 -5.91 -7.25 -4.09
N PHE A 36 -5.60 -7.79 -2.91
CA PHE A 36 -5.89 -7.09 -1.66
C PHE A 36 -5.03 -7.60 -0.52
N LEU A 37 -5.19 -6.97 0.64
CA LEU A 37 -4.46 -7.34 1.84
C LEU A 37 -5.17 -6.85 3.09
N THR A 38 -4.90 -7.50 4.22
CA THR A 38 -5.51 -7.11 5.48
C THR A 38 -4.54 -6.23 6.27
N LYS A 39 -5.08 -5.35 7.11
CA LYS A 39 -4.22 -4.46 7.88
C LYS A 39 -3.15 -5.25 8.63
N GLU A 40 -3.49 -6.46 9.04
CA GLU A 40 -2.55 -7.31 9.75
C GLU A 40 -1.41 -7.74 8.82
N GLU A 41 -1.74 -8.01 7.56
CA GLU A 41 -0.74 -8.43 6.58
C GLU A 41 0.15 -7.26 6.19
N LEU A 42 -0.45 -6.08 6.07
CA LEU A 42 0.30 -4.89 5.69
C LEU A 42 1.47 -4.66 6.64
N LEU A 43 1.31 -5.06 7.90
CA LEU A 43 2.35 -4.90 8.89
C LEU A 43 3.66 -5.52 8.41
N GLN A 44 3.59 -6.80 8.02
CA GLN A 44 4.76 -7.51 7.53
C GLN A 44 5.12 -7.05 6.12
N ARG A 45 4.09 -6.87 5.29
CA ARG A 45 4.26 -6.45 3.91
C ARG A 45 5.08 -5.16 3.82
N CYS A 46 4.72 -4.19 4.64
CA CYS A 46 5.39 -2.90 4.68
C CYS A 46 6.89 -3.06 4.91
N ALA A 47 7.28 -4.10 5.64
CA ALA A 47 8.69 -4.35 5.92
C ALA A 47 9.51 -4.31 4.63
N GLN A 48 8.91 -4.72 3.53
CA GLN A 48 9.61 -4.71 2.24
C GLN A 48 9.41 -3.37 1.57
N LYS A 49 8.33 -2.71 1.96
CA LYS A 49 7.98 -1.40 1.43
C LYS A 49 9.01 -0.36 1.87
N SER A 50 9.67 -0.65 2.99
CA SER A 50 10.70 0.24 3.53
C SER A 50 11.71 -0.54 4.34
N PRO A 51 13.01 -0.20 4.25
CA PRO A 51 14.06 -0.90 4.99
C PRO A 51 13.88 -0.75 6.50
N ARG A 52 14.22 0.42 7.02
CA ARG A 52 14.08 0.66 8.45
C ARG A 52 12.63 0.56 8.88
N VAL A 53 12.23 -0.62 9.35
CA VAL A 53 10.87 -0.86 9.80
C VAL A 53 10.87 -1.57 11.15
N ALA A 54 10.01 -1.13 12.05
CA ALA A 54 9.92 -1.72 13.38
C ALA A 54 9.04 -2.97 13.37
N PRO A 55 9.39 -3.99 14.18
CA PRO A 55 8.62 -5.23 14.25
C PRO A 55 7.16 -4.99 14.63
N GLY A 56 6.97 -4.32 15.76
CA GLY A 56 5.63 -4.01 16.22
C GLY A 56 5.15 -2.66 15.75
N SER A 57 5.65 -2.23 14.60
CA SER A 57 5.29 -0.93 14.03
C SER A 57 3.78 -0.84 13.84
N ALA A 58 3.13 -0.05 14.68
CA ALA A 58 1.68 0.13 14.59
C ALA A 58 1.28 1.60 14.82
N PRO A 59 1.72 2.50 13.92
CA PRO A 59 1.41 3.93 14.03
C PRO A 59 0.01 4.25 13.49
N PRO A 60 -0.50 5.48 13.73
CA PRO A 60 -1.82 5.89 13.26
C PRO A 60 -2.09 5.46 11.83
N TRP A 61 -2.82 4.34 11.69
CA TRP A 61 -3.16 3.83 10.37
C TRP A 61 -4.66 3.83 10.08
N PRO A 62 -5.55 4.22 11.02
CA PRO A 62 -6.99 4.26 10.74
C PRO A 62 -7.29 5.12 9.51
N ALA A 63 -6.25 5.78 9.01
CA ALA A 63 -6.35 6.63 7.84
C ALA A 63 -6.97 5.87 6.67
N LEU A 64 -6.94 4.55 6.73
CA LEU A 64 -7.52 3.72 5.67
C LEU A 64 -8.94 4.18 5.35
N ARG A 65 -9.75 4.33 6.38
CA ARG A 65 -11.13 4.78 6.20
C ARG A 65 -11.17 6.12 5.45
N SER A 66 -10.18 6.96 5.71
CA SER A 66 -10.10 8.26 5.06
C SER A 66 -9.86 8.12 3.57
N LEU A 67 -9.05 7.13 3.18
CA LEU A 67 -8.75 6.90 1.78
C LEU A 67 -9.93 6.25 1.05
N LEU A 68 -10.56 5.29 1.70
CA LEU A 68 -11.72 4.62 1.12
C LEU A 68 -12.73 5.68 0.68
N HIS A 69 -12.80 6.73 1.48
CA HIS A 69 -13.69 7.83 1.21
C HIS A 69 -13.29 8.54 -0.08
N ARG A 70 -11.98 8.67 -0.29
CA ARG A 70 -11.45 9.32 -1.48
C ARG A 70 -11.55 8.38 -2.67
N ASN A 71 -11.95 7.14 -2.41
CA ASN A 71 -12.11 6.13 -3.45
C ASN A 71 -10.76 5.69 -4.02
N LEU A 72 -9.69 5.90 -3.25
CA LEU A 72 -8.36 5.49 -3.69
C LEU A 72 -8.11 4.04 -3.32
N VAL A 73 -8.85 3.58 -2.32
CA VAL A 73 -8.75 2.20 -1.85
C VAL A 73 -10.14 1.57 -1.79
N LEU A 74 -10.19 0.27 -1.55
CA LEU A 74 -11.46 -0.44 -1.48
C LEU A 74 -11.56 -1.24 -0.20
N ARG A 75 -12.67 -1.07 0.54
CA ARG A 75 -12.88 -1.78 1.79
C ARG A 75 -13.76 -3.01 1.57
N THR A 76 -13.58 -4.01 2.44
CA THR A 76 -14.35 -5.24 2.32
C THR A 76 -15.02 -5.63 3.65
N HIS A 77 -15.64 -6.80 3.64
CA HIS A 77 -16.39 -7.35 4.76
C HIS A 77 -15.92 -6.89 6.15
N GLN A 78 -14.64 -7.14 6.47
CA GLN A 78 -14.06 -6.75 7.79
C GLN A 78 -13.37 -7.96 8.45
N PRO A 79 -12.02 -7.93 8.65
CA PRO A 79 -11.15 -6.81 8.26
C PRO A 79 -11.34 -6.41 6.80
N ALA A 80 -11.76 -5.17 6.60
CA ALA A 80 -12.02 -4.70 5.25
C ALA A 80 -10.82 -4.92 4.36
N ARG A 81 -10.91 -5.92 3.49
CA ARG A 81 -9.84 -6.19 2.56
C ARG A 81 -9.61 -4.95 1.71
N TYR A 82 -8.37 -4.50 1.63
CA TYR A 82 -8.09 -3.29 0.87
C TYR A 82 -7.49 -3.59 -0.50
N SER A 83 -7.93 -2.81 -1.48
CA SER A 83 -7.46 -2.96 -2.85
C SER A 83 -7.40 -1.61 -3.54
N LEU A 84 -6.30 -1.37 -4.25
CA LEU A 84 -6.10 -0.11 -4.95
C LEU A 84 -7.17 0.13 -6.01
N THR A 85 -7.84 1.27 -5.91
CA THR A 85 -8.85 1.62 -6.90
C THR A 85 -8.16 2.40 -8.03
N PRO A 86 -8.88 2.85 -9.08
CA PRO A 86 -8.27 3.59 -10.19
C PRO A 86 -7.27 4.65 -9.74
N GLU A 87 -7.64 5.46 -8.76
CA GLU A 87 -6.76 6.52 -8.26
C GLU A 87 -5.59 5.96 -7.46
N GLY A 88 -5.88 5.10 -6.48
CA GLY A 88 -4.79 4.53 -5.69
C GLY A 88 -3.82 3.76 -6.54
N LEU A 89 -4.32 3.15 -7.61
CA LEU A 89 -3.47 2.39 -8.52
C LEU A 89 -2.51 3.33 -9.23
N GLU A 90 -3.07 4.40 -9.78
CA GLU A 90 -2.26 5.38 -10.49
C GLU A 90 -1.22 6.00 -9.57
N LEU A 91 -1.70 6.54 -8.46
CA LEU A 91 -0.81 7.18 -7.50
C LEU A 91 0.25 6.20 -7.03
N ALA A 92 -0.19 5.01 -6.59
CA ALA A 92 0.73 4.00 -6.10
C ALA A 92 1.74 3.61 -7.17
N GLN A 93 1.29 3.57 -8.42
CA GLN A 93 2.16 3.23 -9.52
C GLN A 93 3.34 4.18 -9.55
N LYS A 94 3.05 5.43 -9.17
CA LYS A 94 4.07 6.46 -9.13
C LYS A 94 5.00 6.25 -7.94
N LEU A 95 4.43 6.00 -6.78
CA LEU A 95 5.22 5.76 -5.57
C LEU A 95 6.20 4.62 -5.81
N ALA A 96 5.82 3.73 -6.70
CA ALA A 96 6.64 2.57 -7.04
C ALA A 96 7.88 2.99 -7.82
N GLU A 97 7.72 4.00 -8.67
CA GLU A 97 8.82 4.50 -9.48
C GLU A 97 9.99 4.88 -8.59
N SER A 98 9.67 5.56 -7.49
CA SER A 98 10.68 5.99 -6.53
C SER A 98 11.39 4.80 -5.89
N GLU A 99 10.67 3.68 -5.78
CA GLU A 99 11.24 2.48 -5.19
C GLU A 99 11.93 1.64 -6.26
N GLY A 100 11.86 2.11 -7.49
CA GLY A 100 12.46 1.36 -8.58
C GLY A 100 11.51 0.27 -9.04
N LEU A 101 10.35 0.22 -8.39
CA LEU A 101 9.33 -0.77 -8.71
C LEU A 101 9.85 -2.18 -8.48
N SER A 102 10.68 -2.33 -7.45
CA SER A 102 11.25 -3.63 -7.12
C SER A 102 10.58 -4.20 -5.88
N LEU A 103 9.32 -3.81 -5.66
CA LEU A 103 8.57 -4.28 -4.50
C LEU A 103 8.07 -5.70 -4.72
N LEU A 104 7.09 -5.84 -5.59
CA LEU A 104 6.52 -7.16 -5.89
C LEU A 104 7.62 -8.18 -6.14
N ASN A 105 8.53 -7.86 -7.06
CA ASN A 105 9.63 -8.75 -7.38
C ASN A 105 10.93 -8.27 -6.72
N VAL A 106 11.55 -9.17 -5.96
CA VAL A 106 12.79 -8.85 -5.27
C VAL A 106 13.87 -9.89 -5.54
N GLY A 107 13.43 -11.12 -5.80
CA GLY A 107 14.37 -12.20 -6.06
C GLY A 107 14.05 -13.45 -5.29
N ILE A 108 14.68 -14.56 -5.67
CA ILE A 108 14.45 -15.84 -4.99
C ILE A 108 15.74 -16.63 -4.88
N GLY A 109 15.93 -17.28 -3.74
CA GLY A 109 17.14 -18.07 -3.53
C GLY A 109 17.02 -19.01 -2.35
N GLY A 7 -2.22 15.76 -10.54
CA GLY A 7 -1.34 16.01 -9.36
C GLY A 7 -1.88 17.09 -8.46
N SER A 8 -2.49 16.68 -7.35
CA SER A 8 -3.07 17.63 -6.39
C SER A 8 -2.99 17.08 -4.97
N TYR A 9 -3.04 15.75 -4.86
CA TYR A 9 -2.97 15.10 -3.55
C TYR A 9 -1.54 14.74 -3.20
N TRP A 10 -0.99 13.74 -3.88
CA TRP A 10 0.37 13.30 -3.65
C TRP A 10 0.67 13.11 -2.16
N PRO A 11 0.58 11.86 -1.66
CA PRO A 11 0.84 11.56 -0.24
C PRO A 11 2.27 11.94 0.16
N ALA A 12 2.50 12.08 1.46
CA ALA A 12 3.82 12.44 1.97
C ALA A 12 4.81 11.28 1.79
N ARG A 13 6.05 11.50 2.21
CA ARG A 13 7.08 10.48 2.10
C ARG A 13 7.10 9.57 3.32
N HIS A 14 7.18 8.27 3.07
CA HIS A 14 7.21 7.27 4.15
C HIS A 14 5.95 7.38 5.01
N SER A 15 4.98 8.16 4.55
CA SER A 15 3.73 8.34 5.29
C SER A 15 2.88 7.09 5.20
N GLY A 16 1.89 6.99 6.10
CA GLY A 16 1.02 5.83 6.10
C GLY A 16 0.27 5.64 4.78
N ALA A 17 -0.41 6.70 4.35
CA ALA A 17 -1.17 6.64 3.10
C ALA A 17 -0.29 6.23 1.91
N ARG A 18 0.98 6.61 1.95
CA ARG A 18 1.89 6.26 0.88
C ARG A 18 2.24 4.78 0.91
N VAL A 19 2.75 4.34 2.05
CA VAL A 19 3.14 2.96 2.22
C VAL A 19 2.02 1.99 1.87
N ILE A 20 0.79 2.37 2.20
CA ILE A 20 -0.35 1.49 1.95
C ILE A 20 -0.69 1.37 0.46
N LEU A 21 -0.89 2.49 -0.21
CA LEU A 21 -1.24 2.41 -1.63
C LEU A 21 -0.13 1.75 -2.45
N LEU A 22 1.12 1.95 -2.05
CA LEU A 22 2.24 1.37 -2.76
C LEU A 22 2.32 -0.13 -2.54
N VAL A 23 2.11 -0.52 -1.30
CA VAL A 23 2.16 -1.91 -0.92
C VAL A 23 0.96 -2.69 -1.47
N LEU A 24 -0.22 -2.07 -1.40
CA LEU A 24 -1.40 -2.69 -1.95
C LEU A 24 -1.23 -2.84 -3.46
N TYR A 25 -0.46 -1.92 -4.01
CA TYR A 25 -0.18 -1.91 -5.44
C TYR A 25 0.36 -3.25 -5.92
N ARG A 26 1.49 -3.67 -5.38
CA ARG A 26 2.07 -4.93 -5.80
C ARG A 26 1.11 -6.11 -5.59
N GLU A 27 0.62 -6.26 -4.36
CA GLU A 27 -0.30 -7.35 -4.08
C GLU A 27 -1.56 -7.29 -4.95
N HIS A 28 -1.94 -6.08 -5.33
CA HIS A 28 -3.12 -5.93 -6.18
C HIS A 28 -2.89 -6.52 -7.55
N LEU A 29 -1.73 -6.21 -8.12
CA LEU A 29 -1.37 -6.70 -9.45
C LEU A 29 -0.85 -8.12 -9.39
N ASN A 30 -0.97 -8.76 -8.22
CA ASN A 30 -0.51 -10.13 -8.05
C ASN A 30 -1.48 -11.14 -8.64
N PRO A 31 -1.10 -11.79 -9.76
CA PRO A 31 -1.93 -12.81 -10.41
C PRO A 31 -2.02 -14.06 -9.56
N ASN A 32 -0.88 -14.47 -9.02
CA ASN A 32 -0.81 -15.66 -8.18
C ASN A 32 -1.22 -15.34 -6.75
N GLY A 33 -1.90 -14.20 -6.59
CA GLY A 33 -2.33 -13.80 -5.26
C GLY A 33 -3.65 -13.06 -5.29
N HIS A 34 -4.02 -12.48 -4.16
CA HIS A 34 -5.27 -11.73 -4.07
C HIS A 34 -5.03 -10.26 -4.37
N HIS A 35 -6.02 -9.62 -4.98
CA HIS A 35 -5.92 -8.20 -5.32
C HIS A 35 -6.18 -7.34 -4.09
N PHE A 36 -5.72 -7.83 -2.93
CA PHE A 36 -5.91 -7.11 -1.67
C PHE A 36 -5.11 -7.73 -0.54
N LEU A 37 -5.32 -7.23 0.67
CA LEU A 37 -4.63 -7.73 1.85
C LEU A 37 -5.43 -7.43 3.11
N THR A 38 -5.09 -8.12 4.19
CA THR A 38 -5.76 -7.91 5.47
C THR A 38 -4.94 -6.99 6.36
N LYS A 39 -5.59 -6.33 7.31
CA LYS A 39 -4.90 -5.41 8.19
C LYS A 39 -3.70 -6.09 8.87
N GLU A 40 -3.80 -7.40 9.05
CA GLU A 40 -2.73 -8.17 9.69
C GLU A 40 -1.59 -8.45 8.71
N GLU A 41 -1.93 -8.84 7.48
CA GLU A 41 -0.91 -9.15 6.50
C GLU A 41 -0.23 -7.87 6.02
N LEU A 42 -0.98 -6.79 6.07
CA LEU A 42 -0.49 -5.49 5.63
C LEU A 42 0.68 -5.00 6.48
N LEU A 43 0.46 -4.99 7.79
CA LEU A 43 1.47 -4.54 8.74
C LEU A 43 2.81 -5.24 8.46
N GLN A 44 2.74 -6.48 8.00
CA GLN A 44 3.95 -7.23 7.69
C GLN A 44 4.59 -6.69 6.41
N ARG A 45 3.74 -6.43 5.43
CA ARG A 45 4.18 -5.90 4.15
C ARG A 45 4.95 -4.60 4.34
N CYS A 46 4.43 -3.73 5.21
CA CYS A 46 5.07 -2.45 5.48
C CYS A 46 6.52 -2.63 5.89
N ALA A 47 6.80 -3.74 6.56
CA ALA A 47 8.15 -4.04 7.00
C ALA A 47 9.10 -4.23 5.81
N GLN A 48 8.52 -4.22 4.60
CA GLN A 48 9.36 -4.41 3.42
C GLN A 48 9.61 -3.05 2.76
N LYS A 49 8.51 -2.31 2.58
CA LYS A 49 8.54 -0.99 1.97
C LYS A 49 9.24 0.00 2.90
N SER A 50 9.18 -0.29 4.20
CA SER A 50 9.82 0.56 5.20
C SER A 50 10.59 -0.29 6.21
N PRO A 51 11.72 -0.90 5.77
CA PRO A 51 12.54 -1.74 6.62
C PRO A 51 13.63 -0.97 7.36
N ARG A 52 13.58 -1.00 8.69
CA ARG A 52 14.56 -0.31 9.52
C ARG A 52 14.68 1.16 9.13
N VAL A 53 13.64 1.71 8.53
CA VAL A 53 13.65 3.11 8.11
C VAL A 53 13.98 4.02 9.28
N ALA A 54 14.43 5.24 8.97
CA ALA A 54 14.79 6.21 10.01
C ALA A 54 13.72 6.30 11.09
N PRO A 55 14.12 6.42 12.37
CA PRO A 55 13.19 6.50 13.49
C PRO A 55 12.28 7.73 13.40
N GLY A 56 11.43 7.91 14.41
CA GLY A 56 10.52 9.04 14.40
C GLY A 56 9.56 9.01 13.24
N SER A 57 9.40 7.84 12.63
CA SER A 57 8.51 7.67 11.49
C SER A 57 7.58 6.48 11.69
N ALA A 58 6.34 6.76 12.07
CA ALA A 58 5.35 5.71 12.30
C ALA A 58 4.16 5.87 11.36
N PRO A 59 4.22 5.25 10.16
CA PRO A 59 3.13 5.34 9.18
C PRO A 59 1.78 4.87 9.75
N PRO A 60 0.84 5.81 9.97
CA PRO A 60 -0.48 5.47 10.51
C PRO A 60 -1.35 4.77 9.49
N TRP A 61 -1.75 3.54 9.80
CA TRP A 61 -2.59 2.76 8.90
C TRP A 61 -4.08 3.06 9.08
N PRO A 62 -4.54 3.46 10.28
CA PRO A 62 -5.95 3.80 10.49
C PRO A 62 -6.44 4.81 9.45
N ALA A 63 -5.49 5.40 8.73
CA ALA A 63 -5.79 6.37 7.69
C ALA A 63 -6.55 5.72 6.54
N LEU A 64 -6.54 4.39 6.50
CA LEU A 64 -7.24 3.66 5.45
C LEU A 64 -8.67 4.15 5.31
N ARG A 65 -9.35 4.28 6.44
CA ARG A 65 -10.73 4.75 6.45
C ARG A 65 -10.82 6.10 5.73
N SER A 66 -9.80 6.93 5.92
CA SER A 66 -9.76 8.24 5.28
C SER A 66 -9.50 8.11 3.78
N LEU A 67 -8.72 7.10 3.39
CA LEU A 67 -8.39 6.90 1.99
C LEU A 67 -9.58 6.31 1.22
N LEU A 68 -10.28 5.37 1.84
CA LEU A 68 -11.45 4.75 1.21
C LEU A 68 -12.41 5.84 0.77
N HIS A 69 -12.47 6.89 1.59
CA HIS A 69 -13.33 8.03 1.31
C HIS A 69 -12.88 8.73 0.04
N ARG A 70 -11.57 8.79 -0.17
CA ARG A 70 -11.01 9.43 -1.35
C ARG A 70 -11.14 8.52 -2.56
N ASN A 71 -11.63 7.30 -2.32
CA ASN A 71 -11.82 6.32 -3.38
C ASN A 71 -10.49 5.84 -3.95
N LEU A 72 -9.44 5.86 -3.12
CA LEU A 72 -8.12 5.41 -3.56
C LEU A 72 -7.92 3.96 -3.14
N VAL A 73 -8.68 3.53 -2.15
CA VAL A 73 -8.62 2.17 -1.65
C VAL A 73 -10.02 1.56 -1.58
N LEU A 74 -10.09 0.26 -1.32
CA LEU A 74 -11.37 -0.43 -1.25
C LEU A 74 -11.49 -1.19 0.06
N ARG A 75 -12.61 -1.00 0.77
CA ARG A 75 -12.85 -1.67 2.05
C ARG A 75 -13.81 -2.84 1.87
N THR A 76 -13.68 -3.86 2.72
CA THR A 76 -14.56 -5.02 2.61
C THR A 76 -15.02 -5.55 3.96
N HIS A 77 -15.74 -6.66 3.86
CA HIS A 77 -16.35 -7.38 4.99
C HIS A 77 -15.61 -7.28 6.33
N GLN A 78 -14.37 -7.78 6.36
CA GLN A 78 -13.59 -7.78 7.61
C GLN A 78 -12.37 -8.69 7.45
N PRO A 79 -11.17 -8.28 7.94
CA PRO A 79 -10.96 -6.98 8.62
C PRO A 79 -10.87 -5.83 7.62
N ALA A 80 -11.70 -5.93 6.57
CA ALA A 80 -11.75 -4.91 5.53
C ALA A 80 -10.61 -5.07 4.56
N ARG A 81 -10.78 -5.98 3.60
CA ARG A 81 -9.77 -6.21 2.58
C ARG A 81 -9.56 -4.91 1.82
N TYR A 82 -8.31 -4.50 1.66
CA TYR A 82 -8.04 -3.26 0.96
C TYR A 82 -7.48 -3.50 -0.43
N SER A 83 -7.93 -2.69 -1.38
CA SER A 83 -7.49 -2.81 -2.77
C SER A 83 -7.37 -1.43 -3.42
N LEU A 84 -6.39 -1.29 -4.31
CA LEU A 84 -6.17 -0.02 -4.99
C LEU A 84 -7.24 0.26 -6.03
N THR A 85 -7.82 1.46 -5.98
CA THR A 85 -8.82 1.85 -6.97
C THR A 85 -8.09 2.57 -8.11
N PRO A 86 -8.80 3.00 -9.17
CA PRO A 86 -8.17 3.69 -10.31
C PRO A 86 -7.15 4.74 -9.89
N GLU A 87 -7.50 5.56 -8.91
CA GLU A 87 -6.61 6.61 -8.43
C GLU A 87 -5.43 6.02 -7.65
N GLY A 88 -5.71 5.12 -6.72
CA GLY A 88 -4.63 4.53 -5.95
C GLY A 88 -3.71 3.72 -6.82
N LEU A 89 -4.23 3.22 -7.93
CA LEU A 89 -3.46 2.42 -8.86
C LEU A 89 -2.41 3.29 -9.55
N GLU A 90 -2.87 4.38 -10.14
CA GLU A 90 -1.95 5.29 -10.84
C GLU A 90 -1.05 5.99 -9.85
N LEU A 91 -1.64 6.44 -8.77
CA LEU A 91 -0.88 7.12 -7.73
C LEU A 91 0.23 6.21 -7.23
N ALA A 92 -0.12 4.95 -6.97
CA ALA A 92 0.85 3.97 -6.48
C ALA A 92 1.98 3.77 -7.49
N GLN A 93 1.66 3.79 -8.78
CA GLN A 93 2.68 3.63 -9.81
C GLN A 93 3.76 4.68 -9.62
N LYS A 94 3.33 5.85 -9.15
CA LYS A 94 4.26 6.95 -8.92
C LYS A 94 5.13 6.67 -7.70
N LEU A 95 4.48 6.32 -6.59
CA LEU A 95 5.19 6.03 -5.36
C LEU A 95 6.19 4.91 -5.57
N ALA A 96 5.92 4.10 -6.59
CA ALA A 96 6.79 2.97 -6.91
C ALA A 96 8.04 3.43 -7.65
N GLU A 97 7.91 4.52 -8.40
CA GLU A 97 9.04 5.06 -9.16
C GLU A 97 10.22 5.30 -8.22
N SER A 98 9.90 5.81 -7.04
CA SER A 98 10.92 6.10 -6.04
C SER A 98 11.60 4.82 -5.55
N GLU A 99 10.85 3.72 -5.54
CA GLU A 99 11.40 2.44 -5.10
C GLU A 99 12.03 1.71 -6.28
N GLY A 100 11.95 2.32 -7.45
CA GLY A 100 12.48 1.67 -8.63
C GLY A 100 11.48 0.70 -9.19
N LEU A 101 10.32 0.65 -8.54
CA LEU A 101 9.22 -0.23 -8.94
C LEU A 101 9.64 -1.69 -8.85
N SER A 102 10.64 -1.97 -8.02
CA SER A 102 11.13 -3.32 -7.84
C SER A 102 10.35 -4.03 -6.73
N LEU A 103 9.04 -3.77 -6.69
CA LEU A 103 8.19 -4.37 -5.67
C LEU A 103 7.68 -5.73 -6.13
N LEU A 104 6.79 -5.72 -7.11
CA LEU A 104 6.24 -6.96 -7.66
C LEU A 104 7.30 -8.05 -7.76
N ASN A 105 8.39 -7.74 -8.45
CA ASN A 105 9.49 -8.69 -8.62
C ASN A 105 10.65 -8.36 -7.68
N VAL A 106 11.12 -9.37 -6.95
CA VAL A 106 12.22 -9.19 -6.03
C VAL A 106 13.17 -10.38 -6.07
N GLY A 107 14.30 -10.26 -5.37
CA GLY A 107 15.27 -11.34 -5.35
C GLY A 107 16.70 -10.83 -5.41
N ILE A 108 17.30 -10.63 -4.24
CA ILE A 108 18.68 -10.13 -4.15
C ILE A 108 19.66 -11.29 -3.93
N GLY A 109 20.81 -11.20 -4.60
CA GLY A 109 21.82 -12.25 -4.45
C GLY A 109 21.74 -13.28 -5.56
N GLY A 7 -0.48 14.67 -9.55
CA GLY A 7 -1.74 15.46 -9.66
C GLY A 7 -1.89 16.48 -8.54
N SER A 8 -3.04 16.46 -7.89
CA SER A 8 -3.31 17.38 -6.78
C SER A 8 -3.01 16.73 -5.44
N TYR A 9 -3.45 15.49 -5.28
CA TYR A 9 -3.23 14.75 -4.05
C TYR A 9 -1.92 13.98 -4.10
N TRP A 10 -0.97 14.39 -3.25
CA TRP A 10 0.33 13.75 -3.19
C TRP A 10 0.89 13.75 -1.77
N PRO A 11 0.71 12.64 -1.02
CA PRO A 11 1.20 12.51 0.35
C PRO A 11 2.73 12.56 0.41
N ALA A 12 3.27 12.49 1.63
CA ALA A 12 4.72 12.51 1.82
C ALA A 12 5.35 11.18 1.42
N ARG A 13 6.58 10.96 1.84
CA ARG A 13 7.29 9.73 1.52
C ARG A 13 7.13 8.68 2.62
N HIS A 14 7.07 7.41 2.21
CA HIS A 14 6.92 6.29 3.14
C HIS A 14 5.93 6.59 4.25
N SER A 15 4.94 7.44 3.97
CA SER A 15 3.94 7.81 4.97
C SER A 15 2.89 6.71 5.11
N GLY A 16 1.89 6.95 5.94
CA GLY A 16 0.84 5.97 6.14
C GLY A 16 0.07 5.69 4.87
N ALA A 17 -0.57 6.72 4.33
CA ALA A 17 -1.34 6.58 3.11
C ALA A 17 -0.46 6.21 1.92
N ARG A 18 0.80 6.63 1.98
CA ARG A 18 1.76 6.36 0.91
C ARG A 18 2.09 4.87 0.86
N VAL A 19 2.56 4.35 1.97
CA VAL A 19 2.96 2.97 2.06
C VAL A 19 1.80 2.00 1.79
N ILE A 20 0.58 2.39 2.17
CA ILE A 20 -0.57 1.51 1.98
C ILE A 20 -0.94 1.35 0.50
N LEU A 21 -1.15 2.46 -0.20
CA LEU A 21 -1.52 2.36 -1.61
C LEU A 21 -0.41 1.70 -2.43
N LEU A 22 0.83 1.94 -2.02
CA LEU A 22 1.96 1.38 -2.72
C LEU A 22 2.06 -0.12 -2.51
N VAL A 23 1.94 -0.51 -1.25
CA VAL A 23 2.00 -1.92 -0.89
C VAL A 23 0.82 -2.69 -1.46
N LEU A 24 -0.38 -2.09 -1.40
CA LEU A 24 -1.57 -2.72 -1.95
C LEU A 24 -1.39 -2.87 -3.44
N TYR A 25 -0.60 -1.97 -4.02
CA TYR A 25 -0.35 -1.98 -5.46
C TYR A 25 0.20 -3.33 -5.92
N ARG A 26 1.36 -3.72 -5.39
CA ARG A 26 1.95 -5.00 -5.79
C ARG A 26 0.98 -6.15 -5.53
N GLU A 27 0.43 -6.19 -4.32
CA GLU A 27 -0.50 -7.26 -3.99
C GLU A 27 -1.69 -7.26 -4.94
N HIS A 28 -2.04 -6.09 -5.46
CA HIS A 28 -3.15 -6.00 -6.38
C HIS A 28 -2.75 -6.52 -7.76
N LEU A 29 -1.51 -6.21 -8.15
CA LEU A 29 -0.99 -6.66 -9.43
C LEU A 29 -0.58 -8.12 -9.39
N ASN A 30 -0.92 -8.79 -8.28
CA ASN A 30 -0.58 -10.19 -8.11
C ASN A 30 -1.50 -11.12 -8.91
N PRO A 31 -0.97 -11.73 -9.98
CA PRO A 31 -1.73 -12.67 -10.81
C PRO A 31 -1.99 -13.96 -10.04
N ASN A 32 -0.96 -14.43 -9.36
CA ASN A 32 -1.04 -15.64 -8.58
C ASN A 32 -1.35 -15.32 -7.11
N GLY A 33 -1.94 -14.15 -6.89
CA GLY A 33 -2.27 -13.75 -5.54
C GLY A 33 -3.58 -13.00 -5.47
N HIS A 34 -3.95 -12.57 -4.26
CA HIS A 34 -5.18 -11.83 -4.06
C HIS A 34 -4.98 -10.35 -4.34
N HIS A 35 -5.95 -9.74 -5.02
CA HIS A 35 -5.87 -8.32 -5.35
C HIS A 35 -6.22 -7.47 -4.13
N PHE A 36 -5.84 -7.95 -2.96
CA PHE A 36 -6.12 -7.26 -1.70
C PHE A 36 -5.30 -7.83 -0.56
N LEU A 37 -5.45 -7.22 0.61
CA LEU A 37 -4.76 -7.66 1.81
C LEU A 37 -5.42 -7.05 3.05
N THR A 38 -5.20 -7.66 4.21
CA THR A 38 -5.77 -7.17 5.45
C THR A 38 -4.81 -6.23 6.16
N LYS A 39 -5.36 -5.27 6.90
CA LYS A 39 -4.51 -4.31 7.62
C LYS A 39 -3.46 -5.01 8.46
N GLU A 40 -3.85 -6.11 9.09
CA GLU A 40 -2.94 -6.87 9.93
C GLU A 40 -1.79 -7.44 9.10
N GLU A 41 -2.10 -7.86 7.88
CA GLU A 41 -1.10 -8.44 6.99
C GLU A 41 -0.15 -7.36 6.46
N LEU A 42 -0.71 -6.20 6.14
CA LEU A 42 0.11 -5.11 5.63
C LEU A 42 1.24 -4.76 6.59
N LEU A 43 1.00 -4.95 7.88
CA LEU A 43 2.00 -4.65 8.89
C LEU A 43 3.34 -5.27 8.53
N GLN A 44 3.30 -6.52 8.08
CA GLN A 44 4.52 -7.22 7.69
C GLN A 44 5.01 -6.68 6.34
N ARG A 45 4.05 -6.45 5.45
CA ARG A 45 4.33 -5.91 4.12
C ARG A 45 5.16 -4.65 4.21
N CYS A 46 4.73 -3.73 5.06
CA CYS A 46 5.44 -2.46 5.26
C CYS A 46 6.90 -2.70 5.61
N ALA A 47 7.17 -3.80 6.31
CA ALA A 47 8.53 -4.13 6.70
C ALA A 47 9.39 -4.46 5.48
N GLN A 48 8.77 -4.41 4.30
CA GLN A 48 9.52 -4.70 3.09
C GLN A 48 9.93 -3.40 2.43
N LYS A 49 9.13 -2.37 2.66
CA LYS A 49 9.36 -1.04 2.11
C LYS A 49 10.73 -0.53 2.54
N SER A 50 10.98 -0.59 3.84
CA SER A 50 12.25 -0.15 4.41
C SER A 50 12.85 -1.22 5.31
N PRO A 51 14.18 -1.39 5.29
CA PRO A 51 14.87 -2.40 6.10
C PRO A 51 14.50 -2.31 7.58
N ARG A 52 14.92 -1.23 8.23
CA ARG A 52 14.63 -1.03 9.65
C ARG A 52 13.36 -0.20 9.83
N VAL A 53 12.27 -0.85 10.19
CA VAL A 53 11.01 -0.18 10.40
C VAL A 53 10.52 -0.33 11.84
N ALA A 54 10.82 0.66 12.67
CA ALA A 54 10.41 0.63 14.06
C ALA A 54 8.88 0.59 14.20
N PRO A 55 8.37 0.05 15.32
CA PRO A 55 6.93 -0.03 15.56
C PRO A 55 6.23 1.31 15.37
N GLY A 56 6.93 2.39 15.69
CA GLY A 56 6.37 3.72 15.54
C GLY A 56 7.18 4.60 14.61
N SER A 57 7.72 4.00 13.55
CA SER A 57 8.53 4.73 12.58
C SER A 57 7.65 5.34 11.50
N ALA A 58 6.34 5.20 11.63
CA ALA A 58 5.41 5.74 10.66
C ALA A 58 4.13 6.25 11.34
N PRO A 59 3.52 7.32 10.78
CA PRO A 59 2.29 7.90 11.33
C PRO A 59 1.16 6.88 11.42
N PRO A 60 0.06 7.23 12.12
CA PRO A 60 -1.10 6.34 12.27
C PRO A 60 -1.51 5.72 10.95
N TRP A 61 -1.73 4.40 10.97
CA TRP A 61 -2.13 3.68 9.76
C TRP A 61 -3.64 3.68 9.53
N PRO A 62 -4.48 3.77 10.59
CA PRO A 62 -5.94 3.80 10.42
C PRO A 62 -6.39 4.80 9.36
N ALA A 63 -5.46 5.66 8.95
CA ALA A 63 -5.75 6.68 7.93
C ALA A 63 -6.29 6.04 6.66
N LEU A 64 -5.94 4.78 6.41
CA LEU A 64 -6.40 4.08 5.23
C LEU A 64 -7.92 4.11 5.12
N ARG A 65 -8.59 4.09 6.26
CA ARG A 65 -10.04 4.15 6.27
C ARG A 65 -10.49 5.44 5.59
N SER A 66 -9.83 6.54 5.94
CA SER A 66 -10.15 7.82 5.34
C SER A 66 -9.91 7.78 3.84
N LEU A 67 -8.95 6.96 3.41
CA LEU A 67 -8.63 6.82 2.00
C LEU A 67 -9.79 6.16 1.25
N LEU A 68 -10.48 5.25 1.91
CA LEU A 68 -11.62 4.58 1.30
C LEU A 68 -12.59 5.64 0.80
N HIS A 69 -12.71 6.70 1.58
CA HIS A 69 -13.58 7.81 1.26
C HIS A 69 -13.07 8.54 0.01
N ARG A 70 -11.76 8.63 -0.12
CA ARG A 70 -11.16 9.29 -1.27
C ARG A 70 -11.30 8.42 -2.52
N ASN A 71 -11.78 7.19 -2.31
CA ASN A 71 -11.98 6.25 -3.41
C ASN A 71 -10.65 5.78 -3.99
N LEU A 72 -9.60 5.80 -3.17
CA LEU A 72 -8.28 5.34 -3.60
C LEU A 72 -8.09 3.89 -3.19
N VAL A 73 -8.77 3.50 -2.13
CA VAL A 73 -8.72 2.14 -1.63
C VAL A 73 -10.13 1.56 -1.60
N LEU A 74 -10.25 0.26 -1.34
CA LEU A 74 -11.56 -0.37 -1.31
C LEU A 74 -11.67 -1.32 -0.11
N ARG A 75 -12.63 -1.04 0.77
CA ARG A 75 -12.83 -1.88 1.95
C ARG A 75 -13.76 -3.05 1.63
N THR A 76 -13.60 -4.14 2.36
CA THR A 76 -14.42 -5.32 2.11
C THR A 76 -15.06 -5.86 3.40
N HIS A 77 -15.76 -6.97 3.25
CA HIS A 77 -16.50 -7.63 4.33
C HIS A 77 -15.89 -7.50 5.73
N GLN A 78 -14.65 -7.97 5.92
CA GLN A 78 -14.05 -7.88 7.26
C GLN A 78 -12.69 -8.58 7.31
N PRO A 79 -11.68 -8.01 8.03
CA PRO A 79 -11.82 -6.73 8.73
C PRO A 79 -12.14 -5.61 7.75
N ALA A 80 -11.90 -5.95 6.49
CA ALA A 80 -12.13 -5.08 5.34
C ALA A 80 -10.99 -5.23 4.36
N ARG A 81 -11.13 -6.15 3.41
CA ARG A 81 -10.09 -6.35 2.41
C ARG A 81 -9.88 -5.05 1.65
N TYR A 82 -8.63 -4.62 1.52
CA TYR A 82 -8.34 -3.38 0.83
C TYR A 82 -7.76 -3.62 -0.56
N SER A 83 -8.17 -2.78 -1.50
CA SER A 83 -7.71 -2.89 -2.88
C SER A 83 -7.62 -1.51 -3.51
N LEU A 84 -6.61 -1.34 -4.37
CA LEU A 84 -6.38 -0.07 -5.04
C LEU A 84 -7.44 0.20 -6.10
N THR A 85 -8.04 1.39 -6.05
CA THR A 85 -9.02 1.77 -7.04
C THR A 85 -8.30 2.51 -8.18
N PRO A 86 -9.00 2.97 -9.22
CA PRO A 86 -8.36 3.68 -10.35
C PRO A 86 -7.34 4.72 -9.91
N GLU A 87 -7.71 5.57 -8.97
CA GLU A 87 -6.81 6.60 -8.49
C GLU A 87 -5.64 6.01 -7.71
N GLY A 88 -5.94 5.09 -6.79
CA GLY A 88 -4.86 4.48 -6.01
C GLY A 88 -3.94 3.66 -6.89
N LEU A 89 -4.46 3.19 -8.01
CA LEU A 89 -3.68 2.39 -8.94
C LEU A 89 -2.63 3.24 -9.63
N GLU A 90 -3.07 4.36 -10.18
CA GLU A 90 -2.16 5.27 -10.87
C GLU A 90 -1.22 5.92 -9.87
N LEU A 91 -1.80 6.41 -8.80
CA LEU A 91 -1.04 7.07 -7.76
C LEU A 91 0.04 6.13 -7.24
N ALA A 92 -0.34 4.89 -6.97
CA ALA A 92 0.60 3.89 -6.46
C ALA A 92 1.75 3.66 -7.45
N GLN A 93 1.43 3.67 -8.74
CA GLN A 93 2.46 3.48 -9.75
C GLN A 93 3.54 4.52 -9.56
N LYS A 94 3.14 5.71 -9.13
CA LYS A 94 4.07 6.79 -8.89
C LYS A 94 4.93 6.53 -7.66
N LEU A 95 4.26 6.23 -6.55
CA LEU A 95 4.95 5.96 -5.30
C LEU A 95 5.96 4.84 -5.49
N ALA A 96 5.71 4.01 -6.48
CA ALA A 96 6.60 2.90 -6.78
C ALA A 96 7.87 3.37 -7.48
N GLU A 97 7.72 4.34 -8.36
CA GLU A 97 8.85 4.88 -9.11
C GLU A 97 9.97 5.31 -8.16
N SER A 98 9.57 5.96 -7.07
CA SER A 98 10.52 6.45 -6.09
C SER A 98 11.08 5.34 -5.22
N GLU A 99 10.25 4.34 -4.91
CA GLU A 99 10.69 3.23 -4.08
C GLU A 99 11.60 2.29 -4.87
N GLY A 100 11.70 2.54 -6.16
CA GLY A 100 12.53 1.70 -7.00
C GLY A 100 11.74 0.54 -7.56
N LEU A 101 10.41 0.70 -7.51
CA LEU A 101 9.48 -0.32 -8.00
C LEU A 101 9.95 -1.71 -7.62
N SER A 102 10.54 -1.81 -6.43
CA SER A 102 11.04 -3.08 -5.92
C SER A 102 9.93 -3.82 -5.17
N LEU A 103 8.74 -3.79 -5.74
CA LEU A 103 7.60 -4.45 -5.13
C LEU A 103 7.24 -5.72 -5.90
N LEU A 104 6.70 -5.53 -7.09
CA LEU A 104 6.32 -6.65 -7.95
C LEU A 104 7.45 -7.66 -8.06
N ASN A 105 8.50 -7.30 -8.79
CA ASN A 105 9.65 -8.18 -8.97
C ASN A 105 10.77 -7.82 -8.00
N VAL A 106 11.36 -8.84 -7.38
CA VAL A 106 12.44 -8.63 -6.42
C VAL A 106 13.59 -9.62 -6.67
N GLY A 107 14.79 -9.22 -6.27
CA GLY A 107 15.94 -10.09 -6.45
C GLY A 107 16.91 -10.02 -5.29
N ILE A 108 18.20 -9.98 -5.59
CA ILE A 108 19.23 -9.92 -4.55
C ILE A 108 19.74 -8.50 -4.36
N GLY A 109 20.63 -8.32 -3.39
CA GLY A 109 21.18 -7.01 -3.13
C GLY A 109 21.54 -6.80 -1.66
N GLY A 7 -5.17 21.14 -8.51
CA GLY A 7 -5.44 20.48 -7.20
C GLY A 7 -5.17 18.99 -7.23
N SER A 8 -3.91 18.61 -7.10
CA SER A 8 -3.52 17.21 -7.11
C SER A 8 -3.25 16.70 -5.70
N TYR A 9 -3.57 15.44 -5.45
CA TYR A 9 -3.36 14.83 -4.15
C TYR A 9 -2.07 14.01 -4.14
N TRP A 10 -1.14 14.40 -3.27
CA TRP A 10 0.13 13.69 -3.16
C TRP A 10 0.65 13.70 -1.72
N PRO A 11 0.47 12.59 -0.98
CA PRO A 11 0.93 12.47 0.40
C PRO A 11 2.45 12.57 0.51
N ALA A 12 2.95 12.57 1.74
CA ALA A 12 4.38 12.64 1.98
C ALA A 12 5.03 11.28 1.78
N ARG A 13 6.32 11.18 2.11
CA ARG A 13 7.05 9.92 1.96
C ARG A 13 6.99 9.10 3.25
N HIS A 14 6.96 7.78 3.10
CA HIS A 14 6.91 6.86 4.23
C HIS A 14 5.67 7.11 5.10
N SER A 15 4.76 7.94 4.59
CA SER A 15 3.54 8.25 5.32
C SER A 15 2.58 7.06 5.31
N GLY A 16 1.53 7.13 6.12
CA GLY A 16 0.57 6.06 6.18
C GLY A 16 -0.10 5.80 4.84
N ALA A 17 -0.75 6.83 4.30
CA ALA A 17 -1.43 6.70 3.01
C ALA A 17 -0.47 6.29 1.90
N ARG A 18 0.79 6.70 2.03
CA ARG A 18 1.80 6.39 1.03
C ARG A 18 2.14 4.91 1.06
N VAL A 19 2.56 4.45 2.24
CA VAL A 19 2.95 3.07 2.42
C VAL A 19 1.83 2.08 2.10
N ILE A 20 0.59 2.48 2.37
CA ILE A 20 -0.52 1.57 2.12
C ILE A 20 -0.85 1.42 0.64
N LEU A 21 -1.07 2.53 -0.07
CA LEU A 21 -1.39 2.42 -1.49
C LEU A 21 -0.28 1.71 -2.27
N LEU A 22 0.97 1.93 -1.86
CA LEU A 22 2.08 1.32 -2.55
C LEU A 22 2.13 -0.19 -2.28
N VAL A 23 2.00 -0.53 -1.01
CA VAL A 23 2.03 -1.92 -0.60
C VAL A 23 0.85 -2.69 -1.18
N LEU A 24 -0.34 -2.08 -1.15
CA LEU A 24 -1.52 -2.72 -1.72
C LEU A 24 -1.33 -2.89 -3.21
N TYR A 25 -0.55 -1.99 -3.78
CA TYR A 25 -0.29 -2.01 -5.22
C TYR A 25 0.23 -3.37 -5.66
N ARG A 26 1.38 -3.78 -5.14
CA ARG A 26 1.96 -5.05 -5.55
C ARG A 26 0.97 -6.22 -5.39
N GLU A 27 0.41 -6.36 -4.20
CA GLU A 27 -0.52 -7.47 -4.00
C GLU A 27 -1.69 -7.38 -4.98
N HIS A 28 -2.02 -6.17 -5.40
CA HIS A 28 -3.12 -6.02 -6.34
C HIS A 28 -2.71 -6.55 -7.71
N LEU A 29 -1.44 -6.35 -8.06
CA LEU A 29 -0.93 -6.84 -9.34
C LEU A 29 -0.50 -8.29 -9.23
N ASN A 30 -0.50 -8.82 -8.01
CA ASN A 30 -0.11 -10.20 -7.78
C ASN A 30 -0.87 -11.19 -8.66
N PRO A 31 -0.20 -11.73 -9.70
CA PRO A 31 -0.82 -12.71 -10.60
C PRO A 31 -1.10 -14.02 -9.89
N ASN A 32 -0.08 -14.51 -9.18
CA ASN A 32 -0.19 -15.75 -8.43
C ASN A 32 -0.73 -15.49 -7.04
N GLY A 33 -1.45 -14.37 -6.89
CA GLY A 33 -2.00 -14.03 -5.60
C GLY A 33 -3.33 -13.32 -5.70
N HIS A 34 -3.81 -12.79 -4.58
CA HIS A 34 -5.08 -12.08 -4.57
C HIS A 34 -4.90 -10.65 -5.09
N HIS A 35 -5.89 -9.82 -4.84
CA HIS A 35 -5.85 -8.42 -5.28
C HIS A 35 -6.18 -7.51 -4.10
N PHE A 36 -5.80 -7.95 -2.91
CA PHE A 36 -6.06 -7.20 -1.68
C PHE A 36 -5.23 -7.71 -0.52
N LEU A 37 -5.41 -7.07 0.63
CA LEU A 37 -4.70 -7.44 1.85
C LEU A 37 -5.44 -6.92 3.08
N THR A 38 -5.21 -7.56 4.22
CA THR A 38 -5.85 -7.15 5.46
C THR A 38 -4.92 -6.30 6.30
N LYS A 39 -5.50 -5.48 7.19
CA LYS A 39 -4.67 -4.62 8.04
C LYS A 39 -3.59 -5.41 8.76
N GLU A 40 -3.82 -6.71 8.95
CA GLU A 40 -2.86 -7.58 9.61
C GLU A 40 -1.73 -7.98 8.67
N GLU A 41 -2.08 -8.21 7.40
CA GLU A 41 -1.09 -8.60 6.41
C GLU A 41 -0.19 -7.45 6.03
N LEU A 42 -0.78 -6.26 5.92
CA LEU A 42 0.01 -5.08 5.56
C LEU A 42 1.17 -4.87 6.52
N LEU A 43 0.99 -5.27 7.78
CA LEU A 43 2.03 -5.12 8.77
C LEU A 43 3.35 -5.73 8.29
N GLN A 44 3.29 -6.98 7.84
CA GLN A 44 4.48 -7.67 7.33
C GLN A 44 4.86 -7.14 5.95
N ARG A 45 3.84 -6.91 5.12
CA ARG A 45 4.05 -6.41 3.77
C ARG A 45 4.80 -5.08 3.76
N CYS A 46 4.26 -4.12 4.51
CA CYS A 46 4.86 -2.80 4.63
C CYS A 46 6.30 -2.90 5.10
N ALA A 47 6.59 -3.92 5.90
CA ALA A 47 7.93 -4.13 6.43
C ALA A 47 8.94 -4.37 5.30
N GLN A 48 8.45 -4.36 4.06
CA GLN A 48 9.35 -4.59 2.93
C GLN A 48 9.71 -3.24 2.32
N LYS A 49 8.85 -2.26 2.55
CA LYS A 49 9.05 -0.90 2.06
C LYS A 49 10.45 -0.40 2.36
N SER A 50 10.80 -0.40 3.64
CA SER A 50 12.12 0.05 4.08
C SER A 50 12.76 -0.99 4.99
N PRO A 51 13.99 -1.44 4.66
CA PRO A 51 14.70 -2.44 5.47
C PRO A 51 15.15 -1.89 6.82
N ARG A 52 14.72 -0.67 7.15
CA ARG A 52 15.09 -0.04 8.40
C ARG A 52 13.94 -0.14 9.42
N VAL A 53 12.76 -0.51 8.93
CA VAL A 53 11.59 -0.65 9.79
C VAL A 53 11.87 -1.58 10.96
N ALA A 54 11.22 -1.32 12.09
CA ALA A 54 11.41 -2.14 13.28
C ALA A 54 10.42 -3.30 13.29
N PRO A 55 10.80 -4.42 13.96
CA PRO A 55 9.93 -5.61 14.04
C PRO A 55 8.54 -5.28 14.58
N GLY A 56 8.51 -4.59 15.71
CA GLY A 56 7.23 -4.23 16.31
C GLY A 56 6.95 -2.73 16.19
N SER A 57 6.42 -2.32 15.05
CA SER A 57 6.10 -0.92 14.82
C SER A 57 4.73 -0.77 14.17
N ALA A 58 3.95 0.20 14.65
CA ALA A 58 2.61 0.44 14.10
C ALA A 58 2.33 1.94 14.00
N PRO A 59 2.83 2.59 12.92
CA PRO A 59 2.63 4.02 12.70
C PRO A 59 1.16 4.35 12.45
N PRO A 60 0.78 5.64 12.57
CA PRO A 60 -0.60 6.08 12.34
C PRO A 60 -1.16 5.57 11.01
N TRP A 61 -1.98 4.54 11.09
CA TRP A 61 -2.58 3.96 9.90
C TRP A 61 -4.11 4.10 9.84
N PRO A 62 -4.79 4.63 10.88
CA PRO A 62 -6.25 4.80 10.83
C PRO A 62 -6.67 5.62 9.61
N ALA A 63 -5.68 6.28 9.00
CA ALA A 63 -5.91 7.11 7.82
C ALA A 63 -6.42 6.25 6.66
N LEU A 64 -6.02 4.98 6.65
CA LEU A 64 -6.42 4.06 5.60
C LEU A 64 -7.93 4.13 5.36
N ARG A 65 -8.70 4.03 6.43
CA ARG A 65 -10.16 4.11 6.31
C ARG A 65 -10.55 5.40 5.61
N SER A 66 -9.88 6.49 5.98
CA SER A 66 -10.16 7.79 5.38
C SER A 66 -9.88 7.74 3.87
N LEU A 67 -8.92 6.93 3.47
CA LEU A 67 -8.58 6.81 2.05
C LEU A 67 -9.73 6.19 1.28
N LEU A 68 -10.44 5.27 1.91
CA LEU A 68 -11.59 4.63 1.27
C LEU A 68 -12.55 5.70 0.81
N HIS A 69 -12.65 6.73 1.62
CA HIS A 69 -13.52 7.87 1.33
C HIS A 69 -13.02 8.60 0.09
N ARG A 70 -11.69 8.66 -0.06
CA ARG A 70 -11.10 9.32 -1.20
C ARG A 70 -11.23 8.46 -2.46
N ASN A 71 -11.72 7.24 -2.26
CA ASN A 71 -11.92 6.30 -3.37
C ASN A 71 -10.59 5.83 -3.95
N LEU A 72 -9.54 5.86 -3.13
CA LEU A 72 -8.22 5.41 -3.57
C LEU A 72 -8.02 3.95 -3.17
N VAL A 73 -8.78 3.52 -2.18
CA VAL A 73 -8.73 2.15 -1.70
C VAL A 73 -10.13 1.56 -1.64
N LEU A 74 -10.22 0.26 -1.40
CA LEU A 74 -11.51 -0.41 -1.35
C LEU A 74 -11.65 -1.23 -0.07
N ARG A 75 -12.78 -1.07 0.63
CA ARG A 75 -13.02 -1.80 1.87
C ARG A 75 -14.04 -2.92 1.65
N THR A 76 -13.94 -3.97 2.45
CA THR A 76 -14.85 -5.10 2.32
C THR A 76 -15.44 -5.53 3.65
N HIS A 77 -16.13 -6.67 3.59
CA HIS A 77 -16.84 -7.28 4.71
C HIS A 77 -16.30 -6.91 6.09
N GLN A 78 -15.01 -7.17 6.34
CA GLN A 78 -14.36 -6.86 7.64
C GLN A 78 -13.74 -8.11 8.25
N PRO A 79 -12.40 -8.15 8.48
CA PRO A 79 -11.46 -7.04 8.17
C PRO A 79 -11.61 -6.58 6.73
N ALA A 80 -11.98 -5.32 6.56
CA ALA A 80 -12.20 -4.80 5.22
C ALA A 80 -11.00 -5.03 4.33
N ARG A 81 -11.13 -5.98 3.42
CA ARG A 81 -10.07 -6.27 2.47
C ARG A 81 -9.80 -5.01 1.67
N TYR A 82 -8.54 -4.61 1.57
CA TYR A 82 -8.24 -3.38 0.86
C TYR A 82 -7.66 -3.63 -0.53
N SER A 83 -8.08 -2.79 -1.47
CA SER A 83 -7.63 -2.90 -2.85
C SER A 83 -7.51 -1.51 -3.47
N LEU A 84 -6.48 -1.33 -4.29
CA LEU A 84 -6.25 -0.05 -4.96
C LEU A 84 -7.31 0.24 -6.01
N THR A 85 -7.96 1.39 -5.91
CA THR A 85 -8.94 1.77 -6.89
C THR A 85 -8.22 2.49 -8.04
N PRO A 86 -8.93 2.94 -9.11
CA PRO A 86 -8.29 3.62 -10.24
C PRO A 86 -7.27 4.67 -9.82
N GLU A 87 -7.62 5.50 -8.86
CA GLU A 87 -6.73 6.55 -8.38
C GLU A 87 -5.56 5.97 -7.59
N GLY A 88 -5.85 5.09 -6.63
CA GLY A 88 -4.77 4.51 -5.86
C GLY A 88 -3.84 3.68 -6.71
N LEU A 89 -4.37 3.17 -7.81
CA LEU A 89 -3.58 2.35 -8.72
C LEU A 89 -2.54 3.21 -9.43
N GLU A 90 -3.00 4.30 -10.03
CA GLU A 90 -2.10 5.20 -10.75
C GLU A 90 -1.14 5.87 -9.78
N LEU A 91 -1.70 6.39 -8.70
CA LEU A 91 -0.89 7.06 -7.70
C LEU A 91 0.18 6.11 -7.20
N ALA A 92 -0.22 4.89 -6.87
CA ALA A 92 0.72 3.89 -6.36
C ALA A 92 1.85 3.64 -7.36
N GLN A 93 1.52 3.67 -8.65
CA GLN A 93 2.54 3.47 -9.67
C GLN A 93 3.64 4.50 -9.49
N LYS A 94 3.23 5.69 -9.05
CA LYS A 94 4.17 6.78 -8.82
C LYS A 94 5.01 6.50 -7.59
N LEU A 95 4.35 6.17 -6.48
CA LEU A 95 5.04 5.87 -5.24
C LEU A 95 6.07 4.77 -5.47
N ALA A 96 5.80 3.95 -6.47
CA ALA A 96 6.69 2.84 -6.80
C ALA A 96 7.93 3.31 -7.55
N GLU A 97 7.77 4.36 -8.35
CA GLU A 97 8.88 4.90 -9.12
C GLU A 97 10.03 5.26 -8.19
N SER A 98 9.68 5.90 -7.08
CA SER A 98 10.67 6.31 -6.09
C SER A 98 11.38 5.10 -5.47
N GLU A 99 10.68 3.97 -5.44
CA GLU A 99 11.25 2.75 -4.88
C GLU A 99 12.06 2.01 -5.93
N GLY A 100 12.07 2.55 -7.16
CA GLY A 100 12.79 1.90 -8.22
C GLY A 100 11.98 0.78 -8.82
N LEU A 101 10.72 0.69 -8.37
CA LEU A 101 9.80 -0.33 -8.84
C LEU A 101 10.39 -1.72 -8.62
N SER A 102 10.53 -2.09 -7.36
CA SER A 102 11.06 -3.40 -7.02
C SER A 102 10.15 -4.11 -6.03
N LEU A 103 8.84 -3.94 -6.22
CA LEU A 103 7.87 -4.56 -5.34
C LEU A 103 7.50 -5.95 -5.86
N LEU A 104 6.69 -5.97 -6.93
CA LEU A 104 6.28 -7.23 -7.55
C LEU A 104 7.46 -8.18 -7.71
N ASN A 105 8.38 -7.84 -8.60
CA ASN A 105 9.55 -8.66 -8.86
C ASN A 105 10.73 -8.22 -7.99
N VAL A 106 11.42 -9.19 -7.41
CA VAL A 106 12.56 -8.91 -6.55
C VAL A 106 13.68 -9.92 -6.79
N GLY A 107 14.92 -9.43 -6.71
CA GLY A 107 16.06 -10.30 -6.94
C GLY A 107 17.31 -9.83 -6.20
N ILE A 108 18.36 -9.54 -6.96
CA ILE A 108 19.62 -9.08 -6.37
C ILE A 108 19.43 -7.74 -5.67
N GLY A 109 20.10 -7.58 -4.52
CA GLY A 109 19.99 -6.34 -3.78
C GLY A 109 20.29 -6.53 -2.30
N GLY A 7 -7.68 17.60 -4.22
CA GLY A 7 -6.91 18.10 -5.39
C GLY A 7 -6.04 17.03 -6.02
N SER A 8 -4.73 17.12 -5.79
CA SER A 8 -3.80 16.14 -6.35
C SER A 8 -3.55 15.02 -5.36
N TYR A 9 -3.40 15.37 -4.08
CA TYR A 9 -3.16 14.39 -3.03
C TYR A 9 -1.84 13.64 -3.28
N TRP A 10 -0.81 14.00 -2.51
CA TRP A 10 0.49 13.36 -2.65
C TRP A 10 1.17 13.22 -1.28
N PRO A 11 1.11 12.01 -0.68
CA PRO A 11 1.74 11.76 0.62
C PRO A 11 3.25 12.02 0.61
N ALA A 12 3.86 11.96 1.78
CA ALA A 12 5.30 12.19 1.89
C ALA A 12 6.10 10.99 1.39
N ARG A 13 6.39 10.05 2.28
CA ARG A 13 7.14 8.86 1.91
C ARG A 13 6.69 7.66 2.73
N HIS A 14 7.17 7.57 3.97
CA HIS A 14 6.82 6.47 4.85
C HIS A 14 5.44 6.67 5.47
N SER A 15 4.73 7.70 4.99
CA SER A 15 3.40 8.01 5.49
C SER A 15 2.49 6.80 5.37
N GLY A 16 1.55 6.67 6.29
CA GLY A 16 0.63 5.55 6.28
C GLY A 16 -0.08 5.37 4.94
N ALA A 17 -0.78 6.41 4.51
CA ALA A 17 -1.51 6.38 3.25
C ALA A 17 -0.59 6.03 2.08
N ARG A 18 0.68 6.41 2.21
CA ARG A 18 1.67 6.15 1.18
C ARG A 18 2.02 4.67 1.12
N VAL A 19 2.35 4.14 2.29
CA VAL A 19 2.74 2.75 2.41
C VAL A 19 1.61 1.80 1.99
N ILE A 20 0.36 2.20 2.23
CA ILE A 20 -0.77 1.34 1.89
C ILE A 20 -1.01 1.26 0.38
N LEU A 21 -1.16 2.39 -0.28
CA LEU A 21 -1.41 2.34 -1.72
C LEU A 21 -0.28 1.65 -2.47
N LEU A 22 0.95 1.88 -2.03
CA LEU A 22 2.09 1.28 -2.69
C LEU A 22 2.12 -0.23 -2.47
N VAL A 23 1.94 -0.61 -1.21
CA VAL A 23 1.94 -2.01 -0.84
C VAL A 23 0.80 -2.77 -1.52
N LEU A 24 -0.38 -2.15 -1.56
CA LEU A 24 -1.51 -2.79 -2.22
C LEU A 24 -1.20 -2.96 -3.69
N TYR A 25 -0.36 -2.06 -4.21
CA TYR A 25 -0.01 -2.10 -5.63
C TYR A 25 0.56 -3.46 -6.01
N ARG A 26 1.66 -3.85 -5.40
CA ARG A 26 2.25 -5.14 -5.73
C ARG A 26 1.27 -6.28 -5.48
N GLU A 27 0.72 -6.34 -4.27
CA GLU A 27 -0.22 -7.41 -3.96
C GLU A 27 -1.40 -7.42 -4.91
N HIS A 28 -1.76 -6.26 -5.44
CA HIS A 28 -2.87 -6.17 -6.38
C HIS A 28 -2.44 -6.70 -7.75
N LEU A 29 -1.19 -6.42 -8.10
CA LEU A 29 -0.65 -6.86 -9.37
C LEU A 29 -0.35 -8.36 -9.35
N ASN A 30 -0.82 -9.02 -8.30
CA ASN A 30 -0.62 -10.46 -8.14
C ASN A 30 -1.79 -11.25 -8.75
N PRO A 31 -1.56 -11.87 -9.93
CA PRO A 31 -2.60 -12.67 -10.60
C PRO A 31 -2.98 -13.91 -9.80
N ASN A 32 -1.99 -14.45 -9.08
CA ASN A 32 -2.24 -15.63 -8.28
C ASN A 32 -2.12 -15.31 -6.80
N GLY A 33 -2.40 -14.06 -6.45
CA GLY A 33 -2.30 -13.66 -5.06
C GLY A 33 -3.66 -13.49 -4.40
N HIS A 34 -3.95 -12.28 -3.94
CA HIS A 34 -5.22 -12.00 -3.29
C HIS A 34 -5.84 -10.71 -3.84
N HIS A 35 -5.03 -9.90 -4.51
CA HIS A 35 -5.48 -8.64 -5.08
C HIS A 35 -5.86 -7.65 -3.98
N PHE A 36 -5.44 -7.94 -2.75
CA PHE A 36 -5.73 -7.07 -1.62
C PHE A 36 -4.90 -7.46 -0.40
N LEU A 37 -5.09 -6.71 0.69
CA LEU A 37 -4.38 -6.96 1.93
C LEU A 37 -5.22 -6.52 3.13
N THR A 38 -5.11 -7.24 4.23
CA THR A 38 -5.87 -6.90 5.43
C THR A 38 -5.05 -5.97 6.32
N LYS A 39 -5.72 -5.37 7.31
CA LYS A 39 -5.05 -4.46 8.22
C LYS A 39 -3.83 -5.11 8.88
N GLU A 40 -3.93 -6.40 9.15
CA GLU A 40 -2.83 -7.13 9.79
C GLU A 40 -1.75 -7.49 8.78
N GLU A 41 -2.14 -7.70 7.53
CA GLU A 41 -1.17 -8.06 6.49
C GLU A 41 -0.22 -6.90 6.18
N LEU A 42 -0.76 -5.69 6.14
CA LEU A 42 0.07 -4.53 5.84
C LEU A 42 1.27 -4.44 6.78
N LEU A 43 1.09 -4.90 8.01
CA LEU A 43 2.17 -4.86 9.00
C LEU A 43 3.40 -5.61 8.50
N GLN A 44 3.18 -6.81 7.96
CA GLN A 44 4.32 -7.59 7.46
C GLN A 44 4.81 -7.00 6.14
N ARG A 45 3.86 -6.73 5.24
CA ARG A 45 4.17 -6.17 3.94
C ARG A 45 5.01 -4.92 4.06
N CYS A 46 4.70 -4.10 5.06
CA CYS A 46 5.42 -2.85 5.29
C CYS A 46 6.92 -3.11 5.43
N ALA A 47 7.26 -4.28 5.96
CA ALA A 47 8.67 -4.65 6.14
C ALA A 47 9.37 -4.76 4.79
N GLN A 48 8.64 -4.51 3.71
CA GLN A 48 9.25 -4.59 2.39
C GLN A 48 9.59 -3.20 1.90
N LYS A 49 8.79 -2.22 2.35
CA LYS A 49 8.98 -0.82 2.00
C LYS A 49 10.36 -0.35 2.42
N SER A 50 10.58 -0.29 3.73
CA SER A 50 11.85 0.14 4.29
C SER A 50 12.61 -1.06 4.86
N PRO A 51 13.94 -1.09 4.71
CA PRO A 51 14.77 -2.19 5.22
C PRO A 51 14.60 -2.40 6.71
N ARG A 52 14.33 -3.64 7.10
CA ARG A 52 14.15 -3.99 8.51
C ARG A 52 13.35 -2.90 9.25
N VAL A 53 12.03 -2.99 9.16
CA VAL A 53 11.16 -2.02 9.83
C VAL A 53 11.14 -2.25 11.34
N ALA A 54 11.44 -3.49 11.74
CA ALA A 54 11.47 -3.86 13.16
C ALA A 54 10.08 -3.77 13.79
N PRO A 55 9.71 -4.78 14.61
CA PRO A 55 8.40 -4.81 15.27
C PRO A 55 8.23 -3.68 16.27
N GLY A 56 7.09 -3.66 16.95
CA GLY A 56 6.82 -2.62 17.93
C GLY A 56 6.59 -1.26 17.29
N SER A 57 6.61 -1.23 15.96
CA SER A 57 6.40 0.00 15.23
C SER A 57 5.13 -0.08 14.37
N ALA A 58 4.10 0.63 14.81
CA ALA A 58 2.82 0.64 14.08
C ALA A 58 2.27 2.05 13.96
N PRO A 59 2.64 2.78 12.89
CA PRO A 59 2.18 4.15 12.66
C PRO A 59 0.65 4.23 12.57
N PRO A 60 0.07 5.40 12.89
CA PRO A 60 -1.39 5.60 12.82
C PRO A 60 -1.93 5.30 11.44
N TRP A 61 -2.61 4.15 11.31
CA TRP A 61 -3.18 3.77 10.02
C TRP A 61 -4.70 3.97 9.94
N PRO A 62 -5.40 4.42 11.02
CA PRO A 62 -6.85 4.65 10.93
C PRO A 62 -7.17 5.59 9.77
N ALA A 63 -6.12 6.22 9.25
CA ALA A 63 -6.24 7.15 8.13
C ALA A 63 -6.47 6.39 6.82
N LEU A 64 -6.49 5.06 6.90
CA LEU A 64 -6.70 4.23 5.73
C LEU A 64 -8.13 4.40 5.23
N ARG A 65 -9.10 4.30 6.14
CA ARG A 65 -10.50 4.45 5.80
C ARG A 65 -10.72 5.79 5.10
N SER A 66 -9.88 6.77 5.44
CA SER A 66 -9.97 8.09 4.83
C SER A 66 -9.76 7.99 3.32
N LEU A 67 -8.83 7.12 2.92
CA LEU A 67 -8.55 6.93 1.51
C LEU A 67 -9.71 6.20 0.85
N LEU A 68 -10.33 5.29 1.59
CA LEU A 68 -11.46 4.55 1.07
C LEU A 68 -12.54 5.54 0.69
N HIS A 69 -12.65 6.57 1.52
CA HIS A 69 -13.60 7.65 1.29
C HIS A 69 -13.23 8.39 0.03
N ARG A 70 -11.93 8.38 -0.28
CA ARG A 70 -11.43 9.05 -1.48
C ARG A 70 -11.53 8.10 -2.67
N ASN A 71 -11.89 6.85 -2.39
CA ASN A 71 -12.05 5.84 -3.44
C ASN A 71 -10.70 5.44 -4.03
N LEU A 72 -9.63 5.65 -3.28
CA LEU A 72 -8.30 5.27 -3.75
C LEU A 72 -8.00 3.83 -3.36
N VAL A 73 -8.78 3.34 -2.39
CA VAL A 73 -8.65 1.97 -1.92
C VAL A 73 -10.01 1.30 -1.87
N LEU A 74 -10.02 -0.03 -1.81
CA LEU A 74 -11.28 -0.79 -1.77
C LEU A 74 -11.50 -1.40 -0.40
N ARG A 75 -12.75 -1.32 0.08
CA ARG A 75 -13.09 -1.87 1.39
C ARG A 75 -13.98 -3.11 1.25
N THR A 76 -13.88 -4.02 2.21
CA THR A 76 -14.67 -5.25 2.17
C THR A 76 -15.28 -5.61 3.53
N HIS A 77 -15.86 -6.80 3.55
CA HIS A 77 -16.55 -7.37 4.71
C HIS A 77 -16.08 -6.84 6.07
N GLN A 78 -14.76 -6.92 6.35
CA GLN A 78 -14.20 -6.44 7.63
C GLN A 78 -13.71 -7.63 8.49
N PRO A 79 -12.38 -7.76 8.76
CA PRO A 79 -11.32 -6.85 8.30
C PRO A 79 -11.45 -6.48 6.83
N ALA A 80 -11.71 -5.20 6.59
CA ALA A 80 -11.91 -4.72 5.24
C ALA A 80 -10.70 -4.96 4.36
N ARG A 81 -10.80 -5.94 3.49
CA ARG A 81 -9.73 -6.23 2.55
C ARG A 81 -9.52 -4.99 1.70
N TYR A 82 -8.29 -4.53 1.59
CA TYR A 82 -8.04 -3.31 0.83
C TYR A 82 -7.37 -3.59 -0.50
N SER A 83 -7.95 -3.02 -1.56
CA SER A 83 -7.41 -3.19 -2.91
C SER A 83 -7.34 -1.84 -3.62
N LEU A 84 -6.21 -1.60 -4.29
CA LEU A 84 -6.03 -0.33 -4.99
C LEU A 84 -7.12 -0.09 -6.03
N THR A 85 -7.78 1.06 -5.93
CA THR A 85 -8.79 1.41 -6.91
C THR A 85 -8.12 2.18 -8.05
N PRO A 86 -8.87 2.61 -9.10
CA PRO A 86 -8.27 3.34 -10.22
C PRO A 86 -7.27 4.42 -9.80
N GLU A 87 -7.68 5.28 -8.89
CA GLU A 87 -6.80 6.36 -8.43
C GLU A 87 -5.60 5.81 -7.66
N GLY A 88 -5.86 4.89 -6.73
CA GLY A 88 -4.75 4.33 -5.96
C GLY A 88 -3.78 3.57 -6.86
N LEU A 89 -4.30 3.03 -7.95
CA LEU A 89 -3.49 2.30 -8.89
C LEU A 89 -2.52 3.23 -9.60
N GLU A 90 -3.06 4.34 -10.10
CA GLU A 90 -2.23 5.31 -10.80
C GLU A 90 -1.23 5.92 -9.83
N LEU A 91 -1.73 6.37 -8.70
CA LEU A 91 -0.87 6.98 -7.70
C LEU A 91 0.22 6.00 -7.27
N ALA A 92 -0.18 4.76 -7.00
CA ALA A 92 0.77 3.74 -6.58
C ALA A 92 1.93 3.62 -7.56
N GLN A 93 1.62 3.63 -8.85
CA GLN A 93 2.66 3.55 -9.86
C GLN A 93 3.66 4.68 -9.65
N LYS A 94 3.13 5.80 -9.20
CA LYS A 94 3.95 6.98 -8.94
C LYS A 94 4.79 6.79 -7.68
N LEU A 95 4.13 6.40 -6.59
CA LEU A 95 4.82 6.16 -5.34
C LEU A 95 5.91 5.12 -5.52
N ALA A 96 5.71 4.28 -6.53
CA ALA A 96 6.66 3.22 -6.84
C ALA A 96 7.90 3.76 -7.54
N GLU A 97 7.71 4.82 -8.32
CA GLU A 97 8.82 5.44 -9.06
C GLU A 97 9.94 5.77 -8.10
N SER A 98 9.57 6.35 -6.97
CA SER A 98 10.52 6.75 -5.95
C SER A 98 11.29 5.54 -5.40
N GLU A 99 10.64 4.38 -5.41
CA GLU A 99 11.27 3.16 -4.91
C GLU A 99 11.98 2.45 -6.05
N GLY A 100 11.92 3.03 -7.23
CA GLY A 100 12.54 2.39 -8.37
C GLY A 100 11.66 1.29 -8.91
N LEU A 101 10.49 1.16 -8.28
CA LEU A 101 9.51 0.16 -8.65
C LEU A 101 10.07 -1.24 -8.51
N SER A 102 10.97 -1.41 -7.54
CA SER A 102 11.59 -2.70 -7.30
C SER A 102 10.79 -3.48 -6.26
N LEU A 103 9.47 -3.33 -6.31
CA LEU A 103 8.61 -4.02 -5.36
C LEU A 103 8.13 -5.35 -5.94
N LEU A 104 7.32 -5.27 -6.99
CA LEU A 104 6.80 -6.46 -7.65
C LEU A 104 7.83 -7.58 -7.66
N ASN A 105 8.89 -7.41 -8.45
CA ASN A 105 9.93 -8.41 -8.56
C ASN A 105 11.15 -8.01 -7.73
N VAL A 106 11.77 -8.99 -7.07
CA VAL A 106 12.94 -8.73 -6.24
C VAL A 106 14.01 -9.78 -6.47
N GLY A 107 15.28 -9.38 -6.35
CA GLY A 107 16.38 -10.30 -6.55
C GLY A 107 17.65 -9.84 -5.86
N ILE A 108 17.84 -10.29 -4.63
CA ILE A 108 19.03 -9.93 -3.86
C ILE A 108 20.14 -10.95 -4.04
N GLY A 109 19.75 -12.21 -4.22
CA GLY A 109 20.72 -13.28 -4.40
C GLY A 109 20.18 -14.43 -5.23
N GLY A 7 -5.37 16.74 -12.32
CA GLY A 7 -5.35 16.80 -10.84
C GLY A 7 -4.61 15.62 -10.22
N SER A 8 -3.33 15.82 -9.93
CA SER A 8 -2.50 14.77 -9.34
C SER A 8 -2.35 14.99 -7.83
N TYR A 9 -2.82 14.02 -7.06
CA TYR A 9 -2.73 14.09 -5.60
C TYR A 9 -1.58 13.22 -5.09
N TRP A 10 -0.80 13.77 -4.16
CA TRP A 10 0.33 13.05 -3.58
C TRP A 10 0.14 12.86 -2.08
N PRO A 11 0.41 11.64 -1.56
CA PRO A 11 0.26 11.35 -0.14
C PRO A 11 1.25 12.11 0.73
N ALA A 12 2.49 11.64 0.75
CA ALA A 12 3.53 12.28 1.56
C ALA A 12 4.84 11.52 1.45
N ARG A 13 5.68 11.60 2.49
CA ARG A 13 6.97 10.90 2.50
C ARG A 13 6.98 9.79 3.54
N HIS A 14 6.98 8.54 3.07
CA HIS A 14 7.02 7.38 3.96
C HIS A 14 5.87 7.43 4.97
N SER A 15 4.87 8.27 4.70
CA SER A 15 3.73 8.41 5.59
C SER A 15 2.79 7.21 5.47
N GLY A 16 1.66 7.29 6.15
CA GLY A 16 0.70 6.19 6.13
C GLY A 16 0.04 6.00 4.78
N ALA A 17 -0.63 7.04 4.29
CA ALA A 17 -1.33 6.98 3.02
C ALA A 17 -0.41 6.54 1.88
N ARG A 18 0.85 6.96 1.95
CA ARG A 18 1.82 6.60 0.91
C ARG A 18 2.21 5.14 1.01
N VAL A 19 2.68 4.75 2.18
CA VAL A 19 3.12 3.39 2.42
C VAL A 19 2.02 2.37 2.16
N ILE A 20 0.77 2.74 2.44
CA ILE A 20 -0.34 1.82 2.26
C ILE A 20 -0.69 1.58 0.78
N LEU A 21 -0.88 2.65 0.01
CA LEU A 21 -1.23 2.48 -1.39
C LEU A 21 -0.12 1.77 -2.17
N LEU A 22 1.12 2.01 -1.78
CA LEU A 22 2.24 1.41 -2.46
C LEU A 22 2.34 -0.08 -2.13
N VAL A 23 2.10 -0.39 -0.86
CA VAL A 23 2.16 -1.76 -0.40
C VAL A 23 0.99 -2.57 -0.96
N LEU A 24 -0.18 -1.94 -1.04
CA LEU A 24 -1.36 -2.59 -1.61
C LEU A 24 -1.11 -2.83 -3.09
N TYR A 25 -0.29 -1.95 -3.66
CA TYR A 25 0.05 -2.02 -5.07
C TYR A 25 0.65 -3.37 -5.45
N ARG A 26 1.74 -3.73 -4.80
CA ARG A 26 2.41 -5.00 -5.11
C ARG A 26 1.46 -6.19 -5.04
N GLU A 27 0.77 -6.35 -3.92
CA GLU A 27 -0.16 -7.47 -3.76
C GLU A 27 -1.27 -7.41 -4.80
N HIS A 28 -1.61 -6.20 -5.24
CA HIS A 28 -2.65 -6.04 -6.23
C HIS A 28 -2.18 -6.53 -7.60
N LEU A 29 -0.93 -6.21 -7.92
CA LEU A 29 -0.35 -6.62 -9.19
C LEU A 29 -0.25 -8.14 -9.30
N ASN A 30 -0.53 -8.80 -8.19
CA ASN A 30 -0.48 -10.27 -8.15
C ASN A 30 -1.39 -10.89 -9.21
N PRO A 31 -0.79 -11.51 -10.25
CA PRO A 31 -1.55 -12.16 -11.32
C PRO A 31 -2.50 -13.24 -10.80
N ASN A 32 -1.99 -14.08 -9.91
CA ASN A 32 -2.80 -15.16 -9.35
C ASN A 32 -3.07 -14.93 -7.88
N GLY A 33 -2.39 -13.93 -7.31
CA GLY A 33 -2.58 -13.62 -5.90
C GLY A 33 -3.86 -12.84 -5.66
N HIS A 34 -4.03 -12.37 -4.43
CA HIS A 34 -5.22 -11.60 -4.09
C HIS A 34 -4.98 -10.11 -4.32
N HIS A 35 -5.95 -9.45 -4.94
CA HIS A 35 -5.84 -8.03 -5.22
C HIS A 35 -6.17 -7.21 -3.98
N PHE A 36 -5.74 -7.72 -2.82
CA PHE A 36 -5.99 -7.04 -1.54
C PHE A 36 -5.15 -7.62 -0.42
N LEU A 37 -5.30 -7.04 0.77
CA LEU A 37 -4.57 -7.49 1.94
C LEU A 37 -5.35 -7.19 3.22
N THR A 38 -5.22 -8.07 4.21
CA THR A 38 -5.89 -7.88 5.48
C THR A 38 -5.05 -6.99 6.40
N LYS A 39 -5.66 -6.41 7.43
CA LYS A 39 -4.95 -5.53 8.34
C LYS A 39 -3.67 -6.18 8.86
N GLU A 40 -3.76 -7.46 9.19
CA GLU A 40 -2.61 -8.20 9.71
C GLU A 40 -1.56 -8.41 8.62
N GLU A 41 -2.02 -8.66 7.40
CA GLU A 41 -1.09 -8.89 6.29
C GLU A 41 -0.43 -7.59 5.86
N LEU A 42 -1.13 -6.49 6.08
CA LEU A 42 -0.62 -5.17 5.70
C LEU A 42 0.62 -4.79 6.49
N LEU A 43 0.52 -4.86 7.80
CA LEU A 43 1.64 -4.53 8.68
C LEU A 43 2.91 -5.28 8.27
N GLN A 44 2.75 -6.55 7.92
CA GLN A 44 3.89 -7.36 7.50
C GLN A 44 4.35 -6.97 6.10
N ARG A 45 3.38 -6.68 5.25
CA ARG A 45 3.66 -6.28 3.88
C ARG A 45 4.44 -4.96 3.83
N CYS A 46 3.89 -3.96 4.47
CA CYS A 46 4.51 -2.64 4.53
C CYS A 46 5.87 -2.70 5.20
N ALA A 47 6.02 -3.63 6.13
CA ALA A 47 7.28 -3.80 6.86
C ALA A 47 8.44 -3.98 5.90
N GLN A 48 8.14 -4.25 4.62
CA GLN A 48 9.22 -4.42 3.66
C GLN A 48 9.38 -3.13 2.87
N LYS A 49 8.26 -2.40 2.74
CA LYS A 49 8.24 -1.13 2.03
C LYS A 49 9.22 -0.15 2.66
N SER A 50 10.36 0.03 2.00
CA SER A 50 11.40 0.92 2.49
C SER A 50 11.83 0.52 3.90
N PRO A 51 12.66 -0.54 4.03
CA PRO A 51 13.12 -1.01 5.33
C PRO A 51 13.88 0.08 6.10
N ARG A 52 14.33 1.09 5.36
CA ARG A 52 15.06 2.19 5.97
C ARG A 52 14.20 2.94 7.00
N VAL A 53 12.91 2.62 7.04
CA VAL A 53 12.00 3.27 7.98
C VAL A 53 12.55 3.18 9.40
N ALA A 54 12.23 4.19 10.21
CA ALA A 54 12.70 4.23 11.59
C ALA A 54 12.30 2.95 12.34
N PRO A 55 13.22 2.41 13.16
CA PRO A 55 12.97 1.19 13.94
C PRO A 55 11.85 1.37 14.96
N GLY A 56 11.00 0.36 15.09
CA GLY A 56 9.90 0.42 16.02
C GLY A 56 8.95 1.56 15.73
N SER A 57 8.98 2.05 14.50
CA SER A 57 8.10 3.15 14.09
C SER A 57 6.97 2.66 13.19
N ALA A 58 5.77 2.58 13.75
CA ALA A 58 4.61 2.12 13.00
C ALA A 58 3.57 3.24 12.89
N PRO A 59 3.64 4.06 11.82
CA PRO A 59 2.70 5.16 11.61
C PRO A 59 1.25 4.70 11.69
N PRO A 60 0.32 5.61 12.06
CA PRO A 60 -1.10 5.28 12.17
C PRO A 60 -1.69 4.75 10.87
N TRP A 61 -2.26 3.56 10.91
CA TRP A 61 -2.85 2.96 9.73
C TRP A 61 -4.35 3.26 9.58
N PRO A 62 -5.06 3.69 10.67
CA PRO A 62 -6.48 4.03 10.55
C PRO A 62 -6.75 5.00 9.41
N ALA A 63 -5.67 5.60 8.90
CA ALA A 63 -5.77 6.53 7.78
C ALA A 63 -6.46 5.89 6.59
N LEU A 64 -6.45 4.55 6.57
CA LEU A 64 -7.09 3.81 5.49
C LEU A 64 -8.54 4.24 5.33
N ARG A 65 -9.18 4.55 6.45
CA ARG A 65 -10.58 4.98 6.42
C ARG A 65 -10.68 6.35 5.74
N SER A 66 -9.61 7.13 5.86
CA SER A 66 -9.56 8.45 5.24
C SER A 66 -9.40 8.33 3.73
N LEU A 67 -8.58 7.37 3.30
CA LEU A 67 -8.36 7.13 1.88
C LEU A 67 -9.57 6.42 1.27
N LEU A 68 -10.16 5.52 2.04
CA LEU A 68 -11.35 4.80 1.59
C LEU A 68 -12.42 5.83 1.26
N HIS A 69 -12.38 6.93 2.01
CA HIS A 69 -13.30 8.03 1.81
C HIS A 69 -12.98 8.70 0.47
N ARG A 70 -11.69 8.74 0.13
CA ARG A 70 -11.27 9.33 -1.12
C ARG A 70 -11.44 8.32 -2.23
N ASN A 71 -11.79 7.09 -1.84
CA ASN A 71 -12.03 6.01 -2.78
C ASN A 71 -10.74 5.52 -3.45
N LEU A 72 -9.59 5.92 -2.92
CA LEU A 72 -8.32 5.47 -3.48
C LEU A 72 -8.10 4.01 -3.10
N VAL A 73 -8.71 3.61 -2.01
CA VAL A 73 -8.63 2.23 -1.53
C VAL A 73 -10.01 1.61 -1.53
N LEU A 74 -10.07 0.30 -1.30
CA LEU A 74 -11.35 -0.40 -1.30
C LEU A 74 -11.44 -1.38 -0.13
N ARG A 75 -12.37 -1.11 0.79
CA ARG A 75 -12.54 -1.97 1.96
C ARG A 75 -13.47 -3.14 1.67
N THR A 76 -13.27 -4.23 2.38
CA THR A 76 -14.09 -5.42 2.18
C THR A 76 -14.75 -5.88 3.49
N HIS A 77 -15.45 -7.00 3.39
CA HIS A 77 -16.19 -7.59 4.52
C HIS A 77 -15.52 -7.49 5.89
N GLN A 78 -14.34 -8.09 6.04
CA GLN A 78 -13.67 -8.06 7.34
C GLN A 78 -12.41 -8.94 7.33
N PRO A 79 -11.30 -8.53 8.00
CA PRO A 79 -11.20 -7.27 8.76
C PRO A 79 -11.29 -6.05 7.87
N ALA A 80 -11.75 -6.31 6.64
CA ALA A 80 -11.94 -5.27 5.63
C ALA A 80 -10.78 -5.29 4.66
N ARG A 81 -10.85 -6.21 3.71
CA ARG A 81 -9.79 -6.33 2.71
C ARG A 81 -9.68 -5.02 1.93
N TYR A 82 -8.47 -4.50 1.81
CA TYR A 82 -8.26 -3.24 1.09
C TYR A 82 -7.66 -3.49 -0.28
N SER A 83 -8.04 -2.65 -1.24
CA SER A 83 -7.54 -2.79 -2.60
C SER A 83 -7.31 -1.43 -3.25
N LEU A 84 -6.45 -1.40 -4.26
CA LEU A 84 -6.14 -0.15 -4.96
C LEU A 84 -7.15 0.13 -6.07
N THR A 85 -7.69 1.33 -6.09
CA THR A 85 -8.64 1.74 -7.11
C THR A 85 -7.87 2.51 -8.19
N PRO A 86 -8.54 3.00 -9.26
CA PRO A 86 -7.86 3.74 -10.32
C PRO A 86 -6.85 4.77 -9.81
N GLU A 87 -7.28 5.59 -8.86
CA GLU A 87 -6.40 6.61 -8.30
C GLU A 87 -5.25 5.99 -7.51
N GLY A 88 -5.58 5.09 -6.57
CA GLY A 88 -4.54 4.46 -5.78
C GLY A 88 -3.58 3.66 -6.64
N LEU A 89 -4.04 3.24 -7.81
CA LEU A 89 -3.23 2.47 -8.73
C LEU A 89 -2.19 3.37 -9.37
N GLU A 90 -2.66 4.49 -9.93
CA GLU A 90 -1.76 5.44 -10.57
C GLU A 90 -0.80 6.01 -9.54
N LEU A 91 -1.37 6.48 -8.44
CA LEU A 91 -0.59 7.05 -7.37
C LEU A 91 0.50 6.08 -6.93
N ALA A 92 0.11 4.84 -6.67
CA ALA A 92 1.05 3.81 -6.24
C ALA A 92 2.16 3.61 -7.26
N GLN A 93 1.80 3.65 -8.54
CA GLN A 93 2.79 3.50 -9.60
C GLN A 93 3.87 4.56 -9.44
N LYS A 94 3.45 5.73 -8.96
CA LYS A 94 4.35 6.83 -8.76
C LYS A 94 5.27 6.57 -7.57
N LEU A 95 4.67 6.23 -6.43
CA LEU A 95 5.43 5.94 -5.23
C LEU A 95 6.39 4.79 -5.50
N ALA A 96 6.01 3.96 -6.46
CA ALA A 96 6.82 2.81 -6.84
C ALA A 96 8.08 3.23 -7.58
N GLU A 97 7.98 4.33 -8.32
CA GLU A 97 9.13 4.85 -9.07
C GLU A 97 10.30 5.06 -8.14
N SER A 98 10.00 5.65 -6.98
CA SER A 98 11.02 5.92 -5.98
C SER A 98 11.69 4.64 -5.49
N GLU A 99 10.93 3.54 -5.51
CA GLU A 99 11.46 2.25 -5.08
C GLU A 99 12.03 1.49 -6.26
N GLY A 100 11.98 2.10 -7.43
CA GLY A 100 12.47 1.44 -8.61
C GLY A 100 11.41 0.49 -9.15
N LEU A 101 10.29 0.44 -8.43
CA LEU A 101 9.17 -0.39 -8.79
C LEU A 101 9.52 -1.87 -8.64
N SER A 102 10.50 -2.15 -7.79
CA SER A 102 10.94 -3.51 -7.54
C SER A 102 10.22 -4.09 -6.33
N LEU A 103 8.89 -3.92 -6.29
CA LEU A 103 8.10 -4.43 -5.18
C LEU A 103 7.81 -5.92 -5.37
N LEU A 104 6.92 -6.21 -6.33
CA LEU A 104 6.56 -7.60 -6.63
C LEU A 104 7.74 -8.54 -6.41
N ASN A 105 8.80 -8.34 -7.19
CA ASN A 105 9.99 -9.17 -7.09
C ASN A 105 11.03 -8.53 -6.16
N VAL A 106 11.69 -9.37 -5.37
CA VAL A 106 12.70 -8.88 -4.43
C VAL A 106 14.01 -9.64 -4.61
N GLY A 107 13.98 -10.94 -4.34
CA GLY A 107 15.17 -11.76 -4.49
C GLY A 107 14.89 -13.24 -4.35
N ILE A 108 15.94 -14.04 -4.31
CA ILE A 108 15.79 -15.49 -4.19
C ILE A 108 15.80 -15.91 -2.72
N GLY A 109 16.75 -15.37 -1.96
CA GLY A 109 16.85 -15.71 -0.55
C GLY A 109 18.27 -15.78 -0.06
N GLY A 7 -5.83 20.48 -8.58
CA GLY A 7 -6.29 19.44 -7.62
C GLY A 7 -5.48 18.15 -7.73
N SER A 8 -4.61 17.91 -6.74
CA SER A 8 -3.78 16.72 -6.75
C SER A 8 -3.56 16.22 -5.32
N TYR A 9 -3.07 14.99 -5.20
CA TYR A 9 -2.80 14.39 -3.89
C TYR A 9 -1.48 13.64 -3.90
N TRP A 10 -0.53 14.10 -3.08
CA TRP A 10 0.78 13.48 -2.99
C TRP A 10 1.34 13.58 -1.57
N PRO A 11 1.16 12.52 -0.76
CA PRO A 11 1.65 12.50 0.63
C PRO A 11 3.16 12.63 0.71
N ALA A 12 3.68 12.70 1.93
CA ALA A 12 5.11 12.83 2.15
C ALA A 12 5.81 11.47 2.04
N ARG A 13 7.06 11.42 2.48
CA ARG A 13 7.83 10.17 2.42
C ARG A 13 7.50 9.27 3.60
N HIS A 14 7.37 7.96 3.33
CA HIS A 14 7.07 6.98 4.36
C HIS A 14 5.74 7.29 5.03
N SER A 15 4.97 8.22 4.45
CA SER A 15 3.68 8.60 5.00
C SER A 15 2.73 7.40 5.03
N GLY A 16 1.75 7.45 5.92
CA GLY A 16 0.81 6.36 6.04
C GLY A 16 0.07 6.09 4.74
N ALA A 17 -0.63 7.10 4.23
CA ALA A 17 -1.39 6.96 3.00
C ALA A 17 -0.50 6.53 1.84
N ARG A 18 0.77 6.92 1.87
CA ARG A 18 1.70 6.56 0.81
C ARG A 18 2.06 5.09 0.87
N VAL A 19 2.56 4.68 2.03
CA VAL A 19 2.98 3.32 2.22
C VAL A 19 1.85 2.32 1.95
N ILE A 20 0.63 2.70 2.28
CA ILE A 20 -0.50 1.79 2.08
C ILE A 20 -0.85 1.60 0.60
N LEU A 21 -1.07 2.68 -0.13
CA LEU A 21 -1.43 2.51 -1.54
C LEU A 21 -0.31 1.81 -2.31
N LEU A 22 0.94 2.05 -1.93
CA LEU A 22 2.06 1.43 -2.60
C LEU A 22 2.16 -0.04 -2.26
N VAL A 23 2.02 -0.35 -0.98
CA VAL A 23 2.09 -1.71 -0.51
C VAL A 23 0.95 -2.55 -1.09
N LEU A 24 -0.24 -1.97 -1.16
CA LEU A 24 -1.38 -2.66 -1.75
C LEU A 24 -1.15 -2.84 -3.24
N TYR A 25 -0.38 -1.91 -3.80
CA TYR A 25 -0.09 -1.94 -5.23
C TYR A 25 0.50 -3.28 -5.66
N ARG A 26 1.65 -3.65 -5.11
CA ARG A 26 2.28 -4.91 -5.50
C ARG A 26 1.34 -6.10 -5.29
N GLU A 27 0.74 -6.18 -4.11
CA GLU A 27 -0.17 -7.30 -3.86
C GLU A 27 -1.34 -7.28 -4.85
N HIS A 28 -1.69 -6.10 -5.33
CA HIS A 28 -2.77 -5.99 -6.30
C HIS A 28 -2.34 -6.51 -7.65
N LEU A 29 -1.12 -6.20 -8.04
CA LEU A 29 -0.58 -6.65 -9.32
C LEU A 29 -0.37 -8.16 -9.34
N ASN A 30 -0.60 -8.79 -8.19
CA ASN A 30 -0.43 -10.24 -8.08
C ASN A 30 -1.35 -11.00 -9.02
N PRO A 31 -0.79 -11.61 -10.09
CA PRO A 31 -1.57 -12.39 -11.05
C PRO A 31 -2.14 -13.65 -10.41
N ASN A 32 -1.39 -14.22 -9.47
CA ASN A 32 -1.81 -15.42 -8.79
C ASN A 32 -2.27 -15.12 -7.37
N GLY A 33 -1.77 -14.02 -6.83
CA GLY A 33 -2.13 -13.64 -5.47
C GLY A 33 -3.45 -12.89 -5.43
N HIS A 34 -3.82 -12.43 -4.24
CA HIS A 34 -5.06 -11.70 -4.06
C HIS A 34 -4.86 -10.21 -4.33
N HIS A 35 -5.85 -9.58 -4.95
CA HIS A 35 -5.78 -8.16 -5.27
C HIS A 35 -6.08 -7.32 -4.04
N PHE A 36 -5.72 -7.83 -2.86
CA PHE A 36 -5.98 -7.13 -1.61
C PHE A 36 -5.10 -7.65 -0.47
N LEU A 37 -5.29 -7.09 0.71
CA LEU A 37 -4.53 -7.50 1.89
C LEU A 37 -5.34 -7.28 3.17
N THR A 38 -5.08 -8.09 4.18
CA THR A 38 -5.75 -7.97 5.46
C THR A 38 -4.97 -7.05 6.38
N LYS A 39 -5.63 -6.49 7.38
CA LYS A 39 -4.96 -5.57 8.30
C LYS A 39 -3.69 -6.20 8.90
N GLU A 40 -3.71 -7.52 9.06
CA GLU A 40 -2.55 -8.21 9.62
C GLU A 40 -1.46 -8.41 8.58
N GLU A 41 -1.85 -8.70 7.34
CA GLU A 41 -0.87 -8.92 6.29
C GLU A 41 -0.24 -7.59 5.87
N LEU A 42 -0.99 -6.52 6.05
CA LEU A 42 -0.52 -5.19 5.68
C LEU A 42 0.71 -4.77 6.48
N LEU A 43 0.61 -4.86 7.79
CA LEU A 43 1.71 -4.51 8.68
C LEU A 43 3.01 -5.16 8.24
N GLN A 44 2.99 -6.46 8.04
CA GLN A 44 4.18 -7.19 7.62
C GLN A 44 4.58 -6.77 6.21
N ARG A 45 3.59 -6.51 5.38
CA ARG A 45 3.82 -6.11 4.00
C ARG A 45 4.67 -4.84 3.94
N CYS A 46 4.23 -3.83 4.69
CA CYS A 46 4.94 -2.55 4.77
C CYS A 46 6.40 -2.76 5.15
N ALA A 47 6.66 -3.79 5.94
CA ALA A 47 8.02 -4.11 6.38
C ALA A 47 8.96 -4.37 5.19
N GLN A 48 8.42 -4.30 3.98
CA GLN A 48 9.25 -4.53 2.80
C GLN A 48 9.65 -3.18 2.21
N LYS A 49 8.81 -2.18 2.46
CA LYS A 49 9.05 -0.82 1.97
C LYS A 49 10.43 -0.34 2.35
N SER A 50 10.81 -0.60 3.60
CA SER A 50 12.11 -0.19 4.12
C SER A 50 12.51 -1.09 5.30
N PRO A 51 13.83 -1.30 5.50
CA PRO A 51 14.34 -2.14 6.59
C PRO A 51 13.64 -1.85 7.92
N ARG A 52 13.78 -0.63 8.40
CA ARG A 52 13.15 -0.24 9.66
C ARG A 52 12.37 1.07 9.52
N VAL A 53 11.09 1.03 9.87
CA VAL A 53 10.24 2.20 9.78
C VAL A 53 9.50 2.45 11.08
N ALA A 54 9.87 1.73 12.13
CA ALA A 54 9.21 1.91 13.42
C ALA A 54 10.21 2.15 14.56
N PRO A 55 11.17 3.08 14.37
CA PRO A 55 12.15 3.41 15.41
C PRO A 55 11.68 4.58 16.25
N GLY A 56 10.54 5.14 15.86
CA GLY A 56 9.97 6.27 16.56
C GLY A 56 9.00 7.04 15.68
N SER A 57 8.80 6.52 14.47
CA SER A 57 7.90 7.13 13.50
C SER A 57 6.47 6.66 13.69
N ALA A 58 6.29 5.34 13.72
CA ALA A 58 4.97 4.74 13.89
C ALA A 58 4.01 5.23 12.82
N PRO A 59 4.07 4.62 11.61
CA PRO A 59 3.18 4.99 10.50
C PRO A 59 1.71 4.73 10.81
N PRO A 60 0.88 5.79 10.89
CA PRO A 60 -0.55 5.66 11.17
C PRO A 60 -1.32 5.08 9.99
N TRP A 61 -1.99 3.95 10.22
CA TRP A 61 -2.76 3.29 9.17
C TRP A 61 -4.26 3.59 9.24
N PRO A 62 -4.79 4.08 10.39
CA PRO A 62 -6.21 4.41 10.48
C PRO A 62 -6.66 5.34 9.36
N ALA A 63 -5.69 6.01 8.74
CA ALA A 63 -5.96 6.91 7.63
C ALA A 63 -6.49 6.15 6.43
N LEU A 64 -6.05 4.90 6.29
CA LEU A 64 -6.49 4.05 5.18
C LEU A 64 -8.01 4.08 5.05
N ARG A 65 -8.70 3.97 6.17
CA ARG A 65 -10.16 4.00 6.15
C ARG A 65 -10.63 5.28 5.46
N SER A 66 -10.01 6.39 5.83
CA SER A 66 -10.35 7.68 5.24
C SER A 66 -10.09 7.66 3.74
N LEU A 67 -9.10 6.87 3.32
CA LEU A 67 -8.77 6.78 1.90
C LEU A 67 -9.92 6.13 1.12
N LEU A 68 -10.61 5.19 1.76
CA LEU A 68 -11.74 4.52 1.13
C LEU A 68 -12.73 5.57 0.67
N HIS A 69 -12.86 6.60 1.49
CA HIS A 69 -13.76 7.71 1.21
C HIS A 69 -13.32 8.45 -0.05
N ARG A 70 -12.01 8.51 -0.27
CA ARG A 70 -11.46 9.18 -1.44
C ARG A 70 -11.54 8.28 -2.66
N ASN A 71 -11.99 7.05 -2.44
CA ASN A 71 -12.14 6.07 -3.52
C ASN A 71 -10.79 5.63 -4.08
N LEU A 72 -9.73 5.77 -3.27
CA LEU A 72 -8.39 5.36 -3.70
C LEU A 72 -8.15 3.92 -3.30
N VAL A 73 -8.90 3.47 -2.31
CA VAL A 73 -8.81 2.11 -1.81
C VAL A 73 -10.20 1.48 -1.74
N LEU A 74 -10.24 0.18 -1.48
CA LEU A 74 -11.51 -0.53 -1.40
C LEU A 74 -11.63 -1.30 -0.09
N ARG A 75 -12.77 -1.16 0.59
CA ARG A 75 -13.01 -1.86 1.85
C ARG A 75 -13.87 -3.08 1.64
N THR A 76 -13.72 -4.08 2.51
CA THR A 76 -14.48 -5.31 2.41
C THR A 76 -15.17 -5.68 3.73
N HIS A 77 -15.77 -6.86 3.72
CA HIS A 77 -16.54 -7.42 4.84
C HIS A 77 -16.11 -6.91 6.23
N GLN A 78 -14.82 -7.06 6.56
CA GLN A 78 -14.26 -6.61 7.87
C GLN A 78 -13.73 -7.82 8.67
N PRO A 79 -12.39 -7.92 8.89
CA PRO A 79 -11.38 -6.96 8.42
C PRO A 79 -11.54 -6.62 6.95
N ALA A 80 -11.88 -5.36 6.69
CA ALA A 80 -12.12 -4.91 5.34
C ALA A 80 -10.91 -5.12 4.45
N ARG A 81 -11.01 -6.11 3.56
CA ARG A 81 -9.91 -6.37 2.63
C ARG A 81 -9.69 -5.11 1.80
N TYR A 82 -8.45 -4.65 1.72
CA TYR A 82 -8.19 -3.42 0.98
C TYR A 82 -7.54 -3.67 -0.37
N SER A 83 -7.95 -2.88 -1.35
CA SER A 83 -7.44 -2.97 -2.70
C SER A 83 -7.33 -1.59 -3.34
N LEU A 84 -6.44 -1.46 -4.31
CA LEU A 84 -6.25 -0.18 -4.99
C LEU A 84 -7.31 0.07 -6.05
N THR A 85 -7.96 1.23 -5.97
CA THR A 85 -8.95 1.59 -6.96
C THR A 85 -8.24 2.35 -8.10
N PRO A 86 -8.96 2.79 -9.15
CA PRO A 86 -8.34 3.51 -10.27
C PRO A 86 -7.32 4.56 -9.83
N GLU A 87 -7.71 5.41 -8.89
CA GLU A 87 -6.80 6.46 -8.42
C GLU A 87 -5.65 5.89 -7.60
N GLY A 88 -5.96 5.01 -6.65
CA GLY A 88 -4.89 4.44 -5.84
C GLY A 88 -3.90 3.66 -6.68
N LEU A 89 -4.38 3.08 -7.77
CA LEU A 89 -3.53 2.32 -8.67
C LEU A 89 -2.57 3.25 -9.38
N GLU A 90 -3.11 4.30 -9.95
CA GLU A 90 -2.29 5.28 -10.67
C GLU A 90 -1.28 5.91 -9.73
N LEU A 91 -1.78 6.44 -8.62
CA LEU A 91 -0.91 7.08 -7.65
C LEU A 91 0.14 6.11 -7.15
N ALA A 92 -0.30 4.93 -6.73
CA ALA A 92 0.62 3.92 -6.21
C ALA A 92 1.71 3.60 -7.23
N GLN A 93 1.34 3.56 -8.50
CA GLN A 93 2.31 3.28 -9.55
C GLN A 93 3.42 4.33 -9.49
N LYS A 94 3.03 5.53 -9.12
CA LYS A 94 3.98 6.63 -8.99
C LYS A 94 4.86 6.44 -7.76
N LEU A 95 4.23 6.10 -6.64
CA LEU A 95 4.96 5.86 -5.41
C LEU A 95 6.01 4.79 -5.62
N ALA A 96 5.74 3.94 -6.59
CA ALA A 96 6.64 2.84 -6.92
C ALA A 96 7.88 3.32 -7.66
N GLU A 97 7.72 4.39 -8.43
CA GLU A 97 8.84 4.97 -9.17
C GLU A 97 10.00 5.27 -8.24
N SER A 98 9.65 5.85 -7.09
CA SER A 98 10.64 6.21 -6.09
C SER A 98 11.34 4.96 -5.55
N GLU A 99 10.65 3.83 -5.59
CA GLU A 99 11.21 2.59 -5.10
C GLU A 99 11.87 1.82 -6.24
N GLY A 100 11.79 2.40 -7.44
CA GLY A 100 12.36 1.74 -8.59
C GLY A 100 11.41 0.70 -9.13
N LEU A 101 10.24 0.62 -8.48
CA LEU A 101 9.20 -0.32 -8.86
C LEU A 101 9.70 -1.76 -8.75
N SER A 102 10.65 -1.97 -7.83
CA SER A 102 11.22 -3.29 -7.62
C SER A 102 10.57 -3.96 -6.41
N LEU A 103 9.33 -3.57 -6.12
CA LEU A 103 8.62 -4.15 -4.99
C LEU A 103 8.24 -5.60 -5.27
N LEU A 104 7.21 -5.78 -6.09
CA LEU A 104 6.76 -7.13 -6.43
C LEU A 104 7.81 -7.83 -7.29
N ASN A 105 7.95 -9.13 -7.11
CA ASN A 105 8.92 -9.92 -7.87
C ASN A 105 10.34 -9.39 -7.66
N VAL A 106 11.09 -10.05 -6.80
CA VAL A 106 12.46 -9.64 -6.52
C VAL A 106 13.43 -10.82 -6.63
N GLY A 107 14.68 -10.51 -6.99
CA GLY A 107 15.68 -11.55 -7.13
C GLY A 107 17.07 -10.98 -7.34
N ILE A 108 18.08 -11.82 -7.14
CA ILE A 108 19.47 -11.39 -7.31
C ILE A 108 20.01 -11.80 -8.67
N GLY A 109 21.25 -11.39 -8.96
CA GLY A 109 21.86 -11.74 -10.23
C GLY A 109 22.93 -10.74 -10.65
N GLY A 7 -5.79 20.70 -9.45
CA GLY A 7 -5.52 20.06 -8.14
C GLY A 7 -4.94 18.67 -8.28
N SER A 8 -4.02 18.32 -7.38
CA SER A 8 -3.39 17.01 -7.42
C SER A 8 -3.03 16.54 -6.00
N TYR A 9 -3.46 15.33 -5.65
CA TYR A 9 -3.19 14.76 -4.33
C TYR A 9 -1.87 14.01 -4.35
N TRP A 10 -0.90 14.47 -3.55
CA TRP A 10 0.40 13.83 -3.48
C TRP A 10 0.94 13.83 -2.05
N PRO A 11 0.78 12.70 -1.32
CA PRO A 11 1.26 12.57 0.06
C PRO A 11 2.79 12.62 0.13
N ALA A 12 3.31 12.69 1.35
CA ALA A 12 4.76 12.73 1.55
C ALA A 12 5.37 11.34 1.36
N ARG A 13 6.68 11.24 1.59
CA ARG A 13 7.37 9.97 1.43
C ARG A 13 7.25 9.13 2.70
N HIS A 14 7.13 7.81 2.52
CA HIS A 14 7.00 6.88 3.64
C HIS A 14 5.75 7.19 4.47
N SER A 15 4.91 8.08 3.97
CA SER A 15 3.69 8.47 4.67
C SER A 15 2.79 7.25 4.89
N GLY A 16 1.89 7.36 5.85
CA GLY A 16 0.99 6.26 6.13
C GLY A 16 0.07 5.95 4.96
N ALA A 17 -0.54 6.99 4.40
CA ALA A 17 -1.44 6.83 3.27
C ALA A 17 -0.71 6.38 2.01
N ARG A 18 0.52 6.86 1.84
CA ARG A 18 1.31 6.50 0.67
C ARG A 18 1.79 5.05 0.76
N VAL A 19 2.17 4.65 1.98
CA VAL A 19 2.67 3.30 2.21
C VAL A 19 1.57 2.24 2.02
N ILE A 20 0.35 2.58 2.40
CA ILE A 20 -0.76 1.64 2.26
C ILE A 20 -1.12 1.39 0.79
N LEU A 21 -1.22 2.47 0.01
CA LEU A 21 -1.57 2.30 -1.40
C LEU A 21 -0.45 1.64 -2.19
N LEU A 22 0.79 1.92 -1.80
CA LEU A 22 1.94 1.37 -2.47
C LEU A 22 2.08 -0.12 -2.15
N VAL A 23 1.84 -0.45 -0.91
CA VAL A 23 1.94 -1.83 -0.46
C VAL A 23 0.80 -2.66 -1.04
N LEU A 24 -0.39 -2.07 -1.12
CA LEU A 24 -1.54 -2.74 -1.70
C LEU A 24 -1.30 -2.91 -3.19
N TYR A 25 -0.51 -1.99 -3.73
CA TYR A 25 -0.19 -1.98 -5.15
C TYR A 25 0.46 -3.29 -5.59
N ARG A 26 1.61 -3.62 -5.02
CA ARG A 26 2.30 -4.85 -5.41
C ARG A 26 1.41 -6.07 -5.30
N GLU A 27 0.74 -6.22 -4.16
CA GLU A 27 -0.13 -7.36 -3.95
C GLU A 27 -1.25 -7.38 -4.99
N HIS A 28 -1.61 -6.19 -5.46
CA HIS A 28 -2.67 -6.08 -6.46
C HIS A 28 -2.20 -6.57 -7.82
N LEU A 29 -0.97 -6.21 -8.18
CA LEU A 29 -0.40 -6.62 -9.46
C LEU A 29 -0.22 -8.14 -9.51
N ASN A 30 -0.49 -8.79 -8.38
CA ASN A 30 -0.35 -10.23 -8.29
C ASN A 30 -1.18 -10.97 -9.33
N PRO A 31 -0.52 -11.55 -10.35
CA PRO A 31 -1.21 -12.31 -11.40
C PRO A 31 -1.87 -13.56 -10.84
N ASN A 32 -1.22 -14.16 -9.85
CA ASN A 32 -1.73 -15.36 -9.22
C ASN A 32 -2.19 -15.10 -7.80
N GLY A 33 -1.65 -14.05 -7.20
CA GLY A 33 -2.01 -13.71 -5.84
C GLY A 33 -3.35 -13.01 -5.76
N HIS A 34 -3.66 -12.47 -4.58
CA HIS A 34 -4.92 -11.77 -4.37
C HIS A 34 -4.74 -10.27 -4.57
N HIS A 35 -5.72 -9.63 -5.19
CA HIS A 35 -5.67 -8.20 -5.44
C HIS A 35 -6.07 -7.42 -4.18
N PHE A 36 -5.66 -7.93 -3.03
CA PHE A 36 -5.99 -7.28 -1.75
C PHE A 36 -5.20 -7.90 -0.60
N LEU A 37 -5.36 -7.30 0.57
CA LEU A 37 -4.71 -7.78 1.78
C LEU A 37 -5.37 -7.16 3.01
N THR A 38 -5.21 -7.81 4.16
CA THR A 38 -5.79 -7.31 5.39
C THR A 38 -4.83 -6.39 6.13
N LYS A 39 -5.36 -5.45 6.90
CA LYS A 39 -4.52 -4.50 7.64
C LYS A 39 -3.46 -5.22 8.45
N GLU A 40 -3.85 -6.26 9.17
CA GLU A 40 -2.91 -7.02 9.98
C GLU A 40 -1.76 -7.55 9.12
N GLU A 41 -2.08 -7.94 7.90
CA GLU A 41 -1.08 -8.47 6.98
C GLU A 41 -0.16 -7.37 6.46
N LEU A 42 -0.75 -6.20 6.20
CA LEU A 42 0.03 -5.07 5.69
C LEU A 42 1.16 -4.72 6.64
N LEU A 43 0.94 -4.95 7.93
CA LEU A 43 1.97 -4.66 8.93
C LEU A 43 3.26 -5.39 8.60
N GLN A 44 3.13 -6.63 8.15
CA GLN A 44 4.29 -7.42 7.78
C GLN A 44 4.84 -6.92 6.45
N ARG A 45 3.92 -6.52 5.58
CA ARG A 45 4.28 -6.00 4.27
C ARG A 45 5.18 -4.78 4.37
N CYS A 46 4.84 -3.89 5.29
CA CYS A 46 5.62 -2.66 5.50
C CYS A 46 7.10 -2.97 5.72
N ALA A 47 7.36 -4.12 6.34
CA ALA A 47 8.75 -4.52 6.59
C ALA A 47 9.58 -4.42 5.31
N GLN A 48 8.97 -4.78 4.19
CA GLN A 48 9.67 -4.71 2.91
C GLN A 48 9.51 -3.34 2.28
N LYS A 49 8.37 -2.73 2.55
CA LYS A 49 8.05 -1.39 2.06
C LYS A 49 9.24 -0.45 2.27
N SER A 50 9.88 -0.58 3.43
CA SER A 50 11.03 0.24 3.78
C SER A 50 11.77 -0.36 4.97
N PRO A 51 13.11 -0.26 5.00
CA PRO A 51 13.90 -0.80 6.11
C PRO A 51 13.51 -0.19 7.45
N ARG A 52 13.76 1.10 7.61
CA ARG A 52 13.42 1.80 8.83
C ARG A 52 12.45 2.95 8.55
N VAL A 53 11.16 2.64 8.57
CA VAL A 53 10.13 3.65 8.31
C VAL A 53 10.17 4.77 9.36
N ALA A 54 10.88 5.84 9.02
CA ALA A 54 10.99 6.98 9.94
C ALA A 54 11.68 6.59 11.24
N PRO A 55 12.30 7.56 11.95
CA PRO A 55 12.98 7.30 13.21
C PRO A 55 12.01 6.98 14.33
N GLY A 56 10.72 6.94 14.00
CA GLY A 56 9.70 6.64 14.99
C GLY A 56 8.30 6.85 14.44
N SER A 57 7.80 5.85 13.71
CA SER A 57 6.47 5.92 13.14
C SER A 57 5.41 6.17 14.20
N ALA A 58 4.94 7.41 14.29
CA ALA A 58 3.94 7.79 15.27
C ALA A 58 2.54 7.84 14.65
N PRO A 59 2.40 8.47 13.47
CA PRO A 59 1.10 8.59 12.78
C PRO A 59 0.37 7.25 12.68
N PRO A 60 -0.91 7.20 13.09
CA PRO A 60 -1.71 5.98 13.03
C PRO A 60 -1.78 5.41 11.62
N TRP A 61 -1.92 4.10 11.52
CA TRP A 61 -1.99 3.44 10.21
C TRP A 61 -3.42 3.32 9.69
N PRO A 62 -4.44 3.19 10.58
CA PRO A 62 -5.84 3.08 10.16
C PRO A 62 -6.28 4.24 9.26
N ALA A 63 -5.34 5.12 8.94
CA ALA A 63 -5.62 6.27 8.08
C ALA A 63 -6.27 5.83 6.76
N LEU A 64 -6.06 4.56 6.40
CA LEU A 64 -6.63 4.03 5.16
C LEU A 64 -8.14 4.22 5.14
N ARG A 65 -8.75 4.26 6.32
CA ARG A 65 -10.19 4.46 6.42
C ARG A 65 -10.58 5.78 5.79
N SER A 66 -9.74 6.79 6.02
CA SER A 66 -9.99 8.11 5.47
C SER A 66 -9.81 8.08 3.95
N LEU A 67 -8.94 7.21 3.47
CA LEU A 67 -8.69 7.08 2.04
C LEU A 67 -9.87 6.41 1.35
N LEU A 68 -10.49 5.45 2.05
CA LEU A 68 -11.65 4.76 1.50
C LEU A 68 -12.69 5.79 1.07
N HIS A 69 -12.70 6.91 1.80
CA HIS A 69 -13.62 7.99 1.50
C HIS A 69 -13.33 8.55 0.11
N ARG A 70 -12.05 8.82 -0.15
CA ARG A 70 -11.64 9.34 -1.45
C ARG A 70 -11.78 8.23 -2.49
N ASN A 71 -12.06 7.03 -2.00
CA ASN A 71 -12.24 5.85 -2.85
C ASN A 71 -10.94 5.44 -3.53
N LEU A 72 -9.80 5.93 -3.03
CA LEU A 72 -8.52 5.54 -3.60
C LEU A 72 -8.24 4.10 -3.17
N VAL A 73 -8.86 3.73 -2.07
CA VAL A 73 -8.75 2.39 -1.51
C VAL A 73 -10.14 1.78 -1.40
N LEU A 74 -10.22 0.45 -1.52
CA LEU A 74 -11.52 -0.22 -1.45
C LEU A 74 -11.59 -1.14 -0.23
N ARG A 75 -12.52 -0.85 0.68
CA ARG A 75 -12.70 -1.67 1.87
C ARG A 75 -13.67 -2.81 1.61
N THR A 76 -13.50 -3.90 2.34
CA THR A 76 -14.38 -5.05 2.16
C THR A 76 -15.08 -5.45 3.46
N HIS A 77 -15.86 -6.52 3.37
CA HIS A 77 -16.67 -7.05 4.46
C HIS A 77 -16.13 -6.78 5.87
N GLN A 78 -14.90 -7.26 6.14
CA GLN A 78 -14.27 -7.09 7.46
C GLN A 78 -14.06 -8.47 8.11
N PRO A 79 -12.83 -9.06 8.08
CA PRO A 79 -11.59 -8.50 7.49
C PRO A 79 -11.81 -7.56 6.31
N ALA A 80 -11.59 -6.28 6.58
CA ALA A 80 -11.77 -5.25 5.57
C ALA A 80 -10.72 -5.36 4.49
N ARG A 81 -10.96 -6.22 3.52
CA ARG A 81 -10.02 -6.40 2.43
C ARG A 81 -9.85 -5.07 1.69
N TYR A 82 -8.61 -4.66 1.47
CA TYR A 82 -8.35 -3.41 0.79
C TYR A 82 -7.87 -3.65 -0.64
N SER A 83 -8.28 -2.78 -1.55
CA SER A 83 -7.90 -2.91 -2.95
C SER A 83 -7.69 -1.55 -3.59
N LEU A 84 -6.62 -1.44 -4.38
CA LEU A 84 -6.31 -0.20 -5.06
C LEU A 84 -7.33 0.12 -6.14
N THR A 85 -7.88 1.32 -6.11
CA THR A 85 -8.83 1.74 -7.12
C THR A 85 -8.10 2.53 -8.20
N PRO A 86 -8.79 3.05 -9.24
CA PRO A 86 -8.12 3.81 -10.30
C PRO A 86 -7.12 4.84 -9.78
N GLU A 87 -7.55 5.65 -8.82
CA GLU A 87 -6.67 6.67 -8.25
C GLU A 87 -5.55 6.06 -7.42
N GLY A 88 -5.89 5.10 -6.56
CA GLY A 88 -4.88 4.47 -5.73
C GLY A 88 -3.87 3.70 -6.56
N LEU A 89 -4.31 3.22 -7.71
CA LEU A 89 -3.45 2.47 -8.62
C LEU A 89 -2.42 3.41 -9.23
N GLU A 90 -2.91 4.52 -9.74
CA GLU A 90 -2.03 5.51 -10.37
C GLU A 90 -1.08 6.09 -9.33
N LEU A 91 -1.67 6.58 -8.24
CA LEU A 91 -0.87 7.15 -7.17
C LEU A 91 0.20 6.18 -6.72
N ALA A 92 -0.21 4.94 -6.43
CA ALA A 92 0.72 3.91 -5.98
C ALA A 92 1.76 3.61 -7.05
N GLN A 93 1.34 3.68 -8.32
CA GLN A 93 2.24 3.42 -9.42
C GLN A 93 3.40 4.41 -9.36
N LYS A 94 3.08 5.61 -8.91
CA LYS A 94 4.07 6.67 -8.77
C LYS A 94 5.01 6.39 -7.61
N LEU A 95 4.43 6.05 -6.46
CA LEU A 95 5.22 5.74 -5.28
C LEU A 95 6.17 4.60 -5.59
N ALA A 96 5.78 3.77 -6.55
CA ALA A 96 6.58 2.63 -6.95
C ALA A 96 7.86 3.08 -7.66
N GLU A 97 7.76 4.17 -8.40
CA GLU A 97 8.91 4.70 -9.12
C GLU A 97 10.07 4.93 -8.17
N SER A 98 9.74 5.48 -7.01
CA SER A 98 10.75 5.74 -5.98
C SER A 98 11.43 4.46 -5.53
N GLU A 99 10.68 3.36 -5.52
CA GLU A 99 11.22 2.07 -5.11
C GLU A 99 11.78 1.33 -6.31
N GLY A 100 11.76 1.99 -7.46
CA GLY A 100 12.25 1.35 -8.67
C GLY A 100 11.24 0.35 -9.17
N LEU A 101 10.10 0.29 -8.46
CA LEU A 101 9.01 -0.62 -8.81
C LEU A 101 9.46 -2.07 -8.65
N SER A 102 10.47 -2.27 -7.82
CA SER A 102 11.00 -3.60 -7.57
C SER A 102 10.53 -4.13 -6.22
N LEU A 103 9.32 -3.75 -5.84
CA LEU A 103 8.75 -4.18 -4.56
C LEU A 103 8.50 -5.69 -4.56
N LEU A 104 7.38 -6.12 -5.12
CA LEU A 104 7.06 -7.55 -5.17
C LEU A 104 7.31 -8.13 -6.56
N ASN A 105 6.55 -7.66 -7.53
CA ASN A 105 6.68 -8.14 -8.90
C ASN A 105 8.06 -7.80 -9.47
N VAL A 106 8.95 -8.79 -9.45
CA VAL A 106 10.30 -8.60 -9.95
C VAL A 106 10.80 -9.85 -10.66
N GLY A 107 11.49 -9.66 -11.79
CA GLY A 107 12.01 -10.78 -12.55
C GLY A 107 11.97 -10.53 -14.04
N ILE A 108 10.84 -10.88 -14.66
CA ILE A 108 10.66 -10.69 -16.09
C ILE A 108 9.23 -10.29 -16.43
N GLY A 109 8.99 -10.05 -17.72
CA GLY A 109 7.65 -9.67 -18.15
C GLY A 109 7.68 -8.81 -19.41
N GLY A 7 -6.55 20.29 -8.02
CA GLY A 7 -6.06 19.77 -6.70
C GLY A 7 -5.49 18.37 -6.81
N SER A 8 -4.18 18.25 -6.64
CA SER A 8 -3.51 16.96 -6.72
C SER A 8 -3.29 16.37 -5.33
N TYR A 9 -2.68 15.19 -5.28
CA TYR A 9 -2.40 14.53 -4.01
C TYR A 9 -1.07 13.81 -4.05
N TRP A 10 -0.23 14.04 -3.05
CA TRP A 10 1.08 13.40 -2.99
C TRP A 10 1.65 13.45 -1.56
N PRO A 11 1.52 12.36 -0.79
CA PRO A 11 2.04 12.29 0.58
C PRO A 11 3.57 12.32 0.61
N ALA A 12 4.14 12.11 1.79
CA ALA A 12 5.59 12.11 1.94
C ALA A 12 6.19 10.87 1.28
N ARG A 13 7.37 10.47 1.76
CA ARG A 13 8.05 9.30 1.20
C ARG A 13 7.81 8.07 2.07
N HIS A 14 7.17 8.25 3.22
CA HIS A 14 6.88 7.15 4.13
C HIS A 14 5.56 7.35 4.86
N SER A 15 4.79 8.36 4.44
CA SER A 15 3.51 8.66 5.05
C SER A 15 2.61 7.42 5.06
N GLY A 16 1.68 7.36 6.01
CA GLY A 16 0.79 6.23 6.09
C GLY A 16 0.04 5.96 4.80
N ALA A 17 -0.65 6.97 4.31
CA ALA A 17 -1.41 6.85 3.06
C ALA A 17 -0.51 6.45 1.90
N ARG A 18 0.76 6.86 1.96
CA ARG A 18 1.73 6.55 0.92
C ARG A 18 2.10 5.08 0.96
N VAL A 19 2.48 4.63 2.14
CA VAL A 19 2.90 3.25 2.34
C VAL A 19 1.78 2.26 2.03
N ILE A 20 0.54 2.65 2.29
CA ILE A 20 -0.58 1.74 2.04
C ILE A 20 -0.90 1.57 0.56
N LEU A 21 -1.10 2.67 -0.17
CA LEU A 21 -1.41 2.52 -1.59
C LEU A 21 -0.29 1.79 -2.34
N LEU A 22 0.95 2.03 -1.93
CA LEU A 22 2.08 1.41 -2.58
C LEU A 22 2.13 -0.08 -2.27
N VAL A 23 1.96 -0.39 -0.99
CA VAL A 23 1.98 -1.76 -0.53
C VAL A 23 0.86 -2.57 -1.19
N LEU A 24 -0.32 -1.97 -1.33
CA LEU A 24 -1.43 -2.66 -1.98
C LEU A 24 -1.09 -2.85 -3.45
N TYR A 25 -0.27 -1.94 -3.98
CA TYR A 25 0.12 -1.99 -5.39
C TYR A 25 0.65 -3.36 -5.77
N ARG A 26 1.71 -3.80 -5.11
CA ARG A 26 2.29 -5.10 -5.44
C ARG A 26 1.29 -6.25 -5.25
N GLU A 27 0.76 -6.38 -4.04
CA GLU A 27 -0.18 -7.48 -3.77
C GLU A 27 -1.41 -7.43 -4.68
N HIS A 28 -1.79 -6.24 -5.11
CA HIS A 28 -2.97 -6.11 -5.96
C HIS A 28 -2.68 -6.65 -7.36
N LEU A 29 -1.55 -6.26 -7.92
CA LEU A 29 -1.17 -6.69 -9.26
C LEU A 29 -0.71 -8.14 -9.28
N ASN A 30 -0.79 -8.80 -8.13
CA ASN A 30 -0.39 -10.20 -8.01
C ASN A 30 -1.31 -11.12 -8.84
N PRO A 31 -0.80 -11.66 -9.95
CA PRO A 31 -1.57 -12.57 -10.82
C PRO A 31 -1.93 -13.87 -10.11
N ASN A 32 -0.92 -14.45 -9.46
CA ASN A 32 -1.12 -15.70 -8.74
C ASN A 32 -1.30 -15.43 -7.25
N GLY A 33 -1.79 -14.23 -6.92
CA GLY A 33 -1.99 -13.88 -5.54
C GLY A 33 -3.26 -13.08 -5.33
N HIS A 34 -3.61 -12.85 -4.07
CA HIS A 34 -4.80 -12.08 -3.74
C HIS A 34 -4.60 -10.60 -4.04
N HIS A 35 -5.52 -10.02 -4.80
CA HIS A 35 -5.44 -8.60 -5.16
C HIS A 35 -5.89 -7.71 -4.00
N PHE A 36 -5.62 -8.15 -2.78
CA PHE A 36 -6.01 -7.41 -1.59
C PHE A 36 -5.17 -7.82 -0.38
N LEU A 37 -5.43 -7.16 0.75
CA LEU A 37 -4.72 -7.44 1.98
C LEU A 37 -5.52 -6.96 3.18
N THR A 38 -5.38 -7.67 4.30
CA THR A 38 -6.09 -7.27 5.52
C THR A 38 -5.28 -6.25 6.31
N LYS A 39 -5.93 -5.57 7.24
CA LYS A 39 -5.25 -4.56 8.05
C LYS A 39 -4.00 -5.16 8.70
N GLU A 40 -4.14 -6.39 9.17
CA GLU A 40 -3.04 -7.09 9.82
C GLU A 40 -1.95 -7.48 8.83
N GLU A 41 -2.34 -7.78 7.59
CA GLU A 41 -1.38 -8.17 6.57
C GLU A 41 -0.54 -6.99 6.11
N LEU A 42 -1.11 -5.80 6.21
CA LEU A 42 -0.39 -4.60 5.78
C LEU A 42 0.78 -4.30 6.71
N LEU A 43 0.63 -4.65 7.98
CA LEU A 43 1.69 -4.42 8.96
C LEU A 43 3.01 -5.05 8.50
N GLN A 44 2.96 -6.33 8.16
CA GLN A 44 4.14 -7.05 7.70
C GLN A 44 4.51 -6.63 6.28
N ARG A 45 3.49 -6.49 5.43
CA ARG A 45 3.69 -6.10 4.05
C ARG A 45 4.48 -4.79 3.94
N CYS A 46 3.99 -3.78 4.65
CA CYS A 46 4.64 -2.47 4.68
C CYS A 46 6.10 -2.58 5.08
N ALA A 47 6.40 -3.58 5.90
CA ALA A 47 7.78 -3.81 6.36
C ALA A 47 8.71 -4.12 5.19
N GLN A 48 8.16 -4.14 3.98
CA GLN A 48 9.00 -4.42 2.82
C GLN A 48 9.36 -3.11 2.14
N LYS A 49 8.54 -2.09 2.38
CA LYS A 49 8.75 -0.75 1.83
C LYS A 49 10.18 -0.30 2.06
N SER A 50 10.65 -0.46 3.29
CA SER A 50 12.00 -0.07 3.66
C SER A 50 12.56 -1.02 4.72
N PRO A 51 13.86 -1.38 4.62
CA PRO A 51 14.49 -2.29 5.58
C PRO A 51 14.30 -1.83 7.02
N ARG A 52 13.51 -2.60 7.78
CA ARG A 52 13.25 -2.27 9.17
C ARG A 52 12.53 -0.93 9.28
N VAL A 53 11.21 -0.96 9.34
CA VAL A 53 10.42 0.26 9.45
C VAL A 53 10.51 0.87 10.83
N ALA A 54 9.86 2.01 11.03
CA ALA A 54 9.87 2.70 12.30
C ALA A 54 8.67 2.30 13.15
N PRO A 55 8.73 2.51 14.48
CA PRO A 55 7.63 2.17 15.39
C PRO A 55 6.35 2.91 15.06
N GLY A 56 6.39 3.74 14.01
CA GLY A 56 5.22 4.49 13.62
C GLY A 56 4.20 3.64 12.87
N SER A 57 4.38 2.33 12.93
CA SER A 57 3.45 1.41 12.26
C SER A 57 2.38 0.92 13.22
N ALA A 58 2.63 1.11 14.52
CA ALA A 58 1.69 0.69 15.55
C ALA A 58 0.61 1.75 15.80
N PRO A 59 0.99 3.04 15.89
CA PRO A 59 0.05 4.15 16.12
C PRO A 59 -1.17 4.09 15.20
N PRO A 60 -2.19 4.92 15.48
CA PRO A 60 -3.43 4.98 14.70
C PRO A 60 -3.21 4.76 13.20
N TRP A 61 -3.72 3.64 12.70
CA TRP A 61 -3.61 3.31 11.29
C TRP A 61 -4.95 3.44 10.55
N PRO A 62 -6.09 3.77 11.23
CA PRO A 62 -7.38 3.92 10.55
C PRO A 62 -7.26 4.89 9.38
N ALA A 63 -6.12 5.58 9.31
CA ALA A 63 -5.84 6.53 8.25
C ALA A 63 -6.15 5.90 6.88
N LEU A 64 -6.06 4.57 6.83
CA LEU A 64 -6.35 3.84 5.61
C LEU A 64 -7.83 3.94 5.24
N ARG A 65 -8.69 3.78 6.25
CA ARG A 65 -10.12 3.88 6.05
C ARG A 65 -10.47 5.23 5.46
N SER A 66 -9.71 6.25 5.87
CA SER A 66 -9.94 7.61 5.36
C SER A 66 -9.76 7.66 3.85
N LEU A 67 -8.87 6.80 3.34
CA LEU A 67 -8.62 6.75 1.90
C LEU A 67 -9.78 6.08 1.17
N LEU A 68 -10.42 5.10 1.82
CA LEU A 68 -11.55 4.42 1.21
C LEU A 68 -12.54 5.47 0.73
N HIS A 69 -12.70 6.49 1.55
CA HIS A 69 -13.60 7.60 1.26
C HIS A 69 -13.14 8.35 0.01
N ARG A 70 -11.82 8.49 -0.13
CA ARG A 70 -11.25 9.19 -1.28
C ARG A 70 -11.28 8.29 -2.51
N ASN A 71 -11.71 7.04 -2.30
CA ASN A 71 -11.80 6.07 -3.39
C ASN A 71 -10.43 5.65 -3.91
N LEU A 72 -9.41 5.72 -3.05
CA LEU A 72 -8.06 5.31 -3.46
C LEU A 72 -7.83 3.87 -3.06
N VAL A 73 -8.60 3.42 -2.07
CA VAL A 73 -8.51 2.05 -1.58
C VAL A 73 -9.90 1.44 -1.48
N LEU A 74 -9.97 0.11 -1.50
CA LEU A 74 -11.26 -0.58 -1.43
C LEU A 74 -11.41 -1.30 -0.10
N ARG A 75 -12.64 -1.32 0.43
CA ARG A 75 -12.93 -1.99 1.69
C ARG A 75 -13.82 -3.20 1.46
N THR A 76 -13.71 -4.19 2.35
CA THR A 76 -14.51 -5.40 2.22
C THR A 76 -15.18 -5.80 3.54
N HIS A 77 -15.83 -6.96 3.49
CA HIS A 77 -16.60 -7.52 4.61
C HIS A 77 -16.12 -7.11 6.01
N GLN A 78 -14.85 -7.39 6.33
CA GLN A 78 -14.27 -7.04 7.65
C GLN A 78 -13.59 -8.27 8.28
N PRO A 79 -12.25 -8.25 8.51
CA PRO A 79 -11.37 -7.12 8.17
C PRO A 79 -11.53 -6.70 6.71
N ALA A 80 -11.96 -5.47 6.50
CA ALA A 80 -12.19 -4.98 5.16
C ALA A 80 -10.98 -5.22 4.27
N ARG A 81 -11.09 -6.20 3.38
CA ARG A 81 -10.00 -6.48 2.46
C ARG A 81 -9.74 -5.22 1.65
N TYR A 82 -8.48 -4.80 1.56
CA TYR A 82 -8.18 -3.57 0.85
C TYR A 82 -7.55 -3.81 -0.51
N SER A 83 -8.02 -3.04 -1.49
CA SER A 83 -7.53 -3.14 -2.85
C SER A 83 -7.40 -1.76 -3.50
N LEU A 84 -6.28 -1.53 -4.15
CA LEU A 84 -6.03 -0.25 -4.82
C LEU A 84 -7.13 0.06 -5.83
N THR A 85 -7.76 1.22 -5.70
CA THR A 85 -8.78 1.61 -6.65
C THR A 85 -8.12 2.36 -7.81
N PRO A 86 -8.87 2.82 -8.83
CA PRO A 86 -8.28 3.54 -9.98
C PRO A 86 -7.26 4.59 -9.57
N GLU A 87 -7.66 5.52 -8.70
CA GLU A 87 -6.75 6.57 -8.25
C GLU A 87 -5.58 5.98 -7.50
N GLY A 88 -5.85 5.06 -6.58
CA GLY A 88 -4.77 4.46 -5.82
C GLY A 88 -3.80 3.73 -6.71
N LEU A 89 -4.31 3.19 -7.81
CA LEU A 89 -3.47 2.47 -8.76
C LEU A 89 -2.53 3.44 -9.45
N GLU A 90 -3.11 4.51 -10.00
CA GLU A 90 -2.31 5.51 -10.69
C GLU A 90 -1.24 6.08 -9.77
N LEU A 91 -1.67 6.54 -8.61
CA LEU A 91 -0.75 7.09 -7.64
C LEU A 91 0.29 6.05 -7.24
N ALA A 92 -0.17 4.85 -6.94
CA ALA A 92 0.74 3.78 -6.53
C ALA A 92 1.86 3.60 -7.54
N GLN A 93 1.51 3.62 -8.83
CA GLN A 93 2.52 3.47 -9.87
C GLN A 93 3.59 4.54 -9.69
N LYS A 94 3.13 5.72 -9.27
CA LYS A 94 4.03 6.84 -9.04
C LYS A 94 4.86 6.63 -7.78
N LEU A 95 4.20 6.30 -6.68
CA LEU A 95 4.88 6.06 -5.42
C LEU A 95 5.92 4.96 -5.60
N ALA A 96 5.69 4.12 -6.59
CA ALA A 96 6.59 3.02 -6.89
C ALA A 96 7.85 3.49 -7.60
N GLU A 97 7.71 4.54 -8.41
CA GLU A 97 8.85 5.09 -9.15
C GLU A 97 9.99 5.42 -8.20
N SER A 98 9.64 6.06 -7.10
CA SER A 98 10.62 6.44 -6.09
C SER A 98 11.31 5.22 -5.49
N GLU A 99 10.62 4.09 -5.48
CA GLU A 99 11.17 2.86 -4.95
C GLU A 99 11.90 2.08 -6.04
N GLY A 100 11.88 2.63 -7.26
CA GLY A 100 12.50 1.93 -8.36
C GLY A 100 11.56 0.91 -8.93
N LEU A 101 10.37 0.85 -8.34
CA LEU A 101 9.33 -0.08 -8.76
C LEU A 101 9.81 -1.53 -8.64
N SER A 102 10.69 -1.76 -7.67
CA SER A 102 11.24 -3.09 -7.45
C SER A 102 10.39 -3.85 -6.43
N LEU A 103 9.07 -3.67 -6.52
CA LEU A 103 8.16 -4.33 -5.59
C LEU A 103 7.71 -5.67 -6.16
N LEU A 104 6.86 -5.61 -7.19
CA LEU A 104 6.36 -6.83 -7.83
C LEU A 104 7.49 -7.81 -8.11
N ASN A 105 7.40 -8.99 -7.49
CA ASN A 105 8.41 -10.04 -7.66
C ASN A 105 9.77 -9.59 -7.13
N VAL A 106 10.28 -10.33 -6.15
CA VAL A 106 11.58 -10.02 -5.56
C VAL A 106 12.41 -11.28 -5.36
N GLY A 107 13.69 -11.10 -5.04
CA GLY A 107 14.57 -12.24 -4.83
C GLY A 107 15.71 -12.29 -5.82
N ILE A 108 16.79 -11.59 -5.51
CA ILE A 108 17.96 -11.56 -6.39
C ILE A 108 19.25 -11.53 -5.59
N GLY A 109 19.13 -11.52 -4.26
CA GLY A 109 20.30 -11.50 -3.40
C GLY A 109 20.03 -10.80 -2.08
N GLY A 7 -4.72 21.11 -6.89
CA GLY A 7 -4.71 20.32 -5.62
C GLY A 7 -4.37 18.85 -5.87
N SER A 8 -3.09 18.52 -5.81
CA SER A 8 -2.64 17.15 -6.02
C SER A 8 -2.41 16.45 -4.69
N TYR A 9 -2.79 15.16 -4.63
CA TYR A 9 -2.63 14.38 -3.42
C TYR A 9 -1.33 13.59 -3.45
N TRP A 10 -0.35 14.02 -2.65
CA TRP A 10 0.94 13.34 -2.60
C TRP A 10 1.51 13.35 -1.19
N PRO A 11 1.26 12.29 -0.40
CA PRO A 11 1.75 12.19 0.98
C PRO A 11 3.28 12.09 1.04
N ALA A 12 3.81 11.81 2.23
CA ALA A 12 5.24 11.70 2.41
C ALA A 12 5.75 10.35 1.90
N ARG A 13 7.03 10.31 1.53
CA ARG A 13 7.64 9.09 1.00
C ARG A 13 7.57 7.93 2.01
N HIS A 14 7.20 8.24 3.25
CA HIS A 14 7.13 7.21 4.29
C HIS A 14 5.86 7.36 5.13
N SER A 15 4.97 8.26 4.73
CA SER A 15 3.73 8.50 5.46
C SER A 15 2.86 7.24 5.46
N GLY A 16 1.70 7.34 6.09
CA GLY A 16 0.80 6.20 6.15
C GLY A 16 0.09 5.92 4.84
N ALA A 17 -0.68 6.90 4.36
CA ALA A 17 -1.43 6.74 3.12
C ALA A 17 -0.52 6.36 1.94
N ARG A 18 0.72 6.81 1.99
CA ARG A 18 1.68 6.51 0.93
C ARG A 18 2.05 5.04 0.94
N VAL A 19 2.49 4.57 2.09
CA VAL A 19 2.91 3.20 2.25
C VAL A 19 1.77 2.21 1.96
N ILE A 20 0.54 2.60 2.27
CA ILE A 20 -0.59 1.70 2.05
C ILE A 20 -0.94 1.52 0.57
N LEU A 21 -1.13 2.61 -0.15
CA LEU A 21 -1.48 2.49 -1.56
C LEU A 21 -0.37 1.80 -2.37
N LEU A 22 0.87 2.10 -2.04
CA LEU A 22 2.00 1.52 -2.76
C LEU A 22 2.08 0.01 -2.50
N VAL A 23 1.89 -0.36 -1.25
CA VAL A 23 1.96 -1.74 -0.86
C VAL A 23 0.79 -2.53 -1.44
N LEU A 24 -0.40 -1.93 -1.46
CA LEU A 24 -1.54 -2.62 -2.05
C LEU A 24 -1.28 -2.83 -3.53
N TYR A 25 -0.48 -1.93 -4.10
CA TYR A 25 -0.17 -1.97 -5.53
C TYR A 25 0.46 -3.30 -5.94
N ARG A 26 1.62 -3.62 -5.41
CA ARG A 26 2.27 -4.87 -5.81
C ARG A 26 1.37 -6.07 -5.52
N GLU A 27 0.85 -6.13 -4.31
CA GLU A 27 -0.03 -7.26 -3.97
C GLU A 27 -1.24 -7.29 -4.89
N HIS A 28 -1.65 -6.13 -5.39
CA HIS A 28 -2.80 -6.07 -6.29
C HIS A 28 -2.43 -6.61 -7.67
N LEU A 29 -1.24 -6.25 -8.14
CA LEU A 29 -0.77 -6.72 -9.44
C LEU A 29 -0.39 -8.19 -9.40
N ASN A 30 -0.71 -8.84 -8.29
CA ASN A 30 -0.41 -10.26 -8.12
C ASN A 30 -1.25 -11.13 -9.05
N PRO A 31 -0.62 -11.74 -10.07
CA PRO A 31 -1.30 -12.63 -11.02
C PRO A 31 -1.84 -13.88 -10.34
N ASN A 32 -1.07 -14.39 -9.37
CA ASN A 32 -1.47 -15.58 -8.65
C ASN A 32 -1.88 -15.26 -7.22
N GLY A 33 -1.73 -14.01 -6.84
CA GLY A 33 -2.10 -13.59 -5.50
C GLY A 33 -3.43 -12.87 -5.46
N HIS A 34 -3.80 -12.39 -4.28
CA HIS A 34 -5.06 -11.68 -4.12
C HIS A 34 -4.88 -10.19 -4.39
N HIS A 35 -5.90 -9.57 -4.97
CA HIS A 35 -5.85 -8.14 -5.28
C HIS A 35 -6.15 -7.31 -4.03
N PHE A 36 -5.75 -7.83 -2.88
CA PHE A 36 -5.98 -7.13 -1.61
C PHE A 36 -5.19 -7.75 -0.47
N LEU A 37 -5.40 -7.22 0.73
CA LEU A 37 -4.72 -7.72 1.93
C LEU A 37 -5.48 -7.32 3.19
N THR A 38 -5.35 -8.13 4.22
CA THR A 38 -6.03 -7.84 5.49
C THR A 38 -5.20 -6.84 6.30
N LYS A 39 -5.86 -6.15 7.23
CA LYS A 39 -5.18 -5.15 8.03
C LYS A 39 -3.93 -5.71 8.69
N GLU A 40 -4.04 -6.90 9.27
CA GLU A 40 -2.91 -7.54 9.94
C GLU A 40 -1.78 -7.87 8.97
N GLU A 41 -2.14 -8.28 7.75
CA GLU A 41 -1.13 -8.63 6.76
C GLU A 41 -0.41 -7.41 6.23
N LEU A 42 -1.10 -6.27 6.23
CA LEU A 42 -0.50 -5.04 5.73
C LEU A 42 0.66 -4.57 6.59
N LEU A 43 0.44 -4.52 7.90
CA LEU A 43 1.48 -4.08 8.84
C LEU A 43 2.80 -4.80 8.57
N GLN A 44 2.71 -6.06 8.16
CA GLN A 44 3.92 -6.82 7.87
C GLN A 44 4.53 -6.33 6.57
N ARG A 45 3.67 -6.11 5.58
CA ARG A 45 4.10 -5.63 4.27
C ARG A 45 4.91 -4.34 4.41
N CYS A 46 4.43 -3.45 5.27
CA CYS A 46 5.09 -2.18 5.51
C CYS A 46 6.56 -2.39 5.89
N ALA A 47 6.82 -3.50 6.60
CA ALA A 47 8.18 -3.81 7.02
C ALA A 47 9.07 -4.13 5.83
N GLN A 48 8.45 -4.23 4.65
CA GLN A 48 9.22 -4.53 3.46
C GLN A 48 9.42 -3.23 2.67
N LYS A 49 8.33 -2.47 2.59
CA LYS A 49 8.31 -1.19 1.88
C LYS A 49 9.31 -0.20 2.47
N SER A 50 9.87 -0.54 3.63
CA SER A 50 10.86 0.31 4.27
C SER A 50 11.86 -0.53 5.08
N PRO A 51 13.09 -0.71 4.55
CA PRO A 51 14.12 -1.50 5.24
C PRO A 51 14.60 -0.82 6.52
N ARG A 52 14.03 0.33 6.83
CA ARG A 52 14.39 1.08 8.03
C ARG A 52 13.37 0.88 9.14
N VAL A 53 12.33 0.10 8.86
CA VAL A 53 11.27 -0.16 9.84
C VAL A 53 11.86 -0.75 11.12
N ALA A 54 11.38 -0.27 12.26
CA ALA A 54 11.87 -0.75 13.55
C ALA A 54 10.98 -1.88 14.08
N PRO A 55 11.56 -2.79 14.91
CA PRO A 55 10.81 -3.91 15.47
C PRO A 55 9.62 -3.45 16.34
N GLY A 56 8.47 -4.08 16.12
CA GLY A 56 7.29 -3.71 16.88
C GLY A 56 6.83 -2.29 16.62
N SER A 57 6.93 -1.88 15.36
CA SER A 57 6.53 -0.52 14.97
C SER A 57 5.27 -0.56 14.10
N ALA A 58 4.31 0.30 14.43
CA ALA A 58 3.06 0.36 13.68
C ALA A 58 2.53 1.80 13.62
N PRO A 59 3.01 2.59 12.64
CA PRO A 59 2.57 3.99 12.48
C PRO A 59 1.07 4.09 12.23
N PRO A 60 0.50 5.29 12.36
CA PRO A 60 -0.93 5.51 12.14
C PRO A 60 -1.40 4.95 10.80
N TRP A 61 -2.06 3.80 10.84
CA TRP A 61 -2.55 3.17 9.62
C TRP A 61 -4.06 3.36 9.41
N PRO A 62 -4.87 3.51 10.48
CA PRO A 62 -6.32 3.71 10.35
C PRO A 62 -6.67 4.76 9.28
N ALA A 63 -5.68 5.55 8.88
CA ALA A 63 -5.88 6.58 7.88
C ALA A 63 -6.46 6.00 6.59
N LEU A 64 -6.15 4.73 6.31
CA LEU A 64 -6.64 4.07 5.11
C LEU A 64 -8.17 4.18 5.01
N ARG A 65 -8.83 4.21 6.16
CA ARG A 65 -10.28 4.34 6.18
C ARG A 65 -10.70 5.62 5.45
N SER A 66 -10.00 6.70 5.79
CA SER A 66 -10.28 7.99 5.16
C SER A 66 -10.02 7.91 3.67
N LEU A 67 -9.06 7.08 3.27
CA LEU A 67 -8.72 6.92 1.87
C LEU A 67 -9.85 6.25 1.10
N LEU A 68 -10.55 5.32 1.75
CA LEU A 68 -11.68 4.64 1.11
C LEU A 68 -12.64 5.69 0.59
N HIS A 69 -12.76 6.77 1.34
CA HIS A 69 -13.63 7.87 0.98
C HIS A 69 -13.12 8.55 -0.29
N ARG A 70 -11.79 8.72 -0.37
CA ARG A 70 -11.19 9.34 -1.53
C ARG A 70 -11.25 8.40 -2.73
N ASN A 71 -11.72 7.18 -2.48
CA ASN A 71 -11.85 6.17 -3.53
C ASN A 71 -10.50 5.71 -4.05
N LEU A 72 -9.49 5.74 -3.17
CA LEU A 72 -8.15 5.29 -3.55
C LEU A 72 -7.93 3.87 -3.08
N VAL A 73 -8.72 3.47 -2.09
CA VAL A 73 -8.66 2.13 -1.54
C VAL A 73 -10.06 1.54 -1.45
N LEU A 74 -10.16 0.23 -1.40
CA LEU A 74 -11.44 -0.45 -1.32
C LEU A 74 -11.60 -1.19 0.00
N ARG A 75 -12.77 -1.08 0.61
CA ARG A 75 -13.03 -1.77 1.88
C ARG A 75 -13.84 -3.04 1.64
N THR A 76 -13.67 -4.02 2.52
CA THR A 76 -14.38 -5.27 2.36
C THR A 76 -14.95 -5.80 3.68
N HIS A 77 -15.57 -6.98 3.59
CA HIS A 77 -16.24 -7.64 4.71
C HIS A 77 -15.54 -7.53 6.07
N GLN A 78 -14.30 -8.01 6.16
CA GLN A 78 -13.61 -7.96 7.46
C GLN A 78 -12.28 -8.72 7.42
N PRO A 79 -11.21 -8.21 8.08
CA PRO A 79 -11.25 -6.95 8.86
C PRO A 79 -11.56 -5.77 7.95
N ALA A 80 -11.61 -6.10 6.66
CA ALA A 80 -11.90 -5.15 5.59
C ALA A 80 -10.79 -5.23 4.55
N ARG A 81 -10.95 -6.14 3.59
CA ARG A 81 -9.94 -6.30 2.56
C ARG A 81 -9.75 -4.99 1.81
N TYR A 82 -8.51 -4.56 1.64
CA TYR A 82 -8.24 -3.31 0.95
C TYR A 82 -7.64 -3.54 -0.42
N SER A 83 -8.17 -2.83 -1.41
CA SER A 83 -7.69 -2.96 -2.78
C SER A 83 -7.58 -1.60 -3.45
N LEU A 84 -6.44 -1.37 -4.12
CA LEU A 84 -6.20 -0.12 -4.81
C LEU A 84 -7.28 0.15 -5.86
N THR A 85 -7.90 1.33 -5.79
CA THR A 85 -8.90 1.69 -6.78
C THR A 85 -8.21 2.40 -7.94
N PRO A 86 -8.93 2.81 -9.01
CA PRO A 86 -8.31 3.49 -10.15
C PRO A 86 -7.30 4.56 -9.77
N GLU A 87 -7.71 5.50 -8.91
CA GLU A 87 -6.81 6.56 -8.48
C GLU A 87 -5.64 6.01 -7.68
N GLY A 88 -5.94 5.14 -6.72
CA GLY A 88 -4.87 4.57 -5.92
C GLY A 88 -3.89 3.79 -6.76
N LEU A 89 -4.39 3.22 -7.85
CA LEU A 89 -3.57 2.45 -8.77
C LEU A 89 -2.57 3.38 -9.47
N GLU A 90 -3.11 4.45 -10.05
CA GLU A 90 -2.26 5.41 -10.75
C GLU A 90 -1.24 6.01 -9.81
N LEU A 91 -1.73 6.52 -8.69
CA LEU A 91 -0.84 7.13 -7.72
C LEU A 91 0.21 6.13 -7.27
N ALA A 92 -0.24 4.91 -6.95
CA ALA A 92 0.67 3.86 -6.51
C ALA A 92 1.79 3.65 -7.52
N GLN A 93 1.44 3.67 -8.81
CA GLN A 93 2.44 3.51 -9.84
C GLN A 93 3.54 4.55 -9.67
N LYS A 94 3.13 5.73 -9.23
CA LYS A 94 4.06 6.82 -9.00
C LYS A 94 4.92 6.54 -7.77
N LEU A 95 4.26 6.17 -6.68
CA LEU A 95 4.97 5.86 -5.43
C LEU A 95 5.99 4.76 -5.67
N ALA A 96 5.73 3.95 -6.68
CA ALA A 96 6.61 2.83 -7.02
C ALA A 96 7.86 3.31 -7.73
N GLU A 97 7.72 4.39 -8.49
CA GLU A 97 8.85 4.95 -9.23
C GLU A 97 10.01 5.22 -8.28
N SER A 98 9.68 5.77 -7.12
CA SER A 98 10.67 6.09 -6.11
C SER A 98 11.36 4.83 -5.58
N GLU A 99 10.63 3.72 -5.54
CA GLU A 99 11.19 2.47 -5.05
C GLU A 99 11.85 1.70 -6.19
N GLY A 100 11.79 2.27 -7.39
CA GLY A 100 12.36 1.58 -8.53
C GLY A 100 11.40 0.53 -9.03
N LEU A 101 10.24 0.46 -8.36
CA LEU A 101 9.19 -0.48 -8.70
C LEU A 101 9.66 -1.92 -8.52
N SER A 102 10.62 -2.11 -7.61
CA SER A 102 11.16 -3.44 -7.34
C SER A 102 10.13 -4.29 -6.60
N LEU A 103 9.22 -3.62 -5.89
CA LEU A 103 8.17 -4.31 -5.14
C LEU A 103 7.80 -5.66 -5.78
N LEU A 104 7.07 -5.60 -6.87
CA LEU A 104 6.67 -6.83 -7.57
C LEU A 104 7.88 -7.75 -7.80
N ASN A 105 7.70 -9.02 -7.49
CA ASN A 105 8.77 -10.01 -7.65
C ASN A 105 9.97 -9.69 -6.76
N VAL A 106 10.18 -10.52 -5.74
CA VAL A 106 11.29 -10.33 -4.82
C VAL A 106 12.04 -11.64 -4.58
N GLY A 107 11.37 -12.75 -4.85
CA GLY A 107 11.99 -14.05 -4.65
C GLY A 107 11.01 -15.09 -4.14
N ILE A 108 10.16 -15.59 -5.04
CA ILE A 108 9.17 -16.59 -4.68
C ILE A 108 9.64 -18.01 -5.03
N GLY A 109 8.82 -18.99 -4.70
CA GLY A 109 9.18 -20.37 -5.00
C GLY A 109 8.50 -21.36 -4.07
N GLY A 7 -0.11 16.11 -8.31
CA GLY A 7 -1.26 16.80 -8.96
C GLY A 7 -2.18 17.46 -7.96
N SER A 8 -2.74 16.65 -7.06
CA SER A 8 -3.64 17.15 -6.04
C SER A 8 -3.42 16.44 -4.70
N TYR A 9 -2.91 15.22 -4.76
CA TYR A 9 -2.64 14.44 -3.57
C TYR A 9 -1.33 13.67 -3.71
N TRP A 10 -0.33 14.05 -2.91
CA TRP A 10 0.97 13.39 -2.94
C TRP A 10 1.61 13.38 -1.55
N PRO A 11 1.44 12.28 -0.79
CA PRO A 11 2.02 12.16 0.55
C PRO A 11 3.54 12.15 0.52
N ALA A 12 4.16 12.04 1.69
CA ALA A 12 5.61 12.02 1.78
C ALA A 12 6.18 10.76 1.13
N ARG A 13 7.37 10.35 1.57
CA ARG A 13 8.01 9.15 1.02
C ARG A 13 7.80 7.95 1.94
N HIS A 14 7.15 8.15 3.08
CA HIS A 14 6.91 7.08 4.03
C HIS A 14 5.58 7.28 4.75
N SER A 15 4.83 8.29 4.34
CA SER A 15 3.53 8.59 4.95
C SER A 15 2.65 7.35 4.97
N GLY A 16 1.71 7.32 5.91
CA GLY A 16 0.81 6.18 6.02
C GLY A 16 0.11 5.87 4.72
N ALA A 17 -0.64 6.84 4.20
CA ALA A 17 -1.37 6.67 2.95
C ALA A 17 -0.44 6.25 1.81
N ARG A 18 0.81 6.68 1.90
CA ARG A 18 1.81 6.37 0.89
C ARG A 18 2.17 4.90 0.93
N VAL A 19 2.54 4.45 2.12
CA VAL A 19 2.95 3.07 2.33
C VAL A 19 1.83 2.08 2.03
N ILE A 20 0.58 2.48 2.29
CA ILE A 20 -0.55 1.59 2.08
C ILE A 20 -0.89 1.42 0.59
N LEU A 21 -1.06 2.51 -0.15
CA LEU A 21 -1.41 2.37 -1.56
C LEU A 21 -0.31 1.70 -2.37
N LEU A 22 0.95 1.92 -1.97
CA LEU A 22 2.06 1.33 -2.68
C LEU A 22 2.11 -0.17 -2.44
N VAL A 23 1.92 -0.54 -1.19
CA VAL A 23 1.94 -1.94 -0.79
C VAL A 23 0.75 -2.70 -1.35
N LEU A 24 -0.43 -2.06 -1.33
CA LEU A 24 -1.62 -2.67 -1.89
C LEU A 24 -1.43 -2.86 -3.38
N TYR A 25 -0.61 -2.00 -3.96
CA TYR A 25 -0.34 -2.03 -5.39
C TYR A 25 0.25 -3.35 -5.83
N ARG A 26 1.41 -3.71 -5.30
CA ARG A 26 2.05 -4.96 -5.68
C ARG A 26 1.10 -6.15 -5.48
N GLU A 27 0.59 -6.27 -4.26
CA GLU A 27 -0.32 -7.37 -3.98
C GLU A 27 -1.54 -7.31 -4.91
N HIS A 28 -1.91 -6.11 -5.32
CA HIS A 28 -3.05 -5.98 -6.22
C HIS A 28 -2.68 -6.51 -7.60
N LEU A 29 -1.42 -6.30 -7.97
CA LEU A 29 -0.93 -6.76 -9.25
C LEU A 29 -0.54 -8.23 -9.19
N ASN A 30 -0.83 -8.87 -8.07
CA ASN A 30 -0.50 -10.29 -7.89
C ASN A 30 -1.04 -11.14 -9.03
N PRO A 31 -0.15 -11.64 -9.91
CA PRO A 31 -0.56 -12.50 -11.03
C PRO A 31 -1.22 -13.77 -10.54
N ASN A 32 -0.55 -14.43 -9.60
CA ASN A 32 -1.06 -15.67 -9.03
C ASN A 32 -1.19 -15.53 -7.52
N GLY A 33 -1.66 -14.37 -7.08
CA GLY A 33 -1.81 -14.14 -5.65
C GLY A 33 -3.20 -13.67 -5.28
N HIS A 34 -3.30 -12.40 -4.93
CA HIS A 34 -4.59 -11.82 -4.55
C HIS A 34 -4.73 -10.41 -5.14
N HIS A 35 -5.68 -9.65 -4.62
CA HIS A 35 -5.90 -8.29 -5.08
C HIS A 35 -6.29 -7.40 -3.90
N PHE A 36 -5.87 -7.84 -2.72
CA PHE A 36 -6.17 -7.13 -1.48
C PHE A 36 -5.39 -7.72 -0.32
N LEU A 37 -5.53 -7.11 0.86
CA LEU A 37 -4.84 -7.58 2.04
C LEU A 37 -5.59 -7.16 3.31
N THR A 38 -5.35 -7.89 4.40
CA THR A 38 -5.99 -7.60 5.67
C THR A 38 -5.07 -6.76 6.56
N LYS A 39 -5.66 -5.98 7.46
CA LYS A 39 -4.87 -5.13 8.35
C LYS A 39 -3.77 -5.93 9.06
N GLU A 40 -3.96 -7.24 9.16
CA GLU A 40 -2.98 -8.10 9.81
C GLU A 40 -1.81 -8.40 8.87
N GLU A 41 -2.14 -8.74 7.62
CA GLU A 41 -1.09 -9.04 6.65
C GLU A 41 -0.38 -7.78 6.22
N LEU A 42 -1.13 -6.69 6.20
CA LEU A 42 -0.59 -5.40 5.80
C LEU A 42 0.58 -4.97 6.67
N LEU A 43 0.38 -5.02 7.98
CA LEU A 43 1.41 -4.64 8.94
C LEU A 43 2.73 -5.34 8.61
N GLN A 44 2.64 -6.57 8.13
CA GLN A 44 3.84 -7.31 7.76
C GLN A 44 4.43 -6.77 6.46
N ARG A 45 3.53 -6.45 5.53
CA ARG A 45 3.91 -5.92 4.23
C ARG A 45 4.71 -4.62 4.36
N CYS A 46 4.15 -3.68 5.10
CA CYS A 46 4.79 -2.37 5.29
C CYS A 46 6.21 -2.54 5.81
N ALA A 47 6.44 -3.60 6.58
CA ALA A 47 7.77 -3.87 7.13
C ALA A 47 8.80 -4.07 6.02
N GLN A 48 8.36 -4.02 4.76
CA GLN A 48 9.30 -4.21 3.67
C GLN A 48 9.68 -2.85 3.09
N LYS A 49 8.70 -1.96 3.04
CA LYS A 49 8.89 -0.61 2.53
C LYS A 49 10.07 0.07 3.22
N SER A 50 11.19 0.18 2.50
CA SER A 50 12.38 0.81 3.07
C SER A 50 12.80 0.12 4.37
N PRO A 51 13.62 -0.94 4.27
CA PRO A 51 14.09 -1.68 5.45
C PRO A 51 14.63 -0.77 6.53
N ARG A 52 13.96 -0.77 7.68
CA ARG A 52 14.36 0.07 8.81
C ARG A 52 14.39 1.54 8.41
N VAL A 53 13.27 2.22 8.63
CA VAL A 53 13.17 3.63 8.29
C VAL A 53 13.73 4.51 9.40
N ALA A 54 13.47 4.12 10.65
CA ALA A 54 13.96 4.87 11.79
C ALA A 54 13.85 4.06 13.08
N PRO A 55 14.70 4.35 14.08
CA PRO A 55 14.69 3.64 15.36
C PRO A 55 13.32 3.67 16.03
N GLY A 56 12.55 4.72 15.74
CA GLY A 56 11.22 4.85 16.32
C GLY A 56 10.27 5.62 15.43
N SER A 57 9.67 4.92 14.47
CA SER A 57 8.73 5.55 13.55
C SER A 57 7.70 4.55 13.04
N ALA A 58 6.43 4.87 13.26
CA ALA A 58 5.34 3.99 12.82
C ALA A 58 4.19 4.80 12.25
N PRO A 59 4.14 4.94 10.90
CA PRO A 59 3.08 5.70 10.23
C PRO A 59 1.69 5.17 10.57
N PRO A 60 0.72 6.07 10.85
CA PRO A 60 -0.65 5.68 11.19
C PRO A 60 -1.38 5.06 10.00
N TRP A 61 -1.97 3.89 10.21
CA TRP A 61 -2.71 3.20 9.16
C TRP A 61 -4.21 3.46 9.21
N PRO A 62 -4.79 3.85 10.38
CA PRO A 62 -6.23 4.13 10.46
C PRO A 62 -6.69 5.08 9.36
N ALA A 63 -5.73 5.70 8.69
CA ALA A 63 -6.01 6.63 7.60
C ALA A 63 -6.78 5.93 6.47
N LEU A 64 -6.74 4.60 6.48
CA LEU A 64 -7.44 3.81 5.46
C LEU A 64 -8.88 4.28 5.31
N ARG A 65 -9.57 4.42 6.44
CA ARG A 65 -10.96 4.87 6.43
C ARG A 65 -11.07 6.20 5.68
N SER A 66 -10.06 7.05 5.85
CA SER A 66 -10.05 8.34 5.18
C SER A 66 -9.80 8.18 3.68
N LEU A 67 -9.00 7.19 3.31
CA LEU A 67 -8.69 6.95 1.91
C LEU A 67 -9.87 6.29 1.18
N LEU A 68 -10.56 5.36 1.86
CA LEU A 68 -11.71 4.70 1.26
C LEU A 68 -12.69 5.76 0.79
N HIS A 69 -12.77 6.84 1.57
CA HIS A 69 -13.65 7.96 1.25
C HIS A 69 -13.19 8.67 -0.02
N ARG A 70 -11.87 8.78 -0.18
CA ARG A 70 -11.31 9.43 -1.35
C ARG A 70 -11.40 8.52 -2.56
N ASN A 71 -11.89 7.30 -2.33
CA ASN A 71 -12.05 6.31 -3.38
C ASN A 71 -10.71 5.84 -3.92
N LEU A 72 -9.68 5.86 -3.07
CA LEU A 72 -8.35 5.40 -3.48
C LEU A 72 -8.17 3.95 -3.07
N VAL A 73 -8.89 3.56 -2.02
CA VAL A 73 -8.85 2.19 -1.52
C VAL A 73 -10.26 1.63 -1.44
N LEU A 74 -10.38 0.34 -1.16
CA LEU A 74 -11.69 -0.30 -1.08
C LEU A 74 -11.75 -1.25 0.12
N ARG A 75 -12.72 -1.02 1.00
CA ARG A 75 -12.91 -1.86 2.19
C ARG A 75 -13.79 -3.05 1.88
N THR A 76 -13.61 -4.14 2.62
CA THR A 76 -14.38 -5.35 2.38
C THR A 76 -14.93 -5.99 3.67
N HIS A 77 -15.57 -7.14 3.48
CA HIS A 77 -16.20 -7.93 4.54
C HIS A 77 -15.56 -7.84 5.92
N GLN A 78 -14.25 -8.09 6.00
CA GLN A 78 -13.57 -8.09 7.31
C GLN A 78 -12.21 -8.80 7.24
N PRO A 79 -11.18 -8.28 7.95
CA PRO A 79 -11.29 -7.06 8.76
C PRO A 79 -11.50 -5.83 7.89
N ALA A 80 -11.75 -6.13 6.61
CA ALA A 80 -12.01 -5.15 5.57
C ALA A 80 -10.87 -5.17 4.57
N ARG A 81 -10.98 -6.08 3.59
CA ARG A 81 -9.95 -6.21 2.58
C ARG A 81 -9.79 -4.90 1.82
N TYR A 82 -8.55 -4.43 1.70
CA TYR A 82 -8.31 -3.18 1.00
C TYR A 82 -7.84 -3.42 -0.42
N SER A 83 -8.32 -2.59 -1.33
CA SER A 83 -7.97 -2.72 -2.74
C SER A 83 -7.77 -1.36 -3.38
N LEU A 84 -6.79 -1.27 -4.26
CA LEU A 84 -6.48 -0.02 -4.94
C LEU A 84 -7.49 0.30 -6.03
N THR A 85 -8.08 1.49 -5.98
CA THR A 85 -9.03 1.91 -6.99
C THR A 85 -8.28 2.65 -8.10
N PRO A 86 -8.96 3.12 -9.16
CA PRO A 86 -8.30 3.83 -10.26
C PRO A 86 -7.26 4.85 -9.81
N GLU A 87 -7.65 5.70 -8.87
CA GLU A 87 -6.74 6.73 -8.36
C GLU A 87 -5.59 6.11 -7.58
N GLY A 88 -5.91 5.23 -6.64
CA GLY A 88 -4.85 4.59 -5.86
C GLY A 88 -3.89 3.82 -6.74
N LEU A 89 -4.41 3.31 -7.85
CA LEU A 89 -3.59 2.56 -8.79
C LEU A 89 -2.61 3.48 -9.48
N GLU A 90 -3.12 4.59 -10.01
CA GLU A 90 -2.27 5.56 -10.69
C GLU A 90 -1.20 6.07 -9.74
N LEU A 91 -1.65 6.59 -8.61
CA LEU A 91 -0.72 7.11 -7.63
C LEU A 91 0.29 6.05 -7.23
N ALA A 92 -0.19 4.86 -6.92
CA ALA A 92 0.69 3.77 -6.50
C ALA A 92 1.82 3.55 -7.50
N GLN A 93 1.48 3.57 -8.79
CA GLN A 93 2.50 3.38 -9.82
C GLN A 93 3.59 4.43 -9.65
N LYS A 94 3.16 5.62 -9.24
CA LYS A 94 4.08 6.73 -9.03
C LYS A 94 4.91 6.50 -7.77
N LEU A 95 4.22 6.23 -6.67
CA LEU A 95 4.90 5.98 -5.40
C LEU A 95 5.92 4.85 -5.56
N ALA A 96 5.65 4.00 -6.53
CA ALA A 96 6.52 2.85 -6.80
C ALA A 96 7.79 3.26 -7.54
N GLU A 97 7.70 4.31 -8.35
CA GLU A 97 8.85 4.78 -9.10
C GLU A 97 10.00 5.10 -8.17
N SER A 98 9.66 5.77 -7.07
CA SER A 98 10.65 6.16 -6.07
C SER A 98 11.37 4.95 -5.49
N GLU A 99 10.68 3.83 -5.41
CA GLU A 99 11.27 2.61 -4.86
C GLU A 99 12.01 1.85 -5.96
N GLY A 100 12.00 2.39 -7.16
CA GLY A 100 12.65 1.72 -8.27
C GLY A 100 11.78 0.62 -8.84
N LEU A 101 10.62 0.43 -8.20
CA LEU A 101 9.67 -0.59 -8.63
C LEU A 101 10.25 -1.98 -8.40
N SER A 102 10.62 -2.25 -7.15
CA SER A 102 11.16 -3.54 -6.79
C SER A 102 10.07 -4.44 -6.20
N LEU A 103 9.08 -3.79 -5.59
CA LEU A 103 7.96 -4.52 -4.99
C LEU A 103 7.49 -5.65 -5.90
N LEU A 104 6.86 -5.29 -7.01
CA LEU A 104 6.37 -6.29 -7.96
C LEU A 104 7.40 -7.38 -8.21
N ASN A 105 8.52 -7.01 -8.83
CA ASN A 105 9.58 -7.96 -9.11
C ASN A 105 10.88 -7.58 -8.40
N VAL A 106 11.29 -8.42 -7.45
CA VAL A 106 12.51 -8.17 -6.70
C VAL A 106 13.71 -8.88 -7.33
N GLY A 107 14.91 -8.44 -6.96
CA GLY A 107 16.11 -9.05 -7.51
C GLY A 107 17.27 -8.08 -7.61
N ILE A 108 18.17 -8.33 -8.54
CA ILE A 108 19.34 -7.46 -8.74
C ILE A 108 19.01 -6.31 -9.68
N GLY A 109 19.36 -5.10 -9.26
CA GLY A 109 19.09 -3.93 -10.08
C GLY A 109 20.13 -2.85 -9.90
N GLY A 7 -7.51 19.65 -5.26
CA GLY A 7 -6.81 19.56 -6.57
C GLY A 7 -5.96 18.30 -6.68
N SER A 8 -4.67 18.43 -6.42
CA SER A 8 -3.76 17.31 -6.50
C SER A 8 -3.57 16.66 -5.14
N TYR A 9 -3.08 15.42 -5.13
CA TYR A 9 -2.85 14.69 -3.88
C TYR A 9 -1.57 13.88 -3.96
N TRP A 10 -0.58 14.26 -3.16
CA TRP A 10 0.70 13.56 -3.13
C TRP A 10 1.27 13.50 -1.72
N PRO A 11 1.10 12.36 -1.02
CA PRO A 11 1.61 12.19 0.34
C PRO A 11 3.13 12.29 0.41
N ALA A 12 3.69 12.03 1.59
CA ALA A 12 5.13 12.10 1.77
C ALA A 12 5.83 10.98 0.99
N ARG A 13 7.00 10.58 1.48
CA ARG A 13 7.77 9.52 0.81
C ARG A 13 7.49 8.16 1.45
N HIS A 14 7.21 8.17 2.75
CA HIS A 14 6.93 6.93 3.48
C HIS A 14 5.78 7.11 4.45
N SER A 15 4.99 8.17 4.23
CA SER A 15 3.84 8.45 5.11
C SER A 15 2.88 7.27 5.14
N GLY A 16 1.94 7.31 6.09
CA GLY A 16 0.98 6.23 6.22
C GLY A 16 0.24 5.92 4.93
N ALA A 17 -0.48 6.92 4.41
CA ALA A 17 -1.23 6.74 3.17
C ALA A 17 -0.32 6.31 2.02
N ARG A 18 0.94 6.73 2.08
CA ARG A 18 1.91 6.40 1.05
C ARG A 18 2.25 4.93 1.11
N VAL A 19 2.56 4.46 2.31
CA VAL A 19 2.93 3.08 2.54
C VAL A 19 1.82 2.12 2.18
N ILE A 20 0.58 2.49 2.49
CA ILE A 20 -0.55 1.62 2.23
C ILE A 20 -0.85 1.46 0.73
N LEU A 21 -1.01 2.57 0.02
CA LEU A 21 -1.31 2.45 -1.41
C LEU A 21 -0.18 1.75 -2.18
N LEU A 22 1.06 2.03 -1.80
CA LEU A 22 2.19 1.43 -2.49
C LEU A 22 2.25 -0.06 -2.22
N VAL A 23 2.09 -0.41 -0.96
CA VAL A 23 2.13 -1.80 -0.54
C VAL A 23 0.99 -2.59 -1.17
N LEU A 24 -0.20 -1.97 -1.28
CA LEU A 24 -1.32 -2.66 -1.92
C LEU A 24 -1.01 -2.85 -3.39
N TYR A 25 -0.18 -1.95 -3.92
CA TYR A 25 0.18 -2.00 -5.33
C TYR A 25 0.71 -3.36 -5.73
N ARG A 26 1.80 -3.79 -5.09
CA ARG A 26 2.39 -5.08 -5.42
C ARG A 26 1.39 -6.23 -5.24
N GLU A 27 0.83 -6.35 -4.04
CA GLU A 27 -0.12 -7.42 -3.79
C GLU A 27 -1.29 -7.38 -4.76
N HIS A 28 -1.63 -6.18 -5.23
CA HIS A 28 -2.73 -6.05 -6.17
C HIS A 28 -2.28 -6.51 -7.56
N LEU A 29 -1.02 -6.24 -7.87
CA LEU A 29 -0.46 -6.63 -9.15
C LEU A 29 -0.15 -8.12 -9.19
N ASN A 30 -0.62 -8.82 -8.17
CA ASN A 30 -0.40 -10.26 -8.06
C ASN A 30 -1.46 -11.06 -8.84
N PRO A 31 -1.07 -11.65 -9.98
CA PRO A 31 -1.98 -12.47 -10.80
C PRO A 31 -2.35 -13.76 -10.09
N ASN A 32 -1.35 -14.36 -9.47
CA ASN A 32 -1.56 -15.62 -8.75
C ASN A 32 -1.67 -15.34 -7.25
N GLY A 33 -2.07 -14.11 -6.93
CA GLY A 33 -2.20 -13.74 -5.53
C GLY A 33 -3.45 -12.92 -5.28
N HIS A 34 -3.76 -12.68 -4.01
CA HIS A 34 -4.93 -11.90 -3.66
C HIS A 34 -4.73 -10.43 -4.03
N HIS A 35 -5.72 -9.86 -4.69
CA HIS A 35 -5.67 -8.45 -5.11
C HIS A 35 -6.00 -7.54 -3.93
N PHE A 36 -5.57 -7.94 -2.74
CA PHE A 36 -5.84 -7.18 -1.53
C PHE A 36 -4.99 -7.67 -0.36
N LEU A 37 -5.20 -7.06 0.81
CA LEU A 37 -4.47 -7.43 2.00
C LEU A 37 -5.29 -7.14 3.26
N THR A 38 -5.17 -8.01 4.26
CA THR A 38 -5.89 -7.81 5.52
C THR A 38 -5.08 -6.91 6.43
N LYS A 39 -5.73 -6.33 7.42
CA LYS A 39 -5.04 -5.43 8.36
C LYS A 39 -3.82 -6.11 8.96
N GLU A 40 -3.88 -7.42 9.13
CA GLU A 40 -2.78 -8.17 9.70
C GLU A 40 -1.68 -8.44 8.67
N GLU A 41 -2.09 -8.70 7.43
CA GLU A 41 -1.12 -8.98 6.37
C GLU A 41 -0.41 -7.69 5.96
N LEU A 42 -1.10 -6.58 6.14
CA LEU A 42 -0.57 -5.28 5.79
C LEU A 42 0.66 -4.93 6.62
N LEU A 43 0.51 -5.06 7.93
CA LEU A 43 1.59 -4.77 8.87
C LEU A 43 2.90 -5.44 8.45
N GLN A 44 2.83 -6.70 8.06
CA GLN A 44 4.02 -7.43 7.63
C GLN A 44 4.48 -6.97 6.26
N ARG A 45 3.50 -6.71 5.38
CA ARG A 45 3.77 -6.26 4.03
C ARG A 45 4.55 -4.94 4.01
N CYS A 46 4.03 -3.96 4.73
CA CYS A 46 4.65 -2.64 4.82
C CYS A 46 6.11 -2.73 5.26
N ALA A 47 6.44 -3.74 6.04
CA ALA A 47 7.81 -3.92 6.50
C ALA A 47 8.82 -3.87 5.34
N GLN A 48 8.36 -4.24 4.14
CA GLN A 48 9.26 -4.24 2.97
C GLN A 48 9.17 -2.93 2.20
N LYS A 49 8.28 -2.06 2.64
CA LYS A 49 8.08 -0.76 2.01
C LYS A 49 9.30 0.14 2.21
N SER A 50 10.09 -0.16 3.24
CA SER A 50 11.30 0.60 3.55
C SER A 50 12.03 0.00 4.73
N PRO A 51 13.23 -0.57 4.52
CA PRO A 51 14.01 -1.18 5.60
C PRO A 51 14.16 -0.25 6.80
N ARG A 52 14.32 1.04 6.53
CA ARG A 52 14.46 2.02 7.59
C ARG A 52 13.47 1.79 8.73
N VAL A 53 12.32 1.19 8.41
CA VAL A 53 11.30 0.91 9.42
C VAL A 53 11.90 0.16 10.60
N ALA A 54 11.55 0.57 11.82
CA ALA A 54 12.07 -0.08 13.02
C ALA A 54 11.19 -1.26 13.43
N PRO A 55 11.79 -2.30 14.04
CA PRO A 55 11.05 -3.49 14.48
C PRO A 55 10.02 -3.16 15.55
N GLY A 56 8.90 -3.88 15.53
CA GLY A 56 7.85 -3.66 16.51
C GLY A 56 7.26 -2.26 16.40
N SER A 57 7.15 -1.75 15.17
CA SER A 57 6.59 -0.43 14.94
C SER A 57 5.18 -0.52 14.37
N ALA A 58 4.37 0.50 14.64
CA ALA A 58 2.99 0.53 14.16
C ALA A 58 2.61 1.93 13.71
N PRO A 59 2.97 2.32 12.47
CA PRO A 59 2.65 3.64 11.92
C PRO A 59 1.15 3.89 11.84
N PRO A 60 0.73 5.17 11.79
CA PRO A 60 -0.70 5.52 11.72
C PRO A 60 -1.36 4.97 10.45
N TRP A 61 -2.12 3.90 10.61
CA TRP A 61 -2.81 3.29 9.48
C TRP A 61 -4.33 3.56 9.47
N PRO A 62 -4.94 4.00 10.60
CA PRO A 62 -6.37 4.30 10.63
C PRO A 62 -6.78 5.22 9.48
N ALA A 63 -5.79 5.85 8.86
CA ALA A 63 -6.03 6.76 7.75
C ALA A 63 -6.67 6.02 6.57
N LEU A 64 -6.64 4.69 6.64
CA LEU A 64 -7.23 3.87 5.58
C LEU A 64 -8.66 4.29 5.28
N ARG A 65 -9.50 4.28 6.31
CA ARG A 65 -10.90 4.68 6.16
C ARG A 65 -10.98 6.04 5.47
N SER A 66 -10.02 6.91 5.78
CA SER A 66 -10.00 8.23 5.18
C SER A 66 -9.72 8.13 3.68
N LEU A 67 -8.81 7.24 3.30
CA LEU A 67 -8.48 7.05 1.90
C LEU A 67 -9.62 6.36 1.17
N LEU A 68 -10.28 5.43 1.85
CA LEU A 68 -11.41 4.71 1.28
C LEU A 68 -12.46 5.73 0.89
N HIS A 69 -12.57 6.76 1.73
CA HIS A 69 -13.50 7.84 1.49
C HIS A 69 -13.08 8.60 0.24
N ARG A 70 -11.78 8.60 -0.02
CA ARG A 70 -11.23 9.26 -1.20
C ARG A 70 -11.30 8.32 -2.40
N ASN A 71 -11.68 7.07 -2.14
CA ASN A 71 -11.82 6.06 -3.19
C ASN A 71 -10.46 5.64 -3.74
N LEU A 72 -9.41 5.82 -2.95
CA LEU A 72 -8.06 5.43 -3.38
C LEU A 72 -7.82 3.98 -3.00
N VAL A 73 -8.58 3.52 -2.00
CA VAL A 73 -8.49 2.15 -1.53
C VAL A 73 -9.88 1.50 -1.54
N LEU A 74 -9.90 0.18 -1.45
CA LEU A 74 -11.18 -0.55 -1.47
C LEU A 74 -11.39 -1.30 -0.16
N ARG A 75 -12.63 -1.34 0.31
CA ARG A 75 -12.96 -2.04 1.55
C ARG A 75 -13.78 -3.29 1.28
N THR A 76 -13.66 -4.27 2.16
CA THR A 76 -14.38 -5.52 1.99
C THR A 76 -15.16 -5.92 3.25
N HIS A 77 -15.77 -7.10 3.18
CA HIS A 77 -16.61 -7.65 4.25
C HIS A 77 -16.26 -7.19 5.67
N GLN A 78 -15.00 -7.42 6.10
CA GLN A 78 -14.55 -7.02 7.46
C GLN A 78 -13.91 -8.22 8.18
N PRO A 79 -12.60 -8.17 8.51
CA PRO A 79 -11.70 -7.04 8.21
C PRO A 79 -11.77 -6.65 6.74
N ALA A 80 -12.16 -5.41 6.49
CA ALA A 80 -12.30 -4.95 5.13
C ALA A 80 -11.03 -5.15 4.32
N ARG A 81 -11.05 -6.15 3.45
CA ARG A 81 -9.89 -6.39 2.61
C ARG A 81 -9.64 -5.13 1.78
N TYR A 82 -8.41 -4.65 1.78
CA TYR A 82 -8.14 -3.42 1.04
C TYR A 82 -7.44 -3.66 -0.29
N SER A 83 -7.91 -2.96 -1.31
CA SER A 83 -7.35 -3.09 -2.64
C SER A 83 -7.25 -1.72 -3.31
N LEU A 84 -6.13 -1.49 -3.98
CA LEU A 84 -5.91 -0.22 -4.68
C LEU A 84 -7.00 0.06 -5.69
N THR A 85 -7.68 1.21 -5.56
CA THR A 85 -8.71 1.57 -6.51
C THR A 85 -8.07 2.35 -7.66
N PRO A 86 -8.84 2.80 -8.68
CA PRO A 86 -8.26 3.53 -9.82
C PRO A 86 -7.24 4.60 -9.42
N GLU A 87 -7.62 5.50 -8.53
CA GLU A 87 -6.72 6.56 -8.10
C GLU A 87 -5.52 5.98 -7.34
N GLY A 88 -5.79 5.06 -6.41
CA GLY A 88 -4.69 4.47 -5.67
C GLY A 88 -3.73 3.74 -6.57
N LEU A 89 -4.25 3.20 -7.66
CA LEU A 89 -3.43 2.46 -8.62
C LEU A 89 -2.50 3.43 -9.34
N GLU A 90 -3.09 4.49 -9.88
CA GLU A 90 -2.29 5.49 -10.59
C GLU A 90 -1.22 6.05 -9.69
N LEU A 91 -1.63 6.54 -8.53
CA LEU A 91 -0.69 7.10 -7.58
C LEU A 91 0.35 6.06 -7.20
N ALA A 92 -0.10 4.85 -6.90
CA ALA A 92 0.81 3.78 -6.51
C ALA A 92 1.93 3.61 -7.52
N GLN A 93 1.59 3.62 -8.81
CA GLN A 93 2.60 3.48 -9.84
C GLN A 93 3.65 4.57 -9.67
N LYS A 94 3.18 5.74 -9.25
CA LYS A 94 4.06 6.87 -9.02
C LYS A 94 4.90 6.66 -7.77
N LEU A 95 4.24 6.32 -6.67
CA LEU A 95 4.92 6.06 -5.41
C LEU A 95 5.96 4.96 -5.59
N ALA A 96 5.72 4.13 -6.59
CA ALA A 96 6.62 3.02 -6.88
C ALA A 96 7.88 3.48 -7.59
N GLU A 97 7.76 4.55 -8.38
CA GLU A 97 8.89 5.09 -9.11
C GLU A 97 10.04 5.38 -8.15
N SER A 98 9.70 5.98 -7.02
CA SER A 98 10.69 6.32 -6.01
C SER A 98 11.38 5.07 -5.45
N GLU A 99 10.67 3.95 -5.46
CA GLU A 99 11.22 2.70 -4.95
C GLU A 99 11.90 1.95 -6.09
N GLY A 100 11.87 2.53 -7.28
CA GLY A 100 12.46 1.86 -8.41
C GLY A 100 11.50 0.84 -8.97
N LEU A 101 10.32 0.78 -8.35
CA LEU A 101 9.27 -0.13 -8.75
C LEU A 101 9.73 -1.58 -8.61
N SER A 102 10.58 -1.82 -7.62
CA SER A 102 11.10 -3.15 -7.37
C SER A 102 10.26 -3.87 -6.33
N LEU A 103 8.94 -3.66 -6.37
CA LEU A 103 8.05 -4.29 -5.42
C LEU A 103 7.81 -5.75 -5.81
N LEU A 104 7.00 -5.95 -6.85
CA LEU A 104 6.71 -7.30 -7.33
C LEU A 104 7.98 -8.17 -7.33
N ASN A 105 8.96 -7.75 -8.12
CA ASN A 105 10.22 -8.49 -8.21
C ASN A 105 11.26 -7.92 -7.26
N VAL A 106 11.89 -8.78 -6.48
CA VAL A 106 12.91 -8.36 -5.53
C VAL A 106 14.13 -9.27 -5.58
N GLY A 107 14.04 -10.31 -6.41
CA GLY A 107 15.15 -11.25 -6.54
C GLY A 107 14.68 -12.67 -6.83
N ILE A 108 14.63 -13.49 -5.80
CA ILE A 108 14.20 -14.88 -5.95
C ILE A 108 12.69 -15.01 -5.75
N GLY A 109 12.14 -14.16 -4.90
CA GLY A 109 10.71 -14.19 -4.65
C GLY A 109 10.36 -13.70 -3.26
N GLY A 7 -5.42 20.66 -9.00
CA GLY A 7 -5.01 20.18 -7.64
C GLY A 7 -4.73 18.70 -7.62
N SER A 8 -3.46 18.34 -7.50
CA SER A 8 -3.05 16.94 -7.46
C SER A 8 -2.77 16.49 -6.03
N TYR A 9 -3.21 15.28 -5.70
CA TYR A 9 -3.00 14.73 -4.36
C TYR A 9 -1.70 13.94 -4.30
N TRP A 10 -0.79 14.37 -3.43
CA TRP A 10 0.49 13.70 -3.28
C TRP A 10 0.95 13.68 -1.82
N PRO A 11 0.78 12.54 -1.12
CA PRO A 11 1.17 12.41 0.29
C PRO A 11 2.67 12.59 0.48
N ALA A 12 3.11 12.61 1.74
CA ALA A 12 4.53 12.77 2.05
C ALA A 12 5.27 11.45 1.89
N ARG A 13 6.56 11.46 2.23
CA ARG A 13 7.39 10.27 2.11
C ARG A 13 7.11 9.29 3.24
N HIS A 14 7.28 7.99 2.95
CA HIS A 14 7.06 6.92 3.92
C HIS A 14 5.83 7.18 4.78
N SER A 15 4.85 7.89 4.23
CA SER A 15 3.62 8.19 4.95
C SER A 15 2.72 6.97 4.99
N GLY A 16 1.87 6.90 6.02
CA GLY A 16 0.96 5.77 6.15
C GLY A 16 0.15 5.51 4.89
N ALA A 17 -0.55 6.55 4.43
CA ALA A 17 -1.36 6.43 3.22
C ALA A 17 -0.51 6.05 2.00
N ARG A 18 0.75 6.48 2.01
CA ARG A 18 1.66 6.18 0.91
C ARG A 18 2.06 4.71 0.91
N VAL A 19 2.53 4.26 2.06
CA VAL A 19 2.98 2.89 2.21
C VAL A 19 1.88 1.89 1.89
N ILE A 20 0.63 2.25 2.18
CA ILE A 20 -0.48 1.33 1.93
C ILE A 20 -0.82 1.23 0.45
N LEU A 21 -1.06 2.36 -0.22
CA LEU A 21 -1.40 2.29 -1.64
C LEU A 21 -0.31 1.58 -2.46
N LEU A 22 0.95 1.83 -2.11
CA LEU A 22 2.06 1.24 -2.82
C LEU A 22 2.11 -0.27 -2.59
N VAL A 23 1.96 -0.63 -1.33
CA VAL A 23 2.00 -2.03 -0.94
C VAL A 23 0.84 -2.80 -1.56
N LEU A 24 -0.34 -2.19 -1.59
CA LEU A 24 -1.48 -2.86 -2.19
C LEU A 24 -1.22 -3.04 -3.67
N TYR A 25 -0.41 -2.13 -4.23
CA TYR A 25 -0.09 -2.18 -5.65
C TYR A 25 0.47 -3.53 -6.06
N ARG A 26 1.60 -3.92 -5.49
CA ARG A 26 2.20 -5.21 -5.85
C ARG A 26 1.24 -6.37 -5.60
N GLU A 27 0.67 -6.44 -4.41
CA GLU A 27 -0.26 -7.52 -4.12
C GLU A 27 -1.42 -7.51 -5.11
N HIS A 28 -1.75 -6.32 -5.62
CA HIS A 28 -2.84 -6.20 -6.57
C HIS A 28 -2.40 -6.71 -7.95
N LEU A 29 -1.13 -6.46 -8.28
CA LEU A 29 -0.59 -6.91 -9.56
C LEU A 29 -0.41 -8.41 -9.57
N ASN A 30 -0.92 -9.08 -8.54
CA ASN A 30 -0.83 -10.53 -8.43
C ASN A 30 -2.04 -11.22 -9.05
N PRO A 31 -1.86 -11.82 -10.25
CA PRO A 31 -2.94 -12.53 -10.95
C PRO A 31 -3.38 -13.77 -10.20
N ASN A 32 -2.44 -14.36 -9.47
CA ASN A 32 -2.74 -15.57 -8.73
C ASN A 32 -2.63 -15.32 -7.23
N GLY A 33 -2.90 -14.08 -6.82
CA GLY A 33 -2.81 -13.74 -5.42
C GLY A 33 -4.18 -13.52 -4.79
N HIS A 34 -4.42 -12.31 -4.31
CA HIS A 34 -5.70 -11.98 -3.69
C HIS A 34 -6.19 -10.61 -4.14
N HIS A 35 -5.29 -9.82 -4.73
CA HIS A 35 -5.63 -8.48 -5.21
C HIS A 35 -5.92 -7.55 -4.04
N PHE A 36 -5.48 -7.94 -2.85
CA PHE A 36 -5.70 -7.15 -1.64
C PHE A 36 -4.91 -7.70 -0.46
N LEU A 37 -5.08 -7.07 0.70
CA LEU A 37 -4.41 -7.48 1.92
C LEU A 37 -5.21 -7.06 3.13
N THR A 38 -5.05 -7.79 4.24
CA THR A 38 -5.76 -7.46 5.46
C THR A 38 -4.97 -6.47 6.30
N LYS A 39 -5.63 -5.83 7.26
CA LYS A 39 -4.99 -4.86 8.13
C LYS A 39 -3.75 -5.46 8.78
N GLU A 40 -3.87 -6.73 9.16
CA GLU A 40 -2.78 -7.44 9.82
C GLU A 40 -1.65 -7.78 8.85
N GLU A 41 -2.00 -8.02 7.58
CA GLU A 41 -1.00 -8.37 6.58
C GLU A 41 -0.14 -7.16 6.20
N LEU A 42 -0.73 -5.98 6.26
CA LEU A 42 0.01 -4.78 5.88
C LEU A 42 1.14 -4.48 6.87
N LEU A 43 0.94 -4.85 8.13
CA LEU A 43 1.94 -4.62 9.16
C LEU A 43 3.29 -5.18 8.74
N GLN A 44 3.28 -6.42 8.26
CA GLN A 44 4.53 -7.07 7.83
C GLN A 44 5.01 -6.48 6.50
N ARG A 45 4.06 -6.29 5.59
CA ARG A 45 4.35 -5.74 4.27
C ARG A 45 5.12 -4.43 4.38
N CYS A 46 4.63 -3.54 5.23
CA CYS A 46 5.26 -2.24 5.43
C CYS A 46 6.72 -2.39 5.78
N ALA A 47 7.06 -3.47 6.48
CA ALA A 47 8.43 -3.73 6.87
C ALA A 47 9.30 -4.04 5.66
N GLN A 48 8.69 -4.03 4.47
CA GLN A 48 9.45 -4.33 3.27
C GLN A 48 9.79 -3.02 2.55
N LYS A 49 8.90 -2.04 2.69
CA LYS A 49 9.07 -0.73 2.06
C LYS A 49 10.46 -0.18 2.33
N SER A 50 10.74 0.08 3.60
CA SER A 50 12.03 0.63 4.00
C SER A 50 12.56 -0.11 5.24
N PRO A 51 13.90 -0.24 5.35
CA PRO A 51 14.52 -0.93 6.49
C PRO A 51 14.03 -0.37 7.83
N ARG A 52 14.26 0.92 8.05
CA ARG A 52 13.83 1.57 9.28
C ARG A 52 12.56 2.37 9.04
N VAL A 53 11.41 1.71 9.24
CA VAL A 53 10.12 2.35 9.04
C VAL A 53 9.89 3.45 10.09
N ALA A 54 9.27 4.54 9.66
CA ALA A 54 8.99 5.66 10.55
C ALA A 54 8.03 5.25 11.67
N PRO A 55 8.08 5.94 12.81
CA PRO A 55 7.19 5.64 13.95
C PRO A 55 5.73 5.90 13.62
N GLY A 56 4.97 4.82 13.44
CA GLY A 56 3.56 4.96 13.12
C GLY A 56 2.98 3.68 12.54
N SER A 57 3.79 2.62 12.54
CA SER A 57 3.36 1.33 12.01
C SER A 57 2.39 0.65 12.96
N ALA A 58 2.68 0.75 14.26
CA ALA A 58 1.83 0.16 15.29
C ALA A 58 0.71 1.13 15.71
N PRO A 59 1.05 2.40 15.96
CA PRO A 59 0.07 3.43 16.37
C PRO A 59 -1.15 3.47 15.43
N PRO A 60 -2.18 4.27 15.79
CA PRO A 60 -3.39 4.42 14.99
C PRO A 60 -3.17 4.25 13.49
N TRP A 61 -3.65 3.14 12.96
CA TRP A 61 -3.52 2.87 11.54
C TRP A 61 -4.89 2.86 10.81
N PRO A 62 -6.02 3.20 11.48
CA PRO A 62 -7.32 3.25 10.79
C PRO A 62 -7.28 4.23 9.64
N ALA A 63 -6.12 4.85 9.46
CA ALA A 63 -5.89 5.81 8.39
C ALA A 63 -6.41 5.29 7.05
N LEU A 64 -6.58 3.98 6.95
CA LEU A 64 -7.10 3.36 5.75
C LEU A 64 -8.48 3.90 5.40
N ARG A 65 -9.38 3.87 6.39
CA ARG A 65 -10.74 4.35 6.20
C ARG A 65 -10.75 5.74 5.56
N SER A 66 -9.71 6.52 5.84
CA SER A 66 -9.60 7.86 5.28
C SER A 66 -9.42 7.78 3.76
N LEU A 67 -8.63 6.81 3.31
CA LEU A 67 -8.39 6.62 1.89
C LEU A 67 -9.59 6.01 1.19
N LEU A 68 -10.24 5.05 1.85
CA LEU A 68 -11.43 4.43 1.27
C LEU A 68 -12.42 5.52 0.88
N HIS A 69 -12.45 6.54 1.72
CA HIS A 69 -13.33 7.67 1.50
C HIS A 69 -12.90 8.44 0.25
N ARG A 70 -11.59 8.43 -0.01
CA ARG A 70 -11.05 9.10 -1.17
C ARG A 70 -11.19 8.23 -2.42
N ASN A 71 -11.63 6.99 -2.22
CA ASN A 71 -11.82 6.05 -3.32
C ASN A 71 -10.49 5.62 -3.93
N LEU A 72 -9.41 5.78 -3.17
CA LEU A 72 -8.08 5.39 -3.64
C LEU A 72 -7.83 3.93 -3.31
N VAL A 73 -8.63 3.43 -2.37
CA VAL A 73 -8.54 2.04 -1.95
C VAL A 73 -9.93 1.40 -1.93
N LEU A 74 -9.97 0.09 -1.74
CA LEU A 74 -11.24 -0.64 -1.70
C LEU A 74 -11.44 -1.32 -0.36
N ARG A 75 -12.64 -1.18 0.19
CA ARG A 75 -12.96 -1.79 1.49
C ARG A 75 -13.92 -2.97 1.31
N THR A 76 -13.84 -3.93 2.22
CA THR A 76 -14.70 -5.11 2.15
C THR A 76 -15.34 -5.46 3.49
N HIS A 77 -15.96 -6.62 3.49
CA HIS A 77 -16.69 -7.19 4.63
C HIS A 77 -16.23 -6.66 6.00
N GLN A 78 -14.92 -6.76 6.28
CA GLN A 78 -14.34 -6.28 7.56
C GLN A 78 -13.90 -7.46 8.43
N PRO A 79 -12.57 -7.63 8.71
CA PRO A 79 -11.49 -6.73 8.24
C PRO A 79 -11.60 -6.38 6.77
N ALA A 80 -11.84 -5.11 6.48
CA ALA A 80 -12.02 -4.66 5.13
C ALA A 80 -10.79 -4.90 4.28
N ARG A 81 -10.88 -5.89 3.40
CA ARG A 81 -9.78 -6.19 2.50
C ARG A 81 -9.54 -4.95 1.65
N TYR A 82 -8.30 -4.50 1.58
CA TYR A 82 -8.02 -3.29 0.82
C TYR A 82 -7.37 -3.57 -0.52
N SER A 83 -7.94 -2.96 -1.56
CA SER A 83 -7.43 -3.14 -2.91
C SER A 83 -7.32 -1.78 -3.61
N LEU A 84 -6.20 -1.55 -4.29
CA LEU A 84 -5.98 -0.29 -4.97
C LEU A 84 -7.08 0.01 -6.00
N THR A 85 -7.69 1.18 -5.88
CA THR A 85 -8.71 1.57 -6.85
C THR A 85 -8.03 2.34 -7.99
N PRO A 86 -8.76 2.82 -9.01
CA PRO A 86 -8.15 3.56 -10.13
C PRO A 86 -7.12 4.60 -9.69
N GLU A 87 -7.52 5.48 -8.78
CA GLU A 87 -6.61 6.52 -8.31
C GLU A 87 -5.43 5.93 -7.55
N GLY A 88 -5.71 4.98 -6.66
CA GLY A 88 -4.64 4.37 -5.89
C GLY A 88 -3.67 3.62 -6.80
N LEU A 89 -4.19 3.11 -7.90
CA LEU A 89 -3.37 2.36 -8.85
C LEU A 89 -2.39 3.31 -9.52
N GLU A 90 -2.92 4.42 -10.03
CA GLU A 90 -2.08 5.41 -10.70
C GLU A 90 -1.05 5.97 -9.74
N LEU A 91 -1.53 6.43 -8.58
CA LEU A 91 -0.65 6.99 -7.58
C LEU A 91 0.40 5.98 -7.17
N ALA A 92 -0.03 4.74 -6.94
CA ALA A 92 0.89 3.68 -6.53
C ALA A 92 2.06 3.56 -7.51
N GLN A 93 1.75 3.59 -8.81
CA GLN A 93 2.79 3.50 -9.81
C GLN A 93 3.81 4.61 -9.59
N LYS A 94 3.30 5.75 -9.13
CA LYS A 94 4.15 6.90 -8.85
C LYS A 94 4.99 6.66 -7.60
N LEU A 95 4.32 6.25 -6.52
CA LEU A 95 5.01 5.97 -5.28
C LEU A 95 6.08 4.89 -5.50
N ALA A 96 5.85 4.09 -6.52
CA ALA A 96 6.76 3.01 -6.87
C ALA A 96 8.01 3.52 -7.57
N GLU A 97 7.87 4.63 -8.28
CA GLU A 97 9.00 5.22 -8.99
C GLU A 97 10.16 5.45 -8.04
N SER A 98 9.82 5.96 -6.87
CA SER A 98 10.82 6.24 -5.84
C SER A 98 11.51 4.95 -5.39
N GLU A 99 10.79 3.83 -5.47
CA GLU A 99 11.34 2.55 -5.07
C GLU A 99 11.98 1.86 -6.27
N GLY A 100 11.91 2.51 -7.42
CA GLY A 100 12.44 1.92 -8.62
C GLY A 100 11.47 0.91 -9.20
N LEU A 101 10.32 0.82 -8.54
CA LEU A 101 9.26 -0.10 -8.96
C LEU A 101 9.76 -1.54 -8.92
N SER A 102 10.73 -1.79 -8.06
CA SER A 102 11.29 -3.13 -7.91
C SER A 102 10.59 -3.88 -6.77
N LEU A 103 9.30 -3.61 -6.60
CA LEU A 103 8.54 -4.27 -5.54
C LEU A 103 8.18 -5.69 -5.96
N LEU A 104 7.18 -5.81 -6.82
CA LEU A 104 6.75 -7.13 -7.29
C LEU A 104 7.60 -7.59 -8.47
N ASN A 105 7.80 -8.89 -8.58
CA ASN A 105 8.59 -9.48 -9.65
C ASN A 105 10.01 -8.91 -9.65
N VAL A 106 10.95 -9.67 -9.08
CA VAL A 106 12.34 -9.24 -9.02
C VAL A 106 13.28 -10.38 -9.37
N GLY A 107 12.77 -11.61 -9.30
CA GLY A 107 13.58 -12.77 -9.61
C GLY A 107 13.20 -13.98 -8.78
N ILE A 108 14.14 -14.46 -7.97
CA ILE A 108 13.90 -15.62 -7.11
C ILE A 108 14.00 -15.26 -5.64
N GLY A 109 13.76 -16.25 -4.78
CA GLY A 109 13.84 -16.01 -3.35
C GLY A 109 12.46 -15.94 -2.71
#